data_2EPP
#
_entry.id   2EPP
#
loop_
_entity.id
_entity.type
_entity.pdbx_description
1 polymer 'POZ-, AT hook-, and zinc finger-containing protein 1'
2 non-polymer 'ZINC ION'
#
_entity_poly.entity_id   1
_entity_poly.type   'polypeptide(L)'
_entity_poly.pdbx_seq_one_letter_code
;GSSGSSGLREAGILPCGLCGKVFTDANRLRQHEAQHGVTSLQLGYIDLPPPRLGENGLPISGPSSG
;
_entity_poly.pdbx_strand_id   A
#
# COMPACT_ATOMS: atom_id res chain seq x y z
N GLY A 1 35.67 -2.50 -12.81
CA GLY A 1 34.89 -1.36 -12.39
C GLY A 1 33.41 -1.63 -12.41
N SER A 2 32.76 -1.42 -11.27
CA SER A 2 31.32 -1.66 -11.15
C SER A 2 30.77 -1.01 -9.89
N SER A 3 29.48 -0.63 -9.94
CA SER A 3 28.83 0.01 -8.81
C SER A 3 28.49 -1.01 -7.73
N GLY A 4 28.00 -0.53 -6.60
CA GLY A 4 27.64 -1.42 -5.50
C GLY A 4 26.69 -0.76 -4.51
N SER A 5 27.22 -0.42 -3.34
CA SER A 5 26.40 0.21 -2.30
C SER A 5 27.14 1.39 -1.68
N SER A 6 27.50 2.36 -2.52
CA SER A 6 28.21 3.55 -2.06
C SER A 6 27.32 4.78 -2.15
N GLY A 7 26.91 5.30 -0.98
CA GLY A 7 26.07 6.47 -0.95
C GLY A 7 25.31 6.60 0.35
N LEU A 8 24.05 7.02 0.26
CA LEU A 8 23.21 7.18 1.44
C LEU A 8 21.85 6.54 1.24
N ARG A 9 21.05 6.49 2.30
CA ARG A 9 19.72 5.90 2.24
C ARG A 9 18.73 6.87 1.58
N GLU A 10 18.72 6.87 0.25
CA GLU A 10 17.83 7.75 -0.50
C GLU A 10 16.67 6.95 -1.09
N ALA A 11 15.57 6.88 -0.35
CA ALA A 11 14.39 6.16 -0.80
C ALA A 11 13.49 7.06 -1.66
N GLY A 12 12.79 7.98 -1.01
CA GLY A 12 11.91 8.88 -1.72
C GLY A 12 10.51 8.93 -1.12
N ILE A 13 10.19 10.03 -0.47
CA ILE A 13 8.88 10.20 0.16
C ILE A 13 7.85 10.69 -0.86
N LEU A 14 6.67 10.08 -0.83
CA LEU A 14 5.60 10.46 -1.74
C LEU A 14 4.23 10.20 -1.11
N PRO A 15 3.20 10.90 -1.62
CA PRO A 15 1.83 10.77 -1.12
C PRO A 15 1.22 9.42 -1.47
N CYS A 16 0.40 8.91 -0.56
CA CYS A 16 -0.25 7.61 -0.77
C CYS A 16 -0.97 7.59 -2.11
N GLY A 17 -0.52 6.69 -3.00
CA GLY A 17 -1.13 6.58 -4.31
C GLY A 17 -2.21 5.51 -4.35
N LEU A 18 -3.01 5.43 -3.28
CA LEU A 18 -4.09 4.46 -3.20
C LEU A 18 -5.39 5.13 -2.79
N CYS A 19 -5.32 6.03 -1.83
CA CYS A 19 -6.50 6.74 -1.35
C CYS A 19 -6.41 8.23 -1.70
N GLY A 20 -5.19 8.75 -1.77
CA GLY A 20 -5.00 10.15 -2.09
C GLY A 20 -4.50 10.96 -0.91
N LYS A 21 -3.93 10.27 0.07
CA LYS A 21 -3.40 10.93 1.27
C LYS A 21 -1.97 11.39 1.04
N VAL A 22 -1.48 12.26 1.92
CA VAL A 22 -0.12 12.77 1.82
C VAL A 22 0.66 12.51 3.10
N PHE A 23 1.88 12.02 2.96
CA PHE A 23 2.74 11.72 4.10
C PHE A 23 4.13 12.30 3.90
N THR A 24 4.84 12.52 5.01
CA THR A 24 6.19 13.08 4.96
C THR A 24 7.19 12.13 5.60
N ASP A 25 6.75 11.40 6.63
CA ASP A 25 7.61 10.46 7.32
C ASP A 25 7.46 9.06 6.75
N ALA A 26 8.57 8.50 6.26
CA ALA A 26 8.55 7.16 5.68
C ALA A 26 7.95 6.15 6.65
N ASN A 27 8.35 6.23 7.92
CA ASN A 27 7.86 5.33 8.94
C ASN A 27 6.36 5.50 9.13
N ARG A 28 5.89 6.75 9.06
CA ARG A 28 4.48 7.04 9.23
C ARG A 28 3.66 6.47 8.08
N LEU A 29 4.18 6.60 6.86
CA LEU A 29 3.50 6.09 5.67
C LEU A 29 3.55 4.56 5.63
N ARG A 30 4.57 3.99 6.25
CA ARG A 30 4.73 2.55 6.28
C ARG A 30 3.56 1.88 7.00
N GLN A 31 3.06 2.55 8.03
CA GLN A 31 1.93 2.03 8.81
C GLN A 31 0.63 2.19 8.04
N HIS A 32 0.46 3.33 7.39
CA HIS A 32 -0.75 3.61 6.63
C HIS A 32 -0.93 2.58 5.52
N GLU A 33 0.17 2.21 4.87
CA GLU A 33 0.13 1.23 3.80
C GLU A 33 -0.54 -0.06 4.25
N ALA A 34 -0.36 -0.39 5.53
CA ALA A 34 -0.95 -1.61 6.10
C ALA A 34 -2.46 -1.58 5.99
N GLN A 35 -3.05 -0.41 6.23
CA GLN A 35 -4.50 -0.26 6.16
C GLN A 35 -5.04 -0.76 4.81
N HIS A 36 -4.32 -0.46 3.75
CA HIS A 36 -4.73 -0.87 2.41
C HIS A 36 -4.36 -2.34 2.16
N GLY A 37 -3.14 -2.72 2.55
CA GLY A 37 -2.70 -4.08 2.37
C GLY A 37 -1.61 -4.19 1.31
N VAL A 38 -0.71 -3.22 1.29
CA VAL A 38 0.39 -3.22 0.32
C VAL A 38 1.29 -4.42 0.51
N THR A 39 1.11 -5.44 -0.34
CA THR A 39 1.91 -6.65 -0.26
C THR A 39 1.87 -7.25 1.14
N SER A 40 0.76 -7.04 1.84
CA SER A 40 0.60 -7.56 3.20
C SER A 40 -0.87 -7.75 3.53
N LEU A 41 -1.14 -8.56 4.55
CA LEU A 41 -2.51 -8.82 4.97
C LEU A 41 -2.73 -8.38 6.41
N GLN A 42 -3.14 -7.13 6.60
CA GLN A 42 -3.39 -6.60 7.93
C GLN A 42 -4.77 -6.99 8.43
N LEU A 43 -4.81 -7.81 9.49
CA LEU A 43 -6.06 -8.26 10.07
C LEU A 43 -6.15 -7.89 11.55
N GLY A 44 -7.23 -8.32 12.20
CA GLY A 44 -7.40 -8.02 13.60
C GLY A 44 -8.55 -7.06 13.85
N TYR A 45 -8.93 -6.31 12.82
CA TYR A 45 -10.02 -5.35 12.94
C TYR A 45 -11.37 -6.06 13.00
N ILE A 46 -12.41 -5.31 13.33
CA ILE A 46 -13.76 -5.86 13.43
C ILE A 46 -14.54 -5.64 12.13
N ASP A 47 -15.16 -6.70 11.65
CA ASP A 47 -15.94 -6.63 10.41
C ASP A 47 -17.13 -7.59 10.46
N LEU A 48 -18.29 -7.10 10.04
CA LEU A 48 -19.50 -7.92 10.03
C LEU A 48 -20.38 -7.59 8.83
N PRO A 49 -19.91 -7.99 7.63
CA PRO A 49 -20.64 -7.75 6.39
C PRO A 49 -21.91 -8.59 6.28
N PRO A 50 -22.76 -8.25 5.31
CA PRO A 50 -24.03 -8.95 5.08
C PRO A 50 -23.81 -10.37 4.54
N PRO A 51 -24.88 -11.18 4.54
CA PRO A 51 -24.83 -12.56 4.06
C PRO A 51 -24.66 -12.63 2.55
N ARG A 52 -24.06 -13.73 2.08
CA ARG A 52 -23.83 -13.93 0.65
C ARG A 52 -25.13 -13.77 -0.13
N LEU A 53 -25.01 -13.64 -1.45
CA LEU A 53 -26.17 -13.48 -2.31
C LEU A 53 -26.42 -14.74 -3.13
N GLY A 54 -27.31 -15.60 -2.64
CA GLY A 54 -27.62 -16.84 -3.33
C GLY A 54 -28.97 -17.38 -2.97
N GLU A 55 -29.44 -18.37 -3.73
CA GLU A 55 -30.74 -18.98 -3.48
C GLU A 55 -30.76 -20.43 -3.94
N ASN A 56 -31.85 -21.13 -3.62
CA ASN A 56 -31.99 -22.54 -4.00
C ASN A 56 -33.44 -22.96 -3.98
N GLY A 57 -33.76 -24.05 -4.69
CA GLY A 57 -35.12 -24.53 -4.74
C GLY A 57 -35.75 -24.37 -6.10
N LEU A 58 -35.14 -24.98 -7.11
CA LEU A 58 -35.64 -24.89 -8.48
C LEU A 58 -35.64 -26.26 -9.15
N PRO A 59 -36.44 -26.40 -10.21
CA PRO A 59 -36.54 -27.65 -10.97
C PRO A 59 -35.27 -27.95 -11.76
N ILE A 60 -35.33 -28.99 -12.59
CA ILE A 60 -34.19 -29.38 -13.40
C ILE A 60 -34.45 -29.12 -14.88
N SER A 61 -35.73 -29.17 -15.27
CA SER A 61 -36.12 -28.94 -16.66
C SER A 61 -36.56 -27.50 -16.86
N GLY A 62 -37.12 -26.90 -15.81
CA GLY A 62 -37.58 -25.53 -15.90
C GLY A 62 -38.94 -25.41 -16.54
N PRO A 63 -39.40 -24.16 -16.73
CA PRO A 63 -40.71 -23.91 -17.35
C PRO A 63 -40.73 -24.23 -18.83
N SER A 64 -41.86 -24.73 -19.30
CA SER A 64 -42.01 -25.11 -20.71
C SER A 64 -42.91 -24.11 -21.44
N SER A 65 -42.45 -22.86 -21.53
CA SER A 65 -43.20 -21.81 -22.20
C SER A 65 -42.39 -21.17 -23.32
N GLY A 66 -43.06 -20.73 -24.37
CA GLY A 66 -42.38 -20.10 -25.48
C GLY A 66 -43.23 -20.06 -26.74
N GLY A 1 4.30 13.91 -31.89
CA GLY A 1 5.48 13.17 -32.30
C GLY A 1 6.50 13.06 -31.18
N SER A 2 6.13 12.37 -30.10
CA SER A 2 7.02 12.19 -28.96
C SER A 2 6.80 10.83 -28.31
N SER A 3 7.83 10.35 -27.62
CA SER A 3 7.75 9.06 -26.94
C SER A 3 7.86 9.22 -25.44
N GLY A 4 8.74 10.12 -25.01
CA GLY A 4 8.93 10.37 -23.59
C GLY A 4 10.36 10.77 -23.25
N SER A 5 10.75 10.55 -22.01
CA SER A 5 12.10 10.89 -21.56
C SER A 5 12.63 9.86 -20.57
N SER A 6 13.94 9.72 -20.52
CA SER A 6 14.57 8.76 -19.62
C SER A 6 15.55 9.46 -18.67
N GLY A 7 15.01 10.34 -17.83
CA GLY A 7 15.84 11.06 -16.89
C GLY A 7 15.62 10.62 -15.46
N LEU A 8 16.55 10.99 -14.58
CA LEU A 8 16.44 10.62 -13.17
C LEU A 8 15.31 11.39 -12.49
N ARG A 9 14.97 10.97 -11.27
CA ARG A 9 13.90 11.61 -10.51
C ARG A 9 13.97 11.22 -9.04
N GLU A 10 13.42 12.08 -8.18
CA GLU A 10 13.43 11.82 -6.75
C GLU A 10 12.62 10.55 -6.42
N ALA A 11 13.29 9.57 -5.83
CA ALA A 11 12.65 8.32 -5.47
C ALA A 11 12.67 8.10 -3.96
N GLY A 12 11.97 8.96 -3.23
CA GLY A 12 11.94 8.86 -1.78
C GLY A 12 10.54 9.02 -1.23
N ILE A 13 10.30 10.14 -0.55
CA ILE A 13 8.99 10.41 0.03
C ILE A 13 7.98 10.82 -1.03
N LEU A 14 6.80 10.22 -0.97
CA LEU A 14 5.75 10.52 -1.95
C LEU A 14 4.37 10.34 -1.31
N PRO A 15 3.36 10.99 -1.91
CA PRO A 15 1.98 10.93 -1.43
C PRO A 15 1.35 9.56 -1.65
N CYS A 16 0.57 9.10 -0.68
CA CYS A 16 -0.08 7.80 -0.77
C CYS A 16 -0.86 7.68 -2.08
N GLY A 17 -0.36 6.83 -2.98
CA GLY A 17 -1.02 6.63 -4.26
C GLY A 17 -2.03 5.50 -4.22
N LEU A 18 -2.89 5.51 -3.21
CA LEU A 18 -3.91 4.47 -3.06
C LEU A 18 -5.26 5.09 -2.72
N CYS A 19 -5.25 6.05 -1.79
CA CYS A 19 -6.48 6.72 -1.38
C CYS A 19 -6.43 8.20 -1.72
N GLY A 20 -5.22 8.76 -1.79
CA GLY A 20 -5.05 10.16 -2.11
C GLY A 20 -4.54 10.97 -0.94
N LYS A 21 -3.93 10.28 0.03
CA LYS A 21 -3.39 10.94 1.20
C LYS A 21 -1.94 11.36 0.97
N VAL A 22 -1.41 12.17 1.89
CA VAL A 22 -0.05 12.65 1.79
C VAL A 22 0.72 12.41 3.10
N PHE A 23 1.94 11.89 2.97
CA PHE A 23 2.77 11.62 4.14
C PHE A 23 4.18 12.17 3.95
N THR A 24 4.92 12.26 5.04
CA THR A 24 6.28 12.79 4.99
C THR A 24 7.26 11.82 5.65
N ASP A 25 6.82 11.20 6.74
CA ASP A 25 7.66 10.25 7.46
C ASP A 25 7.53 8.85 6.88
N ALA A 26 8.63 8.32 6.35
CA ALA A 26 8.64 6.99 5.76
C ALA A 26 8.09 5.95 6.74
N ASN A 27 8.25 6.22 8.02
CA ASN A 27 7.77 5.31 9.06
C ASN A 27 6.28 5.49 9.29
N ARG A 28 5.79 6.71 9.07
CA ARG A 28 4.38 7.00 9.26
C ARG A 28 3.53 6.40 8.14
N LEU A 29 3.97 6.60 6.90
CA LEU A 29 3.26 6.07 5.74
C LEU A 29 3.21 4.54 5.78
N ARG A 30 4.22 3.94 6.40
CA ARG A 30 4.29 2.49 6.51
C ARG A 30 3.08 1.94 7.25
N GLN A 31 2.74 2.55 8.37
CA GLN A 31 1.60 2.11 9.16
C GLN A 31 0.29 2.36 8.41
N HIS A 32 0.28 3.39 7.58
CA HIS A 32 -0.90 3.73 6.79
C HIS A 32 -1.14 2.70 5.69
N GLU A 33 -0.09 2.40 4.93
CA GLU A 33 -0.18 1.43 3.85
C GLU A 33 -0.62 0.06 4.37
N ALA A 34 -0.28 -0.23 5.62
CA ALA A 34 -0.65 -1.49 6.24
C ALA A 34 -2.15 -1.76 6.11
N GLN A 35 -2.95 -0.70 6.24
CA GLN A 35 -4.39 -0.82 6.14
C GLN A 35 -4.82 -1.12 4.71
N HIS A 36 -4.09 -0.56 3.75
CA HIS A 36 -4.38 -0.78 2.34
C HIS A 36 -4.08 -2.21 1.93
N GLY A 37 -3.02 -2.78 2.52
CA GLY A 37 -2.64 -4.14 2.20
C GLY A 37 -1.34 -4.22 1.43
N VAL A 38 -0.35 -3.46 1.89
CA VAL A 38 0.96 -3.44 1.25
C VAL A 38 1.99 -4.23 2.06
N THR A 39 2.09 -3.92 3.34
CA THR A 39 3.03 -4.60 4.22
C THR A 39 2.81 -6.10 4.21
N SER A 40 3.89 -6.86 4.39
CA SER A 40 3.80 -8.32 4.40
C SER A 40 3.69 -8.85 5.82
N LEU A 41 4.34 -8.16 6.75
CA LEU A 41 4.32 -8.57 8.16
C LEU A 41 2.90 -8.55 8.70
N GLN A 42 2.20 -7.43 8.48
CA GLN A 42 0.83 -7.29 8.94
C GLN A 42 -0.16 -7.95 7.99
N LEU A 43 -1.35 -8.24 8.48
CA LEU A 43 -2.38 -8.88 7.67
C LEU A 43 -2.72 -8.03 6.44
N GLY A 44 -2.73 -8.67 5.28
CA GLY A 44 -3.03 -7.96 4.04
C GLY A 44 -2.99 -8.86 2.83
N TYR A 45 -1.78 -9.24 2.42
CA TYR A 45 -1.61 -10.11 1.26
C TYR A 45 -1.28 -11.54 1.70
N ILE A 46 -1.32 -12.45 0.73
CA ILE A 46 -1.03 -13.86 1.01
C ILE A 46 0.39 -14.03 1.53
N ASP A 47 0.75 -15.27 1.85
CA ASP A 47 2.08 -15.58 2.35
C ASP A 47 2.66 -16.80 1.66
N LEU A 48 3.98 -16.89 1.62
CA LEU A 48 4.67 -18.01 0.98
C LEU A 48 4.20 -18.18 -0.46
N PRO A 49 4.66 -17.27 -1.33
CA PRO A 49 4.31 -17.30 -2.76
C PRO A 49 4.95 -18.46 -3.49
N PRO A 50 4.49 -18.72 -4.73
CA PRO A 50 5.02 -19.81 -5.56
C PRO A 50 6.43 -19.55 -6.04
N PRO A 51 7.09 -20.59 -6.59
CA PRO A 51 8.45 -20.50 -7.09
C PRO A 51 8.55 -19.64 -8.36
N ARG A 52 9.03 -18.42 -8.20
CA ARG A 52 9.17 -17.51 -9.34
C ARG A 52 10.59 -17.54 -9.89
N LEU A 53 10.81 -18.38 -10.89
CA LEU A 53 12.12 -18.51 -11.52
C LEU A 53 12.66 -17.15 -11.94
N GLY A 54 13.98 -17.06 -12.06
CA GLY A 54 14.60 -15.80 -12.47
C GLY A 54 15.90 -15.54 -11.75
N GLU A 55 15.95 -14.45 -10.99
CA GLU A 55 17.15 -14.08 -10.25
C GLU A 55 16.80 -13.65 -8.82
N ASN A 56 17.52 -14.19 -7.85
CA ASN A 56 17.28 -13.86 -6.45
C ASN A 56 18.47 -14.28 -5.58
N GLY A 57 19.12 -13.29 -4.97
CA GLY A 57 20.26 -13.57 -4.13
C GLY A 57 20.50 -12.50 -3.08
N LEU A 58 20.93 -12.90 -1.90
CA LEU A 58 21.19 -11.96 -0.81
C LEU A 58 22.68 -11.83 -0.55
N PRO A 59 23.08 -10.73 0.09
CA PRO A 59 24.48 -10.45 0.42
C PRO A 59 25.01 -11.38 1.50
N ILE A 60 25.73 -12.42 1.09
CA ILE A 60 26.29 -13.38 2.01
C ILE A 60 27.82 -13.32 2.02
N SER A 61 28.37 -12.50 2.90
CA SER A 61 29.82 -12.35 3.00
C SER A 61 30.21 -11.67 4.31
N GLY A 62 31.51 -11.69 4.61
CA GLY A 62 31.99 -11.07 5.84
C GLY A 62 33.50 -11.07 5.93
N PRO A 63 34.16 -10.29 5.07
CA PRO A 63 35.62 -10.19 5.05
C PRO A 63 36.17 -9.48 6.27
N SER A 64 36.82 -10.25 7.16
CA SER A 64 37.39 -9.69 8.38
C SER A 64 38.78 -10.27 8.64
N SER A 65 39.73 -9.40 8.97
CA SER A 65 41.10 -9.81 9.23
C SER A 65 41.35 -9.90 10.74
N GLY A 66 40.89 -8.89 11.47
CA GLY A 66 41.09 -8.86 12.91
C GLY A 66 39.93 -8.21 13.63
N GLY A 1 14.10 33.81 -26.83
CA GLY A 1 13.25 34.15 -25.70
C GLY A 1 13.72 33.53 -24.41
N SER A 2 12.78 33.13 -23.56
CA SER A 2 13.10 32.52 -22.28
C SER A 2 11.94 31.67 -21.76
N SER A 3 12.22 30.39 -21.52
CA SER A 3 11.19 29.48 -21.03
C SER A 3 11.47 29.07 -19.59
N GLY A 4 10.45 29.15 -18.74
CA GLY A 4 10.60 28.79 -17.35
C GLY A 4 10.67 27.29 -17.14
N SER A 5 11.90 26.76 -17.05
CA SER A 5 12.10 25.34 -16.86
C SER A 5 11.81 24.94 -15.41
N SER A 6 11.65 23.63 -15.18
CA SER A 6 11.37 23.12 -13.84
C SER A 6 12.56 22.33 -13.31
N GLY A 7 13.29 22.93 -12.37
CA GLY A 7 14.44 22.28 -11.80
C GLY A 7 14.17 21.74 -10.41
N LEU A 8 12.97 21.18 -10.22
CA LEU A 8 12.59 20.62 -8.93
C LEU A 8 12.14 19.17 -9.07
N ARG A 9 12.20 18.43 -7.97
CA ARG A 9 11.80 17.02 -7.97
C ARG A 9 11.65 16.50 -6.54
N GLU A 10 10.80 15.50 -6.37
CA GLU A 10 10.57 14.92 -5.06
C GLU A 10 10.91 13.43 -5.06
N ALA A 11 12.17 13.12 -4.74
CA ALA A 11 12.63 11.73 -4.71
C ALA A 11 12.56 11.17 -3.29
N GLY A 12 12.24 9.88 -3.20
CA GLY A 12 12.14 9.24 -1.89
C GLY A 12 10.72 9.20 -1.37
N ILE A 13 10.37 10.15 -0.52
CA ILE A 13 9.03 10.22 0.05
C ILE A 13 8.01 10.66 -0.99
N LEU A 14 6.82 10.07 -0.94
CA LEU A 14 5.75 10.40 -1.88
C LEU A 14 4.38 10.21 -1.24
N PRO A 15 3.37 10.88 -1.80
CA PRO A 15 1.99 10.80 -1.30
C PRO A 15 1.36 9.44 -1.56
N CYS A 16 0.53 8.98 -0.62
CA CYS A 16 -0.13 7.69 -0.75
C CYS A 16 -0.87 7.59 -2.08
N GLY A 17 -0.42 6.68 -2.94
CA GLY A 17 -1.05 6.50 -4.23
C GLY A 17 -2.12 5.42 -4.21
N LEU A 18 -2.94 5.43 -3.17
CA LEU A 18 -4.01 4.45 -3.03
C LEU A 18 -5.34 5.13 -2.67
N CYS A 19 -5.26 6.12 -1.79
CA CYS A 19 -6.46 6.85 -1.37
C CYS A 19 -6.37 8.31 -1.80
N GLY A 20 -5.15 8.83 -1.88
CA GLY A 20 -4.96 10.21 -2.27
C GLY A 20 -4.46 11.08 -1.13
N LYS A 21 -3.89 10.45 -0.11
CA LYS A 21 -3.36 11.17 1.05
C LYS A 21 -1.91 11.57 0.82
N VAL A 22 -1.34 12.25 1.81
CA VAL A 22 0.05 12.69 1.73
C VAL A 22 0.79 12.45 3.05
N PHE A 23 2.00 11.93 2.96
CA PHE A 23 2.81 11.64 4.14
C PHE A 23 4.23 12.18 3.97
N THR A 24 4.92 12.36 5.09
CA THR A 24 6.28 12.87 5.08
C THR A 24 7.25 11.90 5.75
N ASP A 25 6.76 11.23 6.79
CA ASP A 25 7.59 10.26 7.51
C ASP A 25 7.43 8.86 6.93
N ALA A 26 8.52 8.32 6.40
CA ALA A 26 8.50 6.99 5.81
C ALA A 26 7.90 5.97 6.77
N ASN A 27 8.13 6.18 8.07
CA ASN A 27 7.61 5.27 9.08
C ASN A 27 6.11 5.43 9.24
N ARG A 28 5.64 6.68 9.13
CA ARG A 28 4.21 6.96 9.27
C ARG A 28 3.43 6.37 8.10
N LEU A 29 3.95 6.55 6.89
CA LEU A 29 3.30 6.03 5.69
C LEU A 29 3.33 4.52 5.67
N ARG A 30 4.36 3.94 6.28
CA ARG A 30 4.49 2.48 6.34
C ARG A 30 3.31 1.85 7.05
N GLN A 31 2.87 2.48 8.13
CA GLN A 31 1.75 1.97 8.91
C GLN A 31 0.43 2.27 8.22
N HIS A 32 0.40 3.35 7.45
CA HIS A 32 -0.80 3.75 6.72
C HIS A 32 -1.13 2.75 5.62
N GLU A 33 -0.09 2.27 4.93
CA GLU A 33 -0.27 1.31 3.85
C GLU A 33 -0.67 -0.06 4.40
N ALA A 34 -0.26 -0.33 5.64
CA ALA A 34 -0.58 -1.60 6.29
C ALA A 34 -2.09 -1.86 6.29
N GLN A 35 -2.86 -0.78 6.34
CA GLN A 35 -4.31 -0.89 6.36
C GLN A 35 -4.85 -1.17 4.96
N HIS A 36 -4.30 -0.49 3.96
CA HIS A 36 -4.73 -0.67 2.58
C HIS A 36 -4.58 -2.12 2.15
N GLY A 37 -3.52 -2.78 2.63
CA GLY A 37 -3.29 -4.16 2.30
C GLY A 37 -2.08 -4.35 1.42
N VAL A 38 -1.18 -3.37 1.43
CA VAL A 38 0.03 -3.43 0.63
C VAL A 38 0.97 -4.52 1.12
N THR A 39 1.65 -5.19 0.19
CA THR A 39 2.57 -6.26 0.52
C THR A 39 3.62 -5.79 1.52
N SER A 40 3.52 -6.28 2.76
CA SER A 40 4.46 -5.90 3.81
C SER A 40 4.54 -6.99 4.88
N LEU A 41 5.48 -6.84 5.79
CA LEU A 41 5.67 -7.80 6.87
C LEU A 41 5.46 -7.15 8.23
N GLN A 42 4.36 -6.43 8.38
CA GLN A 42 4.06 -5.75 9.63
C GLN A 42 3.09 -6.59 10.47
N LEU A 43 3.02 -6.27 11.76
CA LEU A 43 2.14 -6.99 12.68
C LEU A 43 1.11 -6.05 13.29
N GLY A 44 0.12 -6.62 13.97
CA GLY A 44 -0.92 -5.82 14.60
C GLY A 44 -2.19 -6.60 14.83
N TYR A 45 -3.00 -6.72 13.79
CA TYR A 45 -4.27 -7.43 13.87
C TYR A 45 -4.16 -8.80 13.21
N ILE A 46 -5.14 -9.66 13.49
CA ILE A 46 -5.15 -11.01 12.92
C ILE A 46 -5.98 -11.04 11.64
N ASP A 47 -5.56 -11.86 10.68
CA ASP A 47 -6.26 -12.00 9.42
C ASP A 47 -6.63 -13.46 9.15
N LEU A 48 -7.54 -13.68 8.22
CA LEU A 48 -7.99 -15.02 7.86
C LEU A 48 -7.76 -15.30 6.39
N PRO A 49 -7.72 -16.59 6.03
CA PRO A 49 -7.51 -17.02 4.64
C PRO A 49 -8.71 -16.72 3.75
N PRO A 50 -8.52 -16.83 2.43
CA PRO A 50 -9.58 -16.58 1.45
C PRO A 50 -10.68 -17.63 1.49
N PRO A 51 -11.79 -17.35 0.81
CA PRO A 51 -12.94 -18.26 0.76
C PRO A 51 -12.65 -19.51 -0.08
N ARG A 52 -12.49 -20.64 0.61
CA ARG A 52 -12.21 -21.90 -0.07
C ARG A 52 -13.14 -23.00 0.41
N LEU A 53 -13.26 -24.05 -0.39
CA LEU A 53 -14.13 -25.18 -0.05
C LEU A 53 -13.55 -26.50 -0.55
N GLY A 54 -13.65 -27.53 0.28
CA GLY A 54 -13.12 -28.84 -0.11
C GLY A 54 -12.92 -29.74 1.09
N GLU A 55 -12.12 -29.28 2.05
CA GLU A 55 -11.85 -30.06 3.26
C GLU A 55 -12.48 -29.42 4.48
N ASN A 56 -13.46 -30.12 5.07
CA ASN A 56 -14.16 -29.61 6.24
C ASN A 56 -14.51 -30.76 7.19
N GLY A 57 -15.12 -30.42 8.32
CA GLY A 57 -15.50 -31.43 9.29
C GLY A 57 -16.72 -32.23 8.85
N LEU A 58 -17.88 -31.59 8.85
CA LEU A 58 -19.11 -32.26 8.44
C LEU A 58 -20.00 -31.32 7.62
N PRO A 59 -20.93 -31.90 6.85
CA PRO A 59 -21.85 -31.13 6.00
C PRO A 59 -22.88 -30.36 6.83
N ILE A 60 -23.68 -29.55 6.15
CA ILE A 60 -24.70 -28.77 6.81
C ILE A 60 -26.01 -29.54 6.94
N SER A 61 -26.62 -29.48 8.12
CA SER A 61 -27.87 -30.18 8.38
C SER A 61 -29.03 -29.49 7.69
N GLY A 62 -29.92 -30.28 7.09
CA GLY A 62 -31.07 -29.72 6.40
C GLY A 62 -32.26 -29.54 7.31
N PRO A 63 -33.41 -29.17 6.72
CA PRO A 63 -34.65 -28.96 7.48
C PRO A 63 -35.23 -30.26 8.04
N SER A 64 -35.17 -30.41 9.35
CA SER A 64 -35.68 -31.61 10.01
C SER A 64 -37.18 -31.49 10.27
N SER A 65 -37.76 -32.54 10.84
CA SER A 65 -39.19 -32.56 11.14
C SER A 65 -39.55 -31.40 12.08
N GLY A 66 -40.36 -30.47 11.58
CA GLY A 66 -40.76 -29.34 12.38
C GLY A 66 -41.76 -28.45 11.67
N GLY A 1 -13.12 12.20 -21.93
CA GLY A 1 -11.70 12.46 -22.09
C GLY A 1 -10.84 11.38 -21.46
N SER A 2 -9.52 11.55 -21.53
CA SER A 2 -8.60 10.58 -20.97
C SER A 2 -7.17 11.14 -20.97
N SER A 3 -6.66 11.42 -19.76
CA SER A 3 -5.31 11.95 -19.61
C SER A 3 -4.67 11.46 -18.33
N GLY A 4 -3.39 11.80 -18.14
CA GLY A 4 -2.68 11.37 -16.95
C GLY A 4 -1.63 12.37 -16.52
N SER A 5 -0.48 11.86 -16.10
CA SER A 5 0.62 12.71 -15.66
C SER A 5 1.97 12.13 -16.08
N SER A 6 3.02 12.93 -15.96
CA SER A 6 4.36 12.50 -16.33
C SER A 6 5.35 12.75 -15.20
N GLY A 7 6.59 12.35 -15.41
CA GLY A 7 7.61 12.53 -14.39
C GLY A 7 7.69 11.38 -13.42
N LEU A 8 7.37 11.64 -12.16
CA LEU A 8 7.40 10.61 -11.12
C LEU A 8 8.76 9.92 -11.09
N ARG A 9 9.83 10.71 -11.07
CA ARG A 9 11.18 10.17 -11.05
C ARG A 9 11.85 10.45 -9.69
N GLU A 10 11.04 10.54 -8.64
CA GLU A 10 11.54 10.80 -7.31
C GLU A 10 11.66 9.51 -6.51
N ALA A 11 12.89 9.16 -6.12
CA ALA A 11 13.13 7.95 -5.36
C ALA A 11 13.18 8.25 -3.86
N GLY A 12 12.04 8.62 -3.29
CA GLY A 12 11.96 8.93 -1.88
C GLY A 12 10.54 9.00 -1.37
N ILE A 13 10.29 9.90 -0.42
CA ILE A 13 8.97 10.07 0.16
C ILE A 13 7.97 10.55 -0.90
N LEU A 14 6.77 9.99 -0.87
CA LEU A 14 5.73 10.36 -1.82
C LEU A 14 4.34 10.18 -1.20
N PRO A 15 3.35 10.89 -1.76
CA PRO A 15 1.97 10.83 -1.29
C PRO A 15 1.31 9.49 -1.58
N CYS A 16 0.50 9.02 -0.65
CA CYS A 16 -0.20 7.73 -0.81
C CYS A 16 -0.95 7.69 -2.14
N GLY A 17 -0.52 6.81 -3.04
CA GLY A 17 -1.16 6.68 -4.32
C GLY A 17 -2.23 5.61 -4.34
N LEU A 18 -2.90 5.42 -3.21
CA LEU A 18 -3.95 4.42 -3.09
C LEU A 18 -5.29 5.08 -2.73
N CYS A 19 -5.25 6.06 -1.84
CA CYS A 19 -6.46 6.76 -1.42
C CYS A 19 -6.39 8.24 -1.81
N GLY A 20 -5.18 8.79 -1.79
CA GLY A 20 -5.01 10.19 -2.15
C GLY A 20 -4.50 11.03 -1.00
N LYS A 21 -3.91 10.36 -0.01
CA LYS A 21 -3.38 11.06 1.17
C LYS A 21 -1.93 11.48 0.94
N VAL A 22 -1.41 12.28 1.87
CA VAL A 22 -0.03 12.75 1.78
C VAL A 22 0.71 12.54 3.09
N PHE A 23 1.95 12.06 2.99
CA PHE A 23 2.77 11.82 4.17
C PHE A 23 4.19 12.34 3.97
N THR A 24 4.90 12.52 5.07
CA THR A 24 6.27 13.02 5.02
C THR A 24 7.24 12.03 5.66
N ASP A 25 6.81 11.41 6.75
CA ASP A 25 7.64 10.44 7.47
C ASP A 25 7.45 9.04 6.88
N ALA A 26 8.55 8.42 6.49
CA ALA A 26 8.50 7.07 5.92
C ALA A 26 7.79 6.10 6.85
N ASN A 27 8.21 6.08 8.10
CA ASN A 27 7.61 5.19 9.11
C ASN A 27 6.11 5.45 9.21
N ARG A 28 5.73 6.72 9.24
CA ARG A 28 4.33 7.10 9.34
C ARG A 28 3.52 6.48 8.21
N LEU A 29 3.96 6.70 6.98
CA LEU A 29 3.27 6.16 5.80
C LEU A 29 3.32 4.63 5.80
N ARG A 30 4.38 4.08 6.38
CA ARG A 30 4.54 2.63 6.44
C ARG A 30 3.32 1.97 7.08
N GLN A 31 2.95 2.44 8.27
CA GLN A 31 1.79 1.90 8.98
C GLN A 31 0.51 2.11 8.18
N HIS A 32 0.40 3.26 7.53
CA HIS A 32 -0.77 3.58 6.72
C HIS A 32 -0.96 2.56 5.60
N GLU A 33 0.15 2.21 4.95
CA GLU A 33 0.10 1.24 3.85
C GLU A 33 -0.52 -0.08 4.30
N ALA A 34 -0.15 -0.51 5.51
CA ALA A 34 -0.68 -1.75 6.06
C ALA A 34 -2.21 -1.76 6.05
N GLN A 35 -2.79 -0.57 6.16
CA GLN A 35 -4.25 -0.45 6.16
C GLN A 35 -4.84 -0.90 4.83
N HIS A 36 -4.23 -0.48 3.74
CA HIS A 36 -4.69 -0.84 2.40
C HIS A 36 -4.39 -2.30 2.11
N GLY A 37 -3.25 -2.79 2.60
CA GLY A 37 -2.87 -4.16 2.38
C GLY A 37 -1.69 -4.29 1.43
N VAL A 38 -0.81 -3.29 1.45
CA VAL A 38 0.36 -3.30 0.58
C VAL A 38 1.21 -4.55 0.80
N THR A 39 1.66 -5.16 -0.28
CA THR A 39 2.48 -6.36 -0.20
C THR A 39 3.78 -6.09 0.56
N SER A 40 3.82 -6.54 1.82
CA SER A 40 4.99 -6.34 2.65
C SER A 40 5.02 -7.35 3.80
N LEU A 41 6.16 -7.47 4.46
CA LEU A 41 6.32 -8.38 5.57
C LEU A 41 5.32 -8.06 6.69
N GLN A 42 5.10 -6.77 6.92
CA GLN A 42 4.18 -6.32 7.95
C GLN A 42 2.81 -6.97 7.78
N LEU A 43 2.48 -7.89 8.69
CA LEU A 43 1.20 -8.58 8.65
C LEU A 43 0.16 -7.89 9.52
N GLY A 44 -0.87 -7.33 8.89
CA GLY A 44 -1.91 -6.64 9.64
C GLY A 44 -2.92 -7.61 10.22
N TYR A 45 -4.07 -7.72 9.56
CA TYR A 45 -5.13 -8.61 10.02
C TYR A 45 -5.59 -9.53 8.90
N ILE A 46 -5.82 -8.96 7.72
CA ILE A 46 -6.26 -9.73 6.57
C ILE A 46 -5.70 -9.15 5.27
N ASP A 47 -5.11 -10.02 4.46
CA ASP A 47 -4.53 -9.60 3.18
C ASP A 47 -5.61 -9.50 2.11
N LEU A 48 -6.02 -8.28 1.80
CA LEU A 48 -7.04 -8.04 0.79
C LEU A 48 -6.44 -8.09 -0.61
N PRO A 49 -7.30 -8.32 -1.62
CA PRO A 49 -6.88 -8.39 -3.01
C PRO A 49 -6.45 -7.04 -3.57
N PRO A 50 -5.82 -7.05 -4.75
CA PRO A 50 -5.34 -5.83 -5.41
C PRO A 50 -6.49 -4.97 -5.93
N PRO A 51 -6.17 -3.73 -6.31
CA PRO A 51 -7.15 -2.78 -6.83
C PRO A 51 -7.66 -3.18 -8.21
N ARG A 52 -8.69 -2.47 -8.67
CA ARG A 52 -9.28 -2.75 -9.98
C ARG A 52 -8.72 -1.81 -11.04
N LEU A 53 -8.41 -2.36 -12.22
CA LEU A 53 -7.86 -1.57 -13.31
C LEU A 53 -8.64 -1.82 -14.60
N GLY A 54 -8.33 -1.04 -15.63
CA GLY A 54 -9.01 -1.19 -16.91
C GLY A 54 -8.27 -0.50 -18.05
N GLU A 55 -8.10 0.81 -17.93
CA GLU A 55 -7.40 1.57 -18.95
C GLU A 55 -6.21 2.32 -18.37
N ASN A 56 -5.02 1.74 -18.51
CA ASN A 56 -3.81 2.36 -17.99
C ASN A 56 -2.57 1.57 -18.42
N GLY A 57 -1.48 2.28 -18.68
CA GLY A 57 -0.25 1.63 -19.09
C GLY A 57 0.59 1.17 -17.91
N LEU A 58 0.98 -0.10 -17.92
CA LEU A 58 1.79 -0.65 -16.85
C LEU A 58 3.26 -0.68 -17.23
N PRO A 59 4.13 -0.76 -16.22
CA PRO A 59 5.59 -0.80 -16.43
C PRO A 59 6.05 -2.11 -17.06
N ILE A 60 6.94 -2.02 -18.03
CA ILE A 60 7.46 -3.21 -18.71
C ILE A 60 8.40 -3.99 -17.80
N SER A 61 9.56 -3.41 -17.51
CA SER A 61 10.54 -4.06 -16.65
C SER A 61 10.12 -3.98 -15.19
N GLY A 62 10.84 -4.71 -14.33
CA GLY A 62 10.52 -4.70 -12.91
C GLY A 62 11.75 -4.49 -12.05
N PRO A 63 11.56 -4.55 -10.71
CA PRO A 63 12.65 -4.37 -9.75
C PRO A 63 13.63 -5.54 -9.76
N SER A 64 14.91 -5.22 -9.94
CA SER A 64 15.95 -6.26 -9.98
C SER A 64 16.11 -6.90 -8.60
N SER A 65 15.83 -8.19 -8.53
CA SER A 65 15.95 -8.93 -7.27
C SER A 65 17.28 -9.67 -7.20
N GLY A 66 17.74 -10.15 -8.35
CA GLY A 66 19.00 -10.88 -8.39
C GLY A 66 19.03 -12.06 -7.44
N GLY A 1 20.51 -1.35 -33.05
CA GLY A 1 19.86 -0.75 -31.90
C GLY A 1 19.53 0.72 -32.11
N SER A 2 18.72 1.00 -33.12
CA SER A 2 18.33 2.37 -33.44
C SER A 2 17.56 2.99 -32.28
N SER A 3 16.89 2.15 -31.50
CA SER A 3 16.12 2.62 -30.35
C SER A 3 16.52 1.87 -29.07
N GLY A 4 16.43 2.56 -27.94
CA GLY A 4 16.78 1.96 -26.68
C GLY A 4 17.29 2.98 -25.68
N SER A 5 16.41 3.85 -25.21
CA SER A 5 16.78 4.88 -24.25
C SER A 5 16.37 4.48 -22.84
N SER A 6 17.13 4.93 -21.85
CA SER A 6 16.85 4.61 -20.46
C SER A 6 16.87 5.88 -19.60
N GLY A 7 15.84 6.03 -18.78
CA GLY A 7 15.74 7.19 -17.91
C GLY A 7 15.32 6.84 -16.50
N LEU A 8 16.27 6.84 -15.57
CA LEU A 8 15.99 6.52 -14.18
C LEU A 8 15.35 7.71 -13.47
N ARG A 9 14.64 7.43 -12.38
CA ARG A 9 13.99 8.47 -11.60
C ARG A 9 14.31 8.32 -10.11
N GLU A 10 14.60 9.45 -9.46
CA GLU A 10 14.91 9.44 -8.04
C GLU A 10 13.79 8.80 -7.23
N ALA A 11 14.10 8.41 -6.00
CA ALA A 11 13.12 7.79 -5.13
C ALA A 11 13.23 8.33 -3.70
N GLY A 12 12.08 8.55 -3.07
CA GLY A 12 12.08 9.07 -1.71
C GLY A 12 10.70 9.03 -1.08
N ILE A 13 10.25 10.18 -0.58
CA ILE A 13 8.94 10.28 0.04
C ILE A 13 7.89 10.73 -0.95
N LEU A 14 6.71 10.11 -0.90
CA LEU A 14 5.62 10.45 -1.80
C LEU A 14 4.27 10.21 -1.14
N PRO A 15 3.22 10.88 -1.64
CA PRO A 15 1.87 10.75 -1.12
C PRO A 15 1.25 9.39 -1.41
N CYS A 16 0.42 8.90 -0.49
CA CYS A 16 -0.23 7.61 -0.66
C CYS A 16 -0.93 7.52 -2.01
N GLY A 17 -0.47 6.59 -2.85
CA GLY A 17 -1.08 6.43 -4.16
C GLY A 17 -2.16 5.37 -4.17
N LEU A 18 -2.90 5.27 -3.07
CA LEU A 18 -3.97 4.30 -2.96
C LEU A 18 -5.30 4.97 -2.65
N CYS A 19 -5.25 5.98 -1.78
CA CYS A 19 -6.45 6.72 -1.39
C CYS A 19 -6.34 8.18 -1.80
N GLY A 20 -5.11 8.69 -1.86
CA GLY A 20 -4.89 10.06 -2.24
C GLY A 20 -4.42 10.92 -1.08
N LYS A 21 -3.88 10.27 -0.05
CA LYS A 21 -3.39 10.98 1.13
C LYS A 21 -1.95 11.42 0.93
N VAL A 22 -1.47 12.26 1.84
CA VAL A 22 -0.09 12.77 1.77
C VAL A 22 0.64 12.54 3.08
N PHE A 23 1.87 12.06 2.99
CA PHE A 23 2.69 11.80 4.17
C PHE A 23 4.08 12.40 4.01
N THR A 24 4.87 12.33 5.09
CA THR A 24 6.22 12.87 5.07
C THR A 24 7.21 11.89 5.70
N ASP A 25 6.82 11.32 6.83
CA ASP A 25 7.66 10.37 7.55
C ASP A 25 7.51 8.96 6.95
N ALA A 26 8.61 8.41 6.46
CA ALA A 26 8.60 7.08 5.87
C ALA A 26 7.98 6.06 6.82
N ASN A 27 8.37 6.13 8.09
CA ASN A 27 7.84 5.21 9.10
C ASN A 27 6.35 5.45 9.31
N ARG A 28 5.92 6.69 9.15
CA ARG A 28 4.51 7.04 9.32
C ARG A 28 3.66 6.46 8.21
N LEU A 29 4.08 6.68 6.97
CA LEU A 29 3.36 6.17 5.81
C LEU A 29 3.41 4.65 5.75
N ARG A 30 4.48 4.08 6.29
CA ARG A 30 4.65 2.64 6.31
C ARG A 30 3.47 1.96 7.00
N GLN A 31 2.99 2.57 8.08
CA GLN A 31 1.87 2.03 8.84
C GLN A 31 0.56 2.23 8.09
N HIS A 32 0.45 3.36 7.39
CA HIS A 32 -0.75 3.67 6.62
C HIS A 32 -0.96 2.68 5.50
N GLU A 33 0.14 2.31 4.83
CA GLU A 33 0.07 1.36 3.72
C GLU A 33 -0.55 0.04 4.17
N ALA A 34 -0.36 -0.29 5.44
CA ALA A 34 -0.91 -1.52 6.00
C ALA A 34 -2.42 -1.53 5.94
N GLN A 35 -3.03 -0.36 6.09
CA GLN A 35 -4.48 -0.24 6.05
C GLN A 35 -5.04 -0.83 4.76
N HIS A 36 -4.49 -0.40 3.63
CA HIS A 36 -4.95 -0.89 2.33
C HIS A 36 -4.52 -2.35 2.13
N GLY A 37 -3.31 -2.67 2.55
CA GLY A 37 -2.81 -4.02 2.40
C GLY A 37 -1.72 -4.13 1.36
N VAL A 38 -0.57 -3.49 1.63
CA VAL A 38 0.55 -3.52 0.71
C VAL A 38 1.56 -4.59 1.11
N THR A 39 1.31 -5.82 0.68
CA THR A 39 2.20 -6.94 0.99
C THR A 39 2.43 -7.05 2.49
N SER A 40 1.36 -6.91 3.26
CA SER A 40 1.44 -7.00 4.71
C SER A 40 0.09 -7.41 5.31
N LEU A 41 0.12 -8.43 6.16
CA LEU A 41 -1.09 -8.91 6.81
C LEU A 41 -1.28 -8.28 8.18
N GLN A 42 -2.00 -7.15 8.20
CA GLN A 42 -2.26 -6.45 9.46
C GLN A 42 -3.03 -7.33 10.43
N LEU A 43 -2.95 -7.00 11.71
CA LEU A 43 -3.64 -7.75 12.75
C LEU A 43 -4.76 -6.92 13.39
N GLY A 44 -5.95 -6.99 12.79
CA GLY A 44 -7.07 -6.24 13.31
C GLY A 44 -7.86 -5.54 12.22
N TYR A 45 -8.18 -6.26 11.16
CA TYR A 45 -8.93 -5.71 10.04
C TYR A 45 -10.39 -6.10 10.11
N ILE A 46 -10.64 -7.41 10.13
CA ILE A 46 -12.01 -7.92 10.20
C ILE A 46 -12.17 -8.91 11.36
N ASP A 47 -13.19 -8.70 12.17
CA ASP A 47 -13.46 -9.58 13.31
C ASP A 47 -14.89 -10.08 13.28
N LEU A 48 -15.38 -10.41 12.08
CA LEU A 48 -16.74 -10.92 11.92
C LEU A 48 -16.85 -11.79 10.67
N PRO A 49 -16.30 -13.01 10.75
CA PRO A 49 -16.32 -13.97 9.65
C PRO A 49 -17.71 -14.52 9.39
N PRO A 50 -17.88 -15.20 8.24
CA PRO A 50 -19.16 -15.79 7.85
C PRO A 50 -19.55 -16.97 8.73
N PRO A 51 -20.81 -17.41 8.62
CA PRO A 51 -21.33 -18.55 9.39
C PRO A 51 -20.72 -19.88 8.94
N ARG A 52 -21.06 -20.95 9.66
CA ARG A 52 -20.55 -22.27 9.34
C ARG A 52 -21.67 -23.30 9.33
N LEU A 53 -22.89 -22.84 9.08
CA LEU A 53 -24.05 -23.72 9.05
C LEU A 53 -24.05 -24.56 7.78
N GLY A 54 -23.74 -25.84 7.93
CA GLY A 54 -23.71 -26.74 6.78
C GLY A 54 -22.31 -26.96 6.25
N GLU A 55 -21.46 -27.57 7.07
CA GLU A 55 -20.08 -27.84 6.67
C GLU A 55 -19.69 -29.27 6.99
N ASN A 56 -18.97 -29.91 6.07
CA ASN A 56 -18.53 -31.29 6.25
C ASN A 56 -17.02 -31.35 6.51
N GLY A 57 -16.29 -30.43 5.89
CA GLY A 57 -14.85 -30.40 6.06
C GLY A 57 -14.40 -29.27 6.98
N LEU A 58 -13.56 -29.62 7.96
CA LEU A 58 -13.06 -28.63 8.91
C LEU A 58 -11.73 -28.04 8.44
N PRO A 59 -11.38 -26.87 8.98
CA PRO A 59 -10.13 -26.19 8.63
C PRO A 59 -8.90 -26.92 9.17
N ILE A 60 -7.81 -26.87 8.40
CA ILE A 60 -6.58 -27.53 8.79
C ILE A 60 -6.05 -26.96 10.11
N SER A 61 -5.11 -27.68 10.72
CA SER A 61 -4.52 -27.25 11.99
C SER A 61 -3.10 -26.75 11.78
N GLY A 62 -2.40 -27.34 10.81
CA GLY A 62 -1.03 -26.93 10.54
C GLY A 62 -0.02 -27.98 10.97
N PRO A 63 -0.01 -29.13 10.28
CA PRO A 63 0.90 -30.23 10.60
C PRO A 63 2.35 -29.90 10.23
N SER A 64 3.28 -30.51 10.96
CA SER A 64 4.70 -30.27 10.73
C SER A 64 5.32 -31.41 9.93
N SER A 65 6.29 -31.08 9.07
CA SER A 65 6.96 -32.08 8.25
C SER A 65 7.68 -33.10 9.12
N GLY A 66 8.50 -32.61 10.04
CA GLY A 66 9.24 -33.48 10.92
C GLY A 66 10.51 -34.01 10.29
N GLY A 1 15.17 20.47 -30.78
CA GLY A 1 14.97 19.14 -31.34
C GLY A 1 15.76 18.08 -30.60
N SER A 2 15.73 18.15 -29.27
CA SER A 2 16.45 17.19 -28.45
C SER A 2 15.49 16.43 -27.53
N SER A 3 15.25 15.16 -27.85
CA SER A 3 14.35 14.33 -27.06
C SER A 3 15.13 13.46 -26.08
N GLY A 4 14.54 13.21 -24.92
CA GLY A 4 15.20 12.39 -23.91
C GLY A 4 14.68 12.65 -22.52
N SER A 5 14.75 11.63 -21.65
CA SER A 5 14.28 11.75 -20.29
C SER A 5 15.41 12.17 -19.35
N SER A 6 15.04 12.69 -18.19
CA SER A 6 16.02 13.13 -17.20
C SER A 6 15.43 13.13 -15.80
N GLY A 7 16.28 12.93 -14.80
CA GLY A 7 15.82 12.89 -13.43
C GLY A 7 16.49 11.79 -12.62
N LEU A 8 17.78 11.93 -12.38
CA LEU A 8 18.54 10.95 -11.60
C LEU A 8 18.68 11.38 -10.15
N ARG A 9 17.56 11.40 -9.43
CA ARG A 9 17.57 11.79 -8.03
C ARG A 9 17.15 10.63 -7.13
N GLU A 10 17.08 10.89 -5.83
CA GLU A 10 16.69 9.86 -4.87
C GLU A 10 15.42 10.26 -4.13
N ALA A 11 14.27 9.92 -4.72
CA ALA A 11 12.99 10.24 -4.11
C ALA A 11 12.45 9.08 -3.29
N GLY A 12 12.38 9.26 -1.98
CA GLY A 12 11.88 8.20 -1.11
C GLY A 12 10.52 8.52 -0.54
N ILE A 13 10.23 9.80 -0.36
CA ILE A 13 8.94 10.23 0.19
C ILE A 13 7.99 10.62 -0.94
N LEU A 14 6.78 10.08 -0.89
CA LEU A 14 5.77 10.37 -1.90
C LEU A 14 4.37 10.27 -1.31
N PRO A 15 3.40 10.94 -1.95
CA PRO A 15 2.00 10.94 -1.51
C PRO A 15 1.33 9.59 -1.71
N CYS A 16 0.52 9.18 -0.73
CA CYS A 16 -0.18 7.90 -0.81
C CYS A 16 -0.97 7.78 -2.10
N GLY A 17 -0.51 6.90 -2.99
CA GLY A 17 -1.18 6.70 -4.25
C GLY A 17 -2.21 5.59 -4.19
N LEU A 18 -2.95 5.52 -3.09
CA LEU A 18 -3.97 4.49 -2.92
C LEU A 18 -5.31 5.13 -2.58
N CYS A 19 -5.30 6.10 -1.67
CA CYS A 19 -6.52 6.79 -1.26
C CYS A 19 -6.48 8.26 -1.65
N GLY A 20 -5.28 8.83 -1.68
CA GLY A 20 -5.14 10.22 -2.06
C GLY A 20 -4.59 11.07 -0.92
N LYS A 21 -3.98 10.42 0.07
CA LYS A 21 -3.42 11.13 1.21
C LYS A 21 -1.97 11.51 0.95
N VAL A 22 -1.42 12.37 1.82
CA VAL A 22 -0.04 12.82 1.68
C VAL A 22 0.73 12.59 2.97
N PHE A 23 1.93 12.04 2.85
CA PHE A 23 2.77 11.77 4.01
C PHE A 23 4.20 12.29 3.78
N THR A 24 4.90 12.57 4.87
CA THR A 24 6.27 13.06 4.79
C THR A 24 7.25 12.11 5.44
N ASP A 25 6.77 11.37 6.44
CA ASP A 25 7.60 10.40 7.15
C ASP A 25 7.35 8.99 6.64
N ALA A 26 8.41 8.33 6.18
CA ALA A 26 8.31 6.97 5.67
C ALA A 26 7.72 6.03 6.71
N ASN A 27 8.28 6.06 7.92
CA ASN A 27 7.81 5.22 9.00
C ASN A 27 6.32 5.43 9.25
N ARG A 28 5.85 6.65 9.03
CA ARG A 28 4.45 7.00 9.24
C ARG A 28 3.59 6.43 8.11
N LEU A 29 4.06 6.60 6.87
CA LEU A 29 3.33 6.10 5.71
C LEU A 29 3.29 4.58 5.69
N ARG A 30 4.29 3.96 6.32
CA ARG A 30 4.37 2.50 6.38
C ARG A 30 3.11 1.92 7.02
N GLN A 31 2.79 2.39 8.22
CA GLN A 31 1.61 1.91 8.94
C GLN A 31 0.34 2.25 8.18
N HIS A 32 0.36 3.37 7.46
CA HIS A 32 -0.80 3.80 6.69
C HIS A 32 -1.03 2.89 5.49
N GLU A 33 0.03 2.26 5.01
CA GLU A 33 -0.06 1.36 3.88
C GLU A 33 -0.48 -0.04 4.32
N ALA A 34 -0.18 -0.37 5.57
CA ALA A 34 -0.53 -1.67 6.12
C ALA A 34 -2.02 -1.96 5.96
N GLN A 35 -2.84 -1.01 6.40
CA GLN A 35 -4.29 -1.16 6.30
C GLN A 35 -4.73 -1.28 4.83
N HIS A 36 -4.00 -0.62 3.95
CA HIS A 36 -4.31 -0.64 2.53
C HIS A 36 -4.06 -2.04 1.95
N GLY A 37 -2.95 -2.65 2.34
CA GLY A 37 -2.61 -3.97 1.85
C GLY A 37 -1.51 -3.94 0.81
N VAL A 38 -0.41 -3.27 1.14
CA VAL A 38 0.72 -3.17 0.23
C VAL A 38 1.81 -4.17 0.58
N THR A 39 1.69 -5.38 0.05
CA THR A 39 2.66 -6.43 0.31
C THR A 39 2.98 -6.53 1.80
N SER A 40 1.97 -6.30 2.63
CA SER A 40 2.15 -6.35 4.08
C SER A 40 1.26 -7.43 4.70
N LEU A 41 1.77 -8.06 5.75
CA LEU A 41 1.02 -9.12 6.44
C LEU A 41 0.83 -8.78 7.91
N GLN A 42 0.20 -7.64 8.17
CA GLN A 42 -0.06 -7.21 9.54
C GLN A 42 -1.13 -8.06 10.20
N LEU A 43 -0.74 -8.81 11.23
CA LEU A 43 -1.68 -9.67 11.95
C LEU A 43 -2.18 -8.99 13.22
N GLY A 44 -3.41 -8.51 13.18
CA GLY A 44 -3.99 -7.86 14.34
C GLY A 44 -5.50 -7.96 14.38
N TYR A 45 -6.17 -7.07 13.68
CA TYR A 45 -7.64 -7.06 13.64
C TYR A 45 -8.14 -7.90 12.46
N ILE A 46 -9.43 -8.24 12.51
CA ILE A 46 -10.05 -9.03 11.45
C ILE A 46 -9.87 -8.37 10.09
N ASP A 47 -9.83 -9.19 9.04
CA ASP A 47 -9.66 -8.70 7.69
C ASP A 47 -10.02 -9.77 6.67
N LEU A 48 -10.90 -9.42 5.74
CA LEU A 48 -11.33 -10.35 4.70
C LEU A 48 -11.45 -9.66 3.34
N PRO A 49 -11.42 -10.45 2.26
CA PRO A 49 -11.52 -9.92 0.89
C PRO A 49 -12.92 -9.39 0.59
N PRO A 50 -13.04 -8.67 -0.53
CA PRO A 50 -14.32 -8.09 -0.97
C PRO A 50 -15.31 -9.15 -1.42
N PRO A 51 -16.57 -8.75 -1.60
CA PRO A 51 -17.64 -9.64 -2.04
C PRO A 51 -17.49 -10.07 -3.49
N ARG A 52 -17.50 -11.38 -3.72
CA ARG A 52 -17.35 -11.92 -5.06
C ARG A 52 -18.63 -11.71 -5.88
N LEU A 53 -18.61 -12.14 -7.13
CA LEU A 53 -19.76 -11.99 -8.01
C LEU A 53 -20.83 -13.02 -7.67
N GLY A 54 -21.97 -12.94 -8.37
CA GLY A 54 -23.05 -13.86 -8.12
C GLY A 54 -23.10 -15.00 -9.13
N GLU A 55 -23.60 -16.15 -8.68
CA GLU A 55 -23.69 -17.32 -9.55
C GLU A 55 -25.03 -17.35 -10.28
N ASN A 56 -25.00 -17.78 -11.55
CA ASN A 56 -26.21 -17.86 -12.35
C ASN A 56 -26.86 -19.23 -12.23
N GLY A 57 -27.93 -19.45 -12.98
CA GLY A 57 -28.62 -20.72 -12.94
C GLY A 57 -28.14 -21.68 -14.00
N LEU A 58 -28.80 -21.66 -15.17
CA LEU A 58 -28.43 -22.53 -16.27
C LEU A 58 -27.20 -22.01 -17.00
N PRO A 59 -26.53 -22.89 -17.75
CA PRO A 59 -25.33 -22.54 -18.51
C PRO A 59 -25.63 -21.62 -19.69
N ILE A 60 -25.41 -20.32 -19.50
CA ILE A 60 -25.67 -19.34 -20.54
C ILE A 60 -24.65 -19.46 -21.66
N SER A 61 -25.14 -19.51 -22.90
CA SER A 61 -24.26 -19.62 -24.06
C SER A 61 -24.53 -18.49 -25.06
N GLY A 62 -23.59 -17.57 -25.16
CA GLY A 62 -23.74 -16.45 -26.07
C GLY A 62 -22.84 -16.57 -27.29
N PRO A 63 -22.82 -15.53 -28.12
CA PRO A 63 -22.02 -15.49 -29.34
C PRO A 63 -20.52 -15.42 -29.04
N SER A 64 -19.85 -16.57 -29.10
CA SER A 64 -18.42 -16.63 -28.83
C SER A 64 -17.63 -15.85 -29.88
N SER A 65 -16.40 -15.49 -29.54
CA SER A 65 -15.55 -14.72 -30.44
C SER A 65 -14.73 -15.66 -31.33
N GLY A 66 -15.16 -15.81 -32.57
CA GLY A 66 -14.45 -16.68 -33.50
C GLY A 66 -13.23 -16.02 -34.10
N GLY A 1 -3.13 28.08 -9.47
CA GLY A 1 -2.89 26.95 -10.35
C GLY A 1 -3.05 25.62 -9.63
N SER A 2 -1.94 24.91 -9.47
CA SER A 2 -1.97 23.61 -8.80
C SER A 2 -1.10 23.63 -7.55
N SER A 3 -1.13 22.54 -6.79
CA SER A 3 -0.35 22.43 -5.56
C SER A 3 1.09 22.02 -5.87
N GLY A 4 2.03 22.60 -5.12
CA GLY A 4 3.43 22.28 -5.33
C GLY A 4 4.35 23.14 -4.48
N SER A 5 5.63 22.81 -4.48
CA SER A 5 6.62 23.55 -3.70
C SER A 5 8.03 23.04 -3.97
N SER A 6 8.85 23.87 -4.57
CA SER A 6 10.23 23.50 -4.88
C SER A 6 10.98 23.07 -3.62
N GLY A 7 11.81 22.05 -3.76
CA GLY A 7 12.58 21.56 -2.63
C GLY A 7 12.83 20.07 -2.69
N LEU A 8 12.01 19.36 -3.46
CA LEU A 8 12.14 17.92 -3.60
C LEU A 8 12.23 17.53 -5.07
N ARG A 9 13.40 17.77 -5.67
CA ARG A 9 13.61 17.43 -7.07
C ARG A 9 14.31 16.08 -7.21
N GLU A 10 13.95 15.15 -6.34
CA GLU A 10 14.53 13.81 -6.37
C GLU A 10 13.53 12.76 -5.88
N ALA A 11 13.92 11.50 -5.97
CA ALA A 11 13.06 10.41 -5.54
C ALA A 11 13.14 10.20 -4.03
N GLY A 12 12.12 9.56 -3.47
CA GLY A 12 12.10 9.32 -2.04
C GLY A 12 10.70 9.30 -1.48
N ILE A 13 10.40 10.29 -0.63
CA ILE A 13 9.08 10.39 -0.02
C ILE A 13 8.03 10.84 -1.03
N LEU A 14 6.86 10.23 -0.99
CA LEU A 14 5.77 10.57 -1.91
C LEU A 14 4.42 10.33 -1.26
N PRO A 15 3.39 11.01 -1.79
CA PRO A 15 2.01 10.87 -1.27
C PRO A 15 1.41 9.51 -1.57
N CYS A 16 0.52 9.05 -0.69
CA CYS A 16 -0.13 7.76 -0.87
C CYS A 16 -0.88 7.71 -2.19
N GLY A 17 -0.47 6.81 -3.07
CA GLY A 17 -1.12 6.68 -4.36
C GLY A 17 -2.18 5.60 -4.37
N LEU A 18 -2.86 5.44 -3.24
CA LEU A 18 -3.91 4.43 -3.12
C LEU A 18 -5.24 5.06 -2.73
N CYS A 19 -5.18 6.04 -1.83
CA CYS A 19 -6.38 6.74 -1.38
C CYS A 19 -6.34 8.22 -1.77
N GLY A 20 -5.13 8.77 -1.84
CA GLY A 20 -4.97 10.17 -2.21
C GLY A 20 -4.47 11.01 -1.06
N LYS A 21 -3.89 10.36 -0.06
CA LYS A 21 -3.37 11.07 1.11
C LYS A 21 -1.90 11.47 0.89
N VAL A 22 -1.33 12.13 1.89
CA VAL A 22 0.06 12.58 1.81
C VAL A 22 0.80 12.31 3.11
N PHE A 23 2.04 11.85 3.01
CA PHE A 23 2.86 11.56 4.18
C PHE A 23 4.29 12.03 3.97
N THR A 24 4.90 12.50 5.06
CA THR A 24 6.27 12.99 5.01
C THR A 24 7.24 12.03 5.70
N ASP A 25 6.76 11.37 6.75
CA ASP A 25 7.58 10.41 7.49
C ASP A 25 7.43 9.00 6.91
N ALA A 26 8.49 8.53 6.27
CA ALA A 26 8.49 7.19 5.67
C ALA A 26 8.03 6.15 6.67
N ASN A 27 8.33 6.38 7.95
CA ASN A 27 7.96 5.45 9.01
C ASN A 27 6.45 5.50 9.26
N ARG A 28 5.88 6.69 9.18
CA ARG A 28 4.44 6.87 9.40
C ARG A 28 3.64 6.21 8.29
N LEU A 29 4.02 6.46 7.05
CA LEU A 29 3.33 5.89 5.89
C LEU A 29 3.32 4.37 5.97
N ARG A 30 4.39 3.79 6.52
CA ARG A 30 4.51 2.35 6.66
C ARG A 30 3.29 1.77 7.35
N GLN A 31 2.82 2.46 8.39
CA GLN A 31 1.65 2.01 9.14
C GLN A 31 0.36 2.26 8.35
N HIS A 32 0.39 3.25 7.47
CA HIS A 32 -0.77 3.59 6.66
C HIS A 32 -1.02 2.51 5.61
N GLU A 33 0.04 2.01 5.00
CA GLU A 33 -0.08 0.98 3.98
C GLU A 33 -0.74 -0.27 4.55
N ALA A 34 -0.56 -0.50 5.85
CA ALA A 34 -1.13 -1.65 6.52
C ALA A 34 -2.63 -1.72 6.29
N GLN A 35 -3.28 -0.56 6.27
CA GLN A 35 -4.73 -0.49 6.07
C GLN A 35 -5.10 -1.04 4.70
N HIS A 36 -4.47 -0.50 3.65
CA HIS A 36 -4.75 -0.95 2.29
C HIS A 36 -4.32 -2.39 2.09
N GLY A 37 -3.27 -2.80 2.80
CA GLY A 37 -2.79 -4.16 2.68
C GLY A 37 -1.35 -4.22 2.18
N VAL A 38 -1.18 -4.17 0.86
CA VAL A 38 0.15 -4.22 0.27
C VAL A 38 0.87 -5.50 0.64
N THR A 39 0.52 -6.59 -0.04
CA THR A 39 1.14 -7.89 0.21
C THR A 39 1.07 -8.24 1.70
N SER A 40 -0.01 -7.85 2.34
CA SER A 40 -0.19 -8.12 3.77
C SER A 40 -1.56 -8.73 4.04
N LEU A 41 -1.62 -9.63 5.00
CA LEU A 41 -2.87 -10.29 5.37
C LEU A 41 -3.57 -9.56 6.50
N GLN A 42 -3.98 -8.32 6.23
CA GLN A 42 -4.66 -7.50 7.23
C GLN A 42 -6.02 -7.06 6.73
N LEU A 43 -6.85 -6.57 7.64
CA LEU A 43 -8.19 -6.10 7.29
C LEU A 43 -8.24 -4.58 7.22
N GLY A 44 -8.80 -4.06 6.13
CA GLY A 44 -8.89 -2.62 5.96
C GLY A 44 -9.83 -2.22 4.84
N TYR A 45 -11.13 -2.43 5.05
CA TYR A 45 -12.13 -2.10 4.04
C TYR A 45 -12.37 -0.59 3.99
N ILE A 46 -12.75 -0.10 2.81
CA ILE A 46 -13.01 1.32 2.63
C ILE A 46 -14.50 1.62 2.75
N ASP A 47 -14.84 2.56 3.62
CA ASP A 47 -16.22 2.96 3.84
C ASP A 47 -16.39 4.46 3.73
N LEU A 48 -17.57 4.89 3.28
CA LEU A 48 -17.86 6.32 3.12
C LEU A 48 -16.95 6.94 2.06
N PRO A 49 -17.43 8.04 1.46
CA PRO A 49 -16.66 8.76 0.42
C PRO A 49 -15.46 9.48 0.99
N PRO A 50 -14.57 9.95 0.09
CA PRO A 50 -13.35 10.66 0.49
C PRO A 50 -13.64 12.04 1.06
N PRO A 51 -12.63 12.66 1.67
CA PRO A 51 -12.76 13.99 2.27
C PRO A 51 -12.92 15.09 1.22
N ARG A 52 -13.23 16.30 1.68
CA ARG A 52 -13.41 17.44 0.78
C ARG A 52 -12.07 18.04 0.39
N LEU A 53 -11.66 17.79 -0.85
CA LEU A 53 -10.39 18.32 -1.36
C LEU A 53 -10.30 18.16 -2.87
N GLY A 54 -9.57 19.07 -3.51
CA GLY A 54 -9.41 19.01 -4.95
C GLY A 54 -8.83 20.29 -5.52
N GLU A 55 -7.50 20.40 -5.51
CA GLU A 55 -6.83 21.59 -6.03
C GLU A 55 -5.85 21.21 -7.13
N ASN A 56 -6.16 20.14 -7.86
CA ASN A 56 -5.29 19.68 -8.94
C ASN A 56 -5.64 20.39 -10.25
N GLY A 57 -4.61 20.85 -10.94
CA GLY A 57 -4.82 21.55 -12.21
C GLY A 57 -4.30 20.76 -13.39
N LEU A 58 -3.18 21.22 -13.95
CA LEU A 58 -2.57 20.56 -15.10
C LEU A 58 -1.06 20.76 -15.11
N PRO A 59 -0.34 19.89 -15.84
CA PRO A 59 1.11 19.96 -15.94
C PRO A 59 1.57 21.15 -16.76
N ILE A 60 2.57 21.88 -16.24
CA ILE A 60 3.11 23.04 -16.92
C ILE A 60 4.12 22.64 -17.99
N SER A 61 3.70 22.71 -19.25
CA SER A 61 4.57 22.37 -20.36
C SER A 61 5.06 23.61 -21.09
N GLY A 62 6.23 23.50 -21.72
CA GLY A 62 6.79 24.63 -22.44
C GLY A 62 5.89 25.10 -23.57
N PRO A 63 6.32 26.16 -24.27
CA PRO A 63 5.56 26.73 -25.38
C PRO A 63 5.53 25.82 -26.60
N SER A 64 4.36 25.28 -26.91
CA SER A 64 4.19 24.39 -28.05
C SER A 64 4.29 25.15 -29.36
N SER A 65 5.30 24.82 -30.15
CA SER A 65 5.52 25.47 -31.44
C SER A 65 4.81 24.73 -32.56
N GLY A 66 4.84 23.39 -32.49
CA GLY A 66 4.19 22.58 -33.51
C GLY A 66 4.77 21.18 -33.58
N GLY A 1 1.20 8.78 -24.56
CA GLY A 1 2.57 9.13 -24.26
C GLY A 1 2.68 10.40 -23.45
N SER A 2 2.25 10.34 -22.19
CA SER A 2 2.29 11.50 -21.31
C SER A 2 3.48 11.41 -20.35
N SER A 3 3.88 12.55 -19.80
CA SER A 3 5.00 12.60 -18.87
C SER A 3 4.55 12.26 -17.45
N GLY A 4 5.35 11.46 -16.76
CA GLY A 4 5.00 11.07 -15.40
C GLY A 4 5.19 12.20 -14.41
N SER A 5 6.43 12.63 -14.23
CA SER A 5 6.74 13.71 -13.31
C SER A 5 8.15 14.26 -13.54
N SER A 6 8.52 15.27 -12.79
CA SER A 6 9.84 15.89 -12.91
C SER A 6 10.31 16.46 -11.58
N GLY A 7 11.56 16.17 -11.24
CA GLY A 7 12.11 16.67 -9.99
C GLY A 7 13.61 16.82 -10.04
N LEU A 8 14.11 17.97 -9.59
CA LEU A 8 15.54 18.24 -9.59
C LEU A 8 16.26 17.41 -8.53
N ARG A 9 15.55 17.13 -7.43
CA ARG A 9 16.12 16.35 -6.34
C ARG A 9 15.25 15.12 -6.06
N GLU A 10 15.90 14.02 -5.68
CA GLU A 10 15.19 12.78 -5.38
C GLU A 10 15.46 12.33 -3.94
N ALA A 11 14.40 11.96 -3.24
CA ALA A 11 14.53 11.52 -1.85
C ALA A 11 14.01 10.10 -1.69
N GLY A 12 12.70 9.93 -1.83
CA GLY A 12 12.10 8.60 -1.70
C GLY A 12 10.68 8.67 -1.16
N ILE A 13 10.33 9.77 -0.53
CA ILE A 13 9.00 9.96 0.03
C ILE A 13 8.02 10.42 -1.05
N LEU A 14 6.80 9.89 -1.00
CA LEU A 14 5.76 10.26 -1.96
C LEU A 14 4.38 10.14 -1.34
N PRO A 15 3.41 10.86 -1.93
CA PRO A 15 2.02 10.86 -1.45
C PRO A 15 1.33 9.52 -1.71
N CYS A 16 0.51 9.10 -0.74
CA CYS A 16 -0.21 7.83 -0.86
C CYS A 16 -1.00 7.78 -2.16
N GLY A 17 -0.56 6.91 -3.06
CA GLY A 17 -1.25 6.76 -4.35
C GLY A 17 -2.31 5.69 -4.32
N LEU A 18 -3.13 5.69 -3.28
CA LEU A 18 -4.19 4.69 -3.14
C LEU A 18 -5.52 5.36 -2.79
N CYS A 19 -5.49 6.23 -1.79
CA CYS A 19 -6.68 6.94 -1.35
C CYS A 19 -6.59 8.43 -1.68
N GLY A 20 -5.36 8.94 -1.76
CA GLY A 20 -5.15 10.34 -2.07
C GLY A 20 -4.59 11.11 -0.88
N LYS A 21 -3.97 10.40 0.05
CA LYS A 21 -3.40 11.03 1.23
C LYS A 21 -1.94 11.42 0.97
N VAL A 22 -1.38 12.23 1.87
CA VAL A 22 0.00 12.67 1.74
C VAL A 22 0.79 12.38 3.01
N PHE A 23 1.99 11.82 2.84
CA PHE A 23 2.84 11.49 3.97
C PHE A 23 4.27 11.98 3.74
N THR A 24 4.89 12.50 4.80
CA THR A 24 6.25 13.02 4.71
C THR A 24 7.24 12.07 5.39
N ASP A 25 6.75 11.30 6.36
CA ASP A 25 7.59 10.36 7.07
C ASP A 25 7.34 8.93 6.59
N ALA A 26 8.43 8.22 6.31
CA ALA A 26 8.33 6.84 5.84
C ALA A 26 7.68 5.95 6.89
N ASN A 27 8.16 6.04 8.13
CA ASN A 27 7.62 5.23 9.22
C ASN A 27 6.12 5.46 9.37
N ARG A 28 5.70 6.72 9.28
CA ARG A 28 4.29 7.06 9.41
C ARG A 28 3.47 6.44 8.29
N LEU A 29 3.97 6.57 7.06
CA LEU A 29 3.27 6.01 5.90
C LEU A 29 3.21 4.49 5.98
N ARG A 30 4.18 3.90 6.69
CA ARG A 30 4.23 2.45 6.83
C ARG A 30 2.89 1.91 7.33
N GLN A 31 2.48 2.34 8.51
CA GLN A 31 1.21 1.89 9.09
C GLN A 31 0.07 2.07 8.11
N HIS A 32 -0.01 3.26 7.51
CA HIS A 32 -1.06 3.56 6.54
C HIS A 32 -1.10 2.51 5.44
N GLU A 33 -0.03 2.44 4.65
CA GLU A 33 0.05 1.48 3.56
C GLU A 33 -0.21 0.07 4.06
N ALA A 34 0.32 -0.25 5.23
CA ALA A 34 0.15 -1.57 5.82
C ALA A 34 -1.33 -1.87 6.06
N GLN A 35 -2.13 -0.81 6.22
CA GLN A 35 -3.56 -0.96 6.46
C GLN A 35 -4.32 -1.07 5.15
N HIS A 36 -3.82 -0.40 4.11
CA HIS A 36 -4.45 -0.42 2.81
C HIS A 36 -4.58 -1.86 2.28
N GLY A 37 -3.65 -2.72 2.70
CA GLY A 37 -3.67 -4.09 2.27
C GLY A 37 -2.51 -4.44 1.35
N VAL A 38 -1.45 -3.63 1.42
CA VAL A 38 -0.28 -3.85 0.58
C VAL A 38 0.27 -5.26 0.77
N THR A 39 0.79 -5.84 -0.31
CA THR A 39 1.34 -7.19 -0.27
C THR A 39 2.36 -7.33 0.86
N SER A 40 2.70 -8.57 1.18
CA SER A 40 3.66 -8.84 2.24
C SER A 40 5.05 -8.33 1.86
N LEU A 41 5.34 -7.10 2.25
CA LEU A 41 6.63 -6.49 1.95
C LEU A 41 7.17 -5.72 3.16
N GLN A 42 6.28 -5.00 3.83
CA GLN A 42 6.66 -4.22 5.01
C GLN A 42 7.33 -5.11 6.05
N LEU A 43 8.03 -4.48 6.99
CA LEU A 43 8.73 -5.21 8.04
C LEU A 43 7.74 -5.75 9.08
N GLY A 44 8.13 -6.82 9.77
CA GLY A 44 7.26 -7.41 10.77
C GLY A 44 7.50 -8.90 10.95
N TYR A 45 6.51 -9.59 11.49
CA TYR A 45 6.62 -11.02 11.71
C TYR A 45 5.42 -11.76 11.13
N ILE A 46 4.83 -11.18 10.09
CA ILE A 46 3.67 -11.78 9.43
C ILE A 46 4.02 -12.27 8.04
N ASP A 47 5.16 -12.95 7.92
CA ASP A 47 5.61 -13.47 6.64
C ASP A 47 5.24 -14.95 6.50
N LEU A 48 4.05 -15.30 6.97
CA LEU A 48 3.57 -16.68 6.89
C LEU A 48 2.10 -16.71 6.48
N PRO A 49 1.84 -16.40 5.20
CA PRO A 49 0.48 -16.40 4.65
C PRO A 49 -0.10 -17.81 4.52
N PRO A 50 -1.41 -17.89 4.27
CA PRO A 50 -2.11 -19.17 4.12
C PRO A 50 -1.72 -19.90 2.84
N PRO A 51 -2.11 -21.18 2.75
CA PRO A 51 -1.81 -22.01 1.58
C PRO A 51 -2.60 -21.58 0.35
N ARG A 52 -1.94 -21.63 -0.81
CA ARG A 52 -2.58 -21.24 -2.07
C ARG A 52 -1.81 -21.80 -3.27
N LEU A 53 -2.56 -22.25 -4.27
CA LEU A 53 -1.95 -22.82 -5.47
C LEU A 53 -1.33 -21.72 -6.33
N GLY A 54 0.00 -21.72 -6.43
CA GLY A 54 0.69 -20.73 -7.22
C GLY A 54 0.95 -21.20 -8.65
N GLU A 55 2.19 -21.08 -9.08
CA GLU A 55 2.57 -21.50 -10.43
C GLU A 55 3.81 -22.40 -10.40
N ASN A 56 4.28 -22.78 -11.58
CA ASN A 56 5.46 -23.63 -11.69
C ASN A 56 6.68 -22.83 -12.12
N GLY A 57 6.83 -21.64 -11.54
CA GLY A 57 7.96 -20.79 -11.87
C GLY A 57 9.13 -20.99 -10.93
N LEU A 58 9.78 -19.90 -10.56
CA LEU A 58 10.93 -19.96 -9.65
C LEU A 58 11.00 -18.71 -8.77
N PRO A 59 11.73 -18.83 -7.65
CA PRO A 59 11.90 -17.71 -6.71
C PRO A 59 12.76 -16.60 -7.27
N ILE A 60 12.16 -15.43 -7.47
CA ILE A 60 12.88 -14.28 -8.00
C ILE A 60 13.52 -13.47 -6.88
N SER A 61 14.49 -12.63 -7.25
CA SER A 61 15.18 -11.80 -6.28
C SER A 61 14.91 -10.31 -6.54
N GLY A 62 15.40 -9.47 -5.64
CA GLY A 62 15.20 -8.03 -5.78
C GLY A 62 16.36 -7.23 -5.23
N PRO A 63 16.36 -5.91 -5.50
CA PRO A 63 17.41 -5.01 -5.03
C PRO A 63 17.36 -4.79 -3.52
N SER A 64 18.09 -5.63 -2.78
CA SER A 64 18.12 -5.53 -1.33
C SER A 64 19.44 -6.06 -0.79
N SER A 65 19.88 -5.52 0.34
CA SER A 65 21.13 -5.93 0.97
C SER A 65 20.90 -7.16 1.86
N GLY A 66 21.61 -8.25 1.55
CA GLY A 66 21.48 -9.46 2.33
C GLY A 66 22.59 -9.62 3.35
N GLY A 1 -8.04 26.88 -9.92
CA GLY A 1 -6.65 26.51 -9.79
C GLY A 1 -6.40 25.07 -10.18
N SER A 2 -5.63 24.36 -9.37
CA SER A 2 -5.31 22.96 -9.64
C SER A 2 -4.70 22.80 -11.02
N SER A 3 -3.99 23.84 -11.48
CA SER A 3 -3.36 23.82 -12.78
C SER A 3 -1.84 23.67 -12.66
N GLY A 4 -1.37 22.44 -12.78
CA GLY A 4 0.06 22.19 -12.68
C GLY A 4 0.51 21.97 -11.24
N SER A 5 1.75 21.52 -11.07
CA SER A 5 2.29 21.28 -9.74
C SER A 5 3.82 21.21 -9.79
N SER A 6 4.44 21.28 -8.62
CA SER A 6 5.90 21.22 -8.51
C SER A 6 6.33 20.69 -7.15
N GLY A 7 7.63 20.46 -7.00
CA GLY A 7 8.14 19.94 -5.75
C GLY A 7 9.35 19.04 -5.95
N LEU A 8 10.52 19.65 -6.13
CA LEU A 8 11.75 18.89 -6.33
C LEU A 8 12.22 18.25 -5.02
N ARG A 9 12.43 16.95 -5.06
CA ARG A 9 12.88 16.22 -3.87
C ARG A 9 13.56 14.91 -4.28
N GLU A 10 14.23 14.28 -3.31
CA GLU A 10 14.93 13.03 -3.55
C GLU A 10 13.96 11.85 -3.53
N ALA A 11 14.28 10.81 -4.28
CA ALA A 11 13.45 9.62 -4.34
C ALA A 11 13.29 8.99 -2.95
N GLY A 12 12.05 8.66 -2.60
CA GLY A 12 11.79 8.06 -1.31
C GLY A 12 10.36 8.29 -0.84
N ILE A 13 10.15 9.38 -0.11
CA ILE A 13 8.82 9.71 0.39
C ILE A 13 7.90 10.17 -0.73
N LEU A 14 6.67 9.67 -0.73
CA LEU A 14 5.69 10.03 -1.74
C LEU A 14 4.28 9.96 -1.19
N PRO A 15 3.35 10.69 -1.84
CA PRO A 15 1.94 10.72 -1.43
C PRO A 15 1.23 9.39 -1.68
N CYS A 16 0.38 9.00 -0.74
CA CYS A 16 -0.37 7.75 -0.86
C CYS A 16 -1.17 7.73 -2.17
N GLY A 17 -0.72 6.90 -3.11
CA GLY A 17 -1.40 6.79 -4.38
C GLY A 17 -2.46 5.70 -4.38
N LEU A 18 -3.26 5.65 -3.33
CA LEU A 18 -4.32 4.65 -3.21
C LEU A 18 -5.63 5.28 -2.80
N CYS A 19 -5.58 6.19 -1.82
CA CYS A 19 -6.76 6.87 -1.34
C CYS A 19 -6.69 8.37 -1.65
N GLY A 20 -5.47 8.89 -1.75
CA GLY A 20 -5.29 10.30 -2.03
C GLY A 20 -4.71 11.06 -0.85
N LYS A 21 -4.10 10.34 0.07
CA LYS A 21 -3.50 10.94 1.25
C LYS A 21 -2.05 11.34 0.98
N VAL A 22 -1.49 12.16 1.88
CA VAL A 22 -0.10 12.60 1.74
C VAL A 22 0.67 12.41 3.02
N PHE A 23 1.89 11.88 2.90
CA PHE A 23 2.74 11.64 4.06
C PHE A 23 4.14 12.20 3.84
N THR A 24 4.85 12.46 4.94
CA THR A 24 6.20 13.00 4.86
C THR A 24 7.22 12.04 5.47
N ASP A 25 6.87 11.46 6.61
CA ASP A 25 7.76 10.51 7.29
C ASP A 25 7.57 9.10 6.72
N ALA A 26 8.69 8.40 6.55
CA ALA A 26 8.66 7.04 6.03
C ALA A 26 7.98 6.09 7.00
N ASN A 27 8.28 6.25 8.29
CA ASN A 27 7.69 5.40 9.32
C ASN A 27 6.19 5.63 9.42
N ARG A 28 5.78 6.88 9.35
CA ARG A 28 4.36 7.23 9.44
C ARG A 28 3.56 6.54 8.33
N LEU A 29 4.06 6.64 7.10
CA LEU A 29 3.38 6.02 5.96
C LEU A 29 3.49 4.50 6.02
N ARG A 30 4.54 4.02 6.69
CA ARG A 30 4.75 2.58 6.83
C ARG A 30 3.54 1.90 7.45
N GLN A 31 2.78 2.66 8.22
CA GLN A 31 1.58 2.13 8.87
C GLN A 31 0.35 2.35 8.01
N HIS A 32 0.32 3.46 7.28
CA HIS A 32 -0.80 3.78 6.42
C HIS A 32 -0.82 2.85 5.20
N GLU A 33 0.35 2.47 4.72
CA GLU A 33 0.47 1.60 3.57
C GLU A 33 0.02 0.18 3.91
N ALA A 34 0.14 -0.18 5.18
CA ALA A 34 -0.25 -1.50 5.65
C ALA A 34 -1.77 -1.65 5.66
N GLN A 35 -2.46 -0.59 6.04
CA GLN A 35 -3.92 -0.60 6.10
C GLN A 35 -4.51 -0.95 4.73
N HIS A 36 -3.92 -0.40 3.68
CA HIS A 36 -4.39 -0.64 2.32
C HIS A 36 -4.09 -2.08 1.89
N GLY A 37 -2.89 -2.55 2.23
CA GLY A 37 -2.50 -3.90 1.88
C GLY A 37 -1.45 -3.93 0.79
N VAL A 38 -0.51 -2.99 0.86
CA VAL A 38 0.56 -2.91 -0.13
C VAL A 38 1.45 -4.15 -0.09
N THR A 39 1.83 -4.55 1.12
CA THR A 39 2.68 -5.72 1.32
C THR A 39 2.11 -6.65 2.38
N SER A 40 2.70 -7.83 2.51
CA SER A 40 2.25 -8.81 3.49
C SER A 40 2.80 -8.47 4.87
N LEU A 41 2.43 -7.30 5.38
CA LEU A 41 2.89 -6.86 6.70
C LEU A 41 1.83 -6.00 7.38
N GLN A 42 1.34 -6.49 8.52
CA GLN A 42 0.32 -5.78 9.28
C GLN A 42 -0.90 -5.50 8.41
N LEU A 43 -1.17 -6.39 7.45
CA LEU A 43 -2.30 -6.23 6.56
C LEU A 43 -3.61 -6.18 7.34
N GLY A 44 -4.68 -5.74 6.67
CA GLY A 44 -5.98 -5.66 7.32
C GLY A 44 -6.89 -6.82 6.95
N TYR A 45 -7.83 -6.56 6.06
CA TYR A 45 -8.77 -7.58 5.63
C TYR A 45 -8.49 -8.00 4.18
N ILE A 46 -7.25 -7.87 3.76
CA ILE A 46 -6.85 -8.23 2.41
C ILE A 46 -6.33 -9.66 2.36
N ASP A 47 -6.77 -10.40 1.34
CA ASP A 47 -6.34 -11.79 1.16
C ASP A 47 -6.83 -12.64 2.33
N LEU A 48 -8.08 -12.44 2.74
CA LEU A 48 -8.66 -13.20 3.84
C LEU A 48 -9.81 -14.07 3.35
N PRO A 49 -9.46 -15.15 2.65
CA PRO A 49 -10.44 -16.10 2.12
C PRO A 49 -11.13 -16.91 3.22
N PRO A 50 -12.21 -17.61 2.84
CA PRO A 50 -12.98 -18.44 3.79
C PRO A 50 -12.21 -19.68 4.23
N PRO A 51 -12.72 -20.35 5.27
CA PRO A 51 -12.09 -21.56 5.81
C PRO A 51 -12.21 -22.74 4.86
N ARG A 52 -11.41 -23.78 5.11
CA ARG A 52 -11.43 -24.98 4.28
C ARG A 52 -12.67 -25.83 4.57
N LEU A 53 -13.45 -26.10 3.53
CA LEU A 53 -14.66 -26.90 3.68
C LEU A 53 -14.32 -28.39 3.78
N GLY A 54 -14.60 -28.98 4.93
CA GLY A 54 -14.32 -30.39 5.13
C GLY A 54 -15.56 -31.26 4.97
N GLU A 55 -16.14 -31.67 6.08
CA GLU A 55 -17.34 -32.51 6.06
C GLU A 55 -18.34 -32.08 7.13
N ASN A 56 -19.62 -32.26 6.84
CA ASN A 56 -20.67 -31.89 7.78
C ASN A 56 -20.98 -33.04 8.74
N GLY A 57 -21.43 -32.70 9.94
CA GLY A 57 -21.75 -33.70 10.93
C GLY A 57 -23.13 -34.30 10.73
N LEU A 58 -24.15 -33.54 11.10
CA LEU A 58 -25.53 -34.00 10.97
C LEU A 58 -26.28 -33.15 9.95
N PRO A 59 -27.39 -33.70 9.42
CA PRO A 59 -28.23 -33.01 8.43
C PRO A 59 -28.99 -31.83 9.04
N ILE A 60 -29.21 -30.81 8.23
CA ILE A 60 -29.93 -29.61 8.69
C ILE A 60 -31.43 -29.81 8.57
N SER A 61 -32.15 -29.56 9.66
CA SER A 61 -33.60 -29.70 9.68
C SER A 61 -34.28 -28.36 9.42
N GLY A 62 -33.75 -27.31 10.04
CA GLY A 62 -34.32 -25.99 9.86
C GLY A 62 -33.29 -24.88 10.04
N PRO A 63 -33.73 -23.63 9.85
CA PRO A 63 -32.86 -22.46 9.99
C PRO A 63 -32.45 -22.21 11.43
N SER A 64 -31.37 -21.47 11.62
CA SER A 64 -30.88 -21.15 12.96
C SER A 64 -30.45 -19.69 13.05
N SER A 65 -30.06 -19.26 14.25
CA SER A 65 -29.64 -17.88 14.47
C SER A 65 -28.16 -17.71 14.12
N GLY A 66 -27.87 -16.70 13.29
CA GLY A 66 -26.50 -16.45 12.90
C GLY A 66 -26.16 -14.96 12.89
N GLY A 1 23.53 17.68 -31.97
CA GLY A 1 23.83 18.97 -31.38
C GLY A 1 23.86 18.92 -29.87
N SER A 2 22.79 19.39 -29.23
CA SER A 2 22.71 19.41 -27.78
C SER A 2 22.63 17.98 -27.23
N SER A 3 23.28 17.77 -26.09
CA SER A 3 23.29 16.46 -25.46
C SER A 3 23.20 16.58 -23.94
N GLY A 4 22.67 15.55 -23.30
CA GLY A 4 22.52 15.56 -21.85
C GLY A 4 21.15 15.13 -21.40
N SER A 5 20.85 13.84 -21.55
CA SER A 5 19.56 13.30 -21.16
C SER A 5 19.54 12.94 -19.67
N SER A 6 19.44 13.95 -18.82
CA SER A 6 19.42 13.75 -17.38
C SER A 6 18.03 13.30 -16.92
N GLY A 7 17.96 12.07 -16.41
CA GLY A 7 16.69 11.53 -15.93
C GLY A 7 16.64 11.43 -14.42
N LEU A 8 16.38 12.56 -13.77
CA LEU A 8 16.31 12.59 -12.31
C LEU A 8 14.99 11.98 -11.82
N ARG A 9 14.96 10.66 -11.75
CA ARG A 9 13.77 9.95 -11.30
C ARG A 9 14.05 9.18 -10.01
N GLU A 10 14.91 9.74 -9.16
CA GLU A 10 15.26 9.11 -7.90
C GLU A 10 14.01 8.86 -7.05
N ALA A 11 14.06 7.80 -6.26
CA ALA A 11 12.93 7.44 -5.41
C ALA A 11 13.05 8.10 -4.04
N GLY A 12 11.91 8.40 -3.43
CA GLY A 12 11.90 9.03 -2.12
C GLY A 12 10.52 9.07 -1.49
N ILE A 13 10.27 10.10 -0.70
CA ILE A 13 8.98 10.25 -0.03
C ILE A 13 7.92 10.76 -1.00
N LEU A 14 6.75 10.15 -0.96
CA LEU A 14 5.65 10.53 -1.84
C LEU A 14 4.29 10.27 -1.17
N PRO A 15 3.26 10.97 -1.64
CA PRO A 15 1.90 10.83 -1.11
C PRO A 15 1.28 9.48 -1.47
N CYS A 16 0.44 8.97 -0.57
CA CYS A 16 -0.22 7.69 -0.78
C CYS A 16 -0.94 7.67 -2.13
N GLY A 17 -0.50 6.76 -3.01
CA GLY A 17 -1.12 6.66 -4.32
C GLY A 17 -2.19 5.59 -4.38
N LEU A 18 -2.89 5.41 -3.26
CA LEU A 18 -3.96 4.41 -3.19
C LEU A 18 -5.29 5.07 -2.86
N CYS A 19 -5.26 6.04 -1.95
CA CYS A 19 -6.47 6.74 -1.54
C CYS A 19 -6.38 8.23 -1.90
N GLY A 20 -5.16 8.76 -1.87
CA GLY A 20 -4.96 10.16 -2.20
C GLY A 20 -4.49 10.97 -1.00
N LYS A 21 -3.89 10.29 -0.03
CA LYS A 21 -3.41 10.94 1.18
C LYS A 21 -1.96 11.40 1.00
N VAL A 22 -1.47 12.21 1.92
CA VAL A 22 -0.10 12.72 1.86
C VAL A 22 0.66 12.36 3.14
N PHE A 23 1.94 12.04 2.97
CA PHE A 23 2.78 11.68 4.11
C PHE A 23 4.19 12.23 3.93
N THR A 24 4.93 12.32 5.04
CA THR A 24 6.29 12.84 5.01
C THR A 24 7.27 11.87 5.67
N ASP A 25 6.83 11.27 6.77
CA ASP A 25 7.65 10.32 7.51
C ASP A 25 7.49 8.91 6.95
N ALA A 26 8.58 8.36 6.41
CA ALA A 26 8.56 7.03 5.84
C ALA A 26 7.98 6.01 6.83
N ASN A 27 8.43 6.09 8.07
CA ASN A 27 7.97 5.19 9.12
C ASN A 27 6.49 5.41 9.40
N ARG A 28 6.04 6.65 9.25
CA ARG A 28 4.64 7.00 9.49
C ARG A 28 3.74 6.47 8.37
N LEU A 29 4.18 6.67 7.13
CA LEU A 29 3.42 6.21 5.97
C LEU A 29 3.30 4.69 5.96
N ARG A 30 4.26 4.03 6.58
CA ARG A 30 4.27 2.57 6.65
C ARG A 30 2.96 2.05 7.24
N GLN A 31 2.63 2.55 8.44
CA GLN A 31 1.41 2.13 9.13
C GLN A 31 0.20 2.28 8.21
N HIS A 32 0.07 3.45 7.60
CA HIS A 32 -1.05 3.72 6.70
C HIS A 32 -1.10 2.69 5.56
N GLU A 33 0.06 2.39 5.00
CA GLU A 33 0.15 1.42 3.90
C GLU A 33 -0.37 0.06 4.35
N ALA A 34 -0.18 -0.26 5.63
CA ALA A 34 -0.62 -1.53 6.18
C ALA A 34 -2.13 -1.69 6.05
N GLN A 35 -2.85 -0.58 6.11
CA GLN A 35 -4.30 -0.59 5.98
C GLN A 35 -4.73 -1.13 4.63
N HIS A 36 -4.25 -0.49 3.57
CA HIS A 36 -4.59 -0.90 2.20
C HIS A 36 -4.14 -2.33 1.95
N GLY A 37 -2.91 -2.64 2.37
CA GLY A 37 -2.37 -3.98 2.18
C GLY A 37 -1.27 -4.00 1.13
N VAL A 38 -0.17 -3.32 1.42
CA VAL A 38 0.96 -3.27 0.50
C VAL A 38 1.99 -4.36 0.82
N THR A 39 2.49 -4.34 2.06
CA THR A 39 3.48 -5.32 2.49
C THR A 39 2.92 -6.21 3.60
N SER A 40 1.61 -6.44 3.57
CA SER A 40 0.94 -7.26 4.56
C SER A 40 -0.52 -7.50 4.19
N LEU A 41 -1.08 -8.59 4.71
CA LEU A 41 -2.47 -8.93 4.44
C LEU A 41 -3.35 -8.63 5.65
N GLN A 42 -3.49 -7.35 5.98
CA GLN A 42 -4.30 -6.94 7.11
C GLN A 42 -5.75 -6.74 6.69
N LEU A 43 -6.65 -6.69 7.67
CA LEU A 43 -8.07 -6.51 7.41
C LEU A 43 -8.54 -5.14 7.89
N GLY A 44 -8.45 -4.15 7.00
CA GLY A 44 -8.87 -2.81 7.35
C GLY A 44 -9.83 -2.22 6.33
N TYR A 45 -9.30 -1.87 5.16
CA TYR A 45 -10.12 -1.29 4.10
C TYR A 45 -11.27 -2.21 3.74
N ILE A 46 -12.30 -1.65 3.09
CA ILE A 46 -13.46 -2.42 2.69
C ILE A 46 -13.07 -3.52 1.71
N ASP A 47 -14.05 -4.36 1.37
CA ASP A 47 -13.81 -5.46 0.44
C ASP A 47 -14.86 -5.47 -0.66
N LEU A 48 -14.42 -5.23 -1.90
CA LEU A 48 -15.33 -5.22 -3.04
C LEU A 48 -14.60 -5.66 -4.32
N PRO A 49 -14.32 -6.97 -4.42
CA PRO A 49 -13.63 -7.53 -5.57
C PRO A 49 -14.50 -7.53 -6.83
N PRO A 50 -13.88 -7.79 -7.98
CA PRO A 50 -14.58 -7.83 -9.27
C PRO A 50 -15.51 -9.03 -9.39
N PRO A 51 -16.38 -9.00 -10.41
CA PRO A 51 -17.34 -10.08 -10.67
C PRO A 51 -16.67 -11.36 -11.13
N ARG A 52 -17.06 -12.48 -10.53
CA ARG A 52 -16.50 -13.78 -10.89
C ARG A 52 -16.92 -14.18 -12.31
N LEU A 53 -16.20 -15.14 -12.87
CA LEU A 53 -16.49 -15.62 -14.23
C LEU A 53 -16.02 -17.07 -14.41
N GLY A 54 -16.76 -17.83 -15.19
CA GLY A 54 -16.41 -19.21 -15.44
C GLY A 54 -15.12 -19.35 -16.22
N GLU A 55 -14.32 -20.36 -15.88
CA GLU A 55 -13.05 -20.61 -16.54
C GLU A 55 -13.28 -21.25 -17.91
N ASN A 56 -12.54 -20.76 -18.91
CA ASN A 56 -12.65 -21.29 -20.27
C ASN A 56 -12.06 -22.69 -20.36
N GLY A 57 -12.84 -23.62 -20.89
CA GLY A 57 -12.37 -24.99 -21.04
C GLY A 57 -11.06 -25.09 -21.78
N LEU A 58 -10.32 -26.16 -21.53
CA LEU A 58 -9.03 -26.36 -22.18
C LEU A 58 -9.09 -27.57 -23.13
N PRO A 59 -8.14 -27.60 -24.09
CA PRO A 59 -8.07 -28.69 -25.07
C PRO A 59 -7.62 -30.00 -24.43
N ILE A 60 -7.40 -31.02 -25.28
CA ILE A 60 -6.97 -32.32 -24.80
C ILE A 60 -5.71 -32.78 -25.53
N SER A 61 -5.16 -33.91 -25.09
CA SER A 61 -3.95 -34.45 -25.69
C SER A 61 -4.24 -35.79 -26.37
N GLY A 62 -3.33 -36.21 -27.23
CA GLY A 62 -3.50 -37.47 -27.94
C GLY A 62 -2.19 -38.23 -28.12
N PRO A 63 -2.26 -39.38 -28.78
CA PRO A 63 -1.09 -40.23 -29.03
C PRO A 63 -0.13 -39.61 -30.03
N SER A 64 1.16 -39.84 -29.84
CA SER A 64 2.18 -39.30 -30.72
C SER A 64 2.95 -40.42 -31.42
N SER A 65 3.89 -40.04 -32.28
CA SER A 65 4.69 -41.02 -33.02
C SER A 65 6.18 -40.82 -32.71
N GLY A 66 6.99 -41.83 -33.06
CA GLY A 66 8.41 -41.75 -32.82
C GLY A 66 9.19 -41.41 -34.07
N GLY A 1 2.62 23.40 -20.06
CA GLY A 1 3.75 22.88 -19.31
C GLY A 1 4.89 22.45 -20.22
N SER A 2 5.97 23.23 -20.22
CA SER A 2 7.12 22.93 -21.06
C SER A 2 8.38 22.80 -20.21
N SER A 3 8.52 23.68 -19.24
CA SER A 3 9.68 23.67 -18.35
C SER A 3 9.25 23.62 -16.89
N GLY A 4 9.07 22.42 -16.37
CA GLY A 4 8.66 22.26 -14.98
C GLY A 4 7.62 21.16 -14.81
N SER A 5 7.74 20.41 -13.72
CA SER A 5 6.81 19.32 -13.44
C SER A 5 6.95 18.83 -12.00
N SER A 6 5.83 18.48 -11.38
CA SER A 6 5.83 18.00 -10.01
C SER A 6 5.70 16.48 -9.96
N GLY A 7 6.81 15.81 -9.68
CA GLY A 7 6.81 14.36 -9.60
C GLY A 7 7.84 13.82 -8.63
N LEU A 8 9.10 13.85 -9.03
CA LEU A 8 10.18 13.36 -8.19
C LEU A 8 11.17 14.48 -7.86
N ARG A 9 11.02 15.06 -6.67
CA ARG A 9 11.90 16.14 -6.24
C ARG A 9 12.81 15.68 -5.10
N GLU A 10 12.28 14.82 -4.24
CA GLU A 10 13.04 14.31 -3.11
C GLU A 10 13.63 12.93 -3.43
N ALA A 11 13.11 12.31 -4.47
CA ALA A 11 13.59 10.99 -4.88
C ALA A 11 13.42 9.97 -3.77
N GLY A 12 12.42 10.18 -2.92
CA GLY A 12 12.17 9.27 -1.82
C GLY A 12 10.71 9.29 -1.37
N ILE A 13 10.43 10.06 -0.33
CA ILE A 13 9.07 10.17 0.19
C ILE A 13 8.09 10.61 -0.90
N LEU A 14 6.90 10.05 -0.87
CA LEU A 14 5.86 10.38 -1.85
C LEU A 14 4.47 10.24 -1.25
N PRO A 15 3.50 10.93 -1.85
CA PRO A 15 2.10 10.88 -1.39
C PRO A 15 1.45 9.53 -1.65
N CYS A 16 0.56 9.12 -0.75
CA CYS A 16 -0.13 7.85 -0.88
C CYS A 16 -0.95 7.81 -2.17
N GLY A 17 -0.59 6.89 -3.07
CA GLY A 17 -1.31 6.77 -4.33
C GLY A 17 -2.39 5.70 -4.28
N LEU A 18 -2.83 5.37 -3.08
CA LEU A 18 -3.87 4.35 -2.90
C LEU A 18 -5.20 4.99 -2.55
N CYS A 19 -5.16 6.01 -1.71
CA CYS A 19 -6.37 6.72 -1.30
C CYS A 19 -6.32 8.18 -1.74
N GLY A 20 -5.12 8.72 -1.84
CA GLY A 20 -4.97 10.11 -2.24
C GLY A 20 -4.49 11.00 -1.13
N LYS A 21 -3.89 10.40 -0.10
CA LYS A 21 -3.38 11.14 1.05
C LYS A 21 -1.94 11.57 0.81
N VAL A 22 -1.38 12.28 1.79
CA VAL A 22 0.00 12.75 1.70
C VAL A 22 0.75 12.52 3.01
N PHE A 23 1.98 12.01 2.89
CA PHE A 23 2.79 11.74 4.07
C PHE A 23 4.20 12.31 3.89
N THR A 24 4.90 12.49 5.00
CA THR A 24 6.26 13.02 4.97
C THR A 24 7.26 12.04 5.57
N ASP A 25 6.79 11.26 6.55
CA ASP A 25 7.64 10.27 7.21
C ASP A 25 7.39 8.88 6.65
N ALA A 26 8.48 8.22 6.23
CA ALA A 26 8.38 6.88 5.67
C ALA A 26 7.81 5.90 6.69
N ASN A 27 8.22 6.06 7.95
CA ASN A 27 7.75 5.18 9.02
C ASN A 27 6.26 5.38 9.27
N ARG A 28 5.80 6.62 9.12
CA ARG A 28 4.40 6.94 9.34
C ARG A 28 3.52 6.36 8.24
N LEU A 29 3.96 6.52 6.99
CA LEU A 29 3.22 6.02 5.84
C LEU A 29 3.23 4.49 5.82
N ARG A 30 4.27 3.90 6.41
CA ARG A 30 4.38 2.45 6.46
C ARG A 30 3.15 1.82 7.08
N GLN A 31 2.76 2.33 8.25
CA GLN A 31 1.59 1.82 8.95
C GLN A 31 0.31 2.13 8.19
N HIS A 32 0.27 3.30 7.55
CA HIS A 32 -0.89 3.72 6.78
C HIS A 32 -1.16 2.74 5.64
N GLU A 33 -0.10 2.20 5.06
CA GLU A 33 -0.22 1.25 3.95
C GLU A 33 -0.70 -0.11 4.46
N ALA A 34 -0.28 -0.45 5.67
CA ALA A 34 -0.65 -1.73 6.28
C ALA A 34 -2.16 -1.92 6.27
N GLN A 35 -2.89 -0.81 6.37
CA GLN A 35 -4.35 -0.86 6.37
C GLN A 35 -4.89 -1.09 4.96
N HIS A 36 -4.22 -0.50 3.97
CA HIS A 36 -4.64 -0.64 2.59
C HIS A 36 -4.49 -2.08 2.11
N GLY A 37 -3.56 -2.81 2.73
CA GLY A 37 -3.33 -4.19 2.36
C GLY A 37 -2.04 -4.38 1.58
N VAL A 38 -1.07 -3.51 1.81
CA VAL A 38 0.21 -3.58 1.13
C VAL A 38 1.13 -4.60 1.80
N THR A 39 1.83 -5.38 0.98
CA THR A 39 2.75 -6.40 1.50
C THR A 39 3.79 -5.78 2.42
N SER A 40 3.68 -6.09 3.71
CA SER A 40 4.61 -5.56 4.71
C SER A 40 4.60 -6.42 5.96
N LEU A 41 5.64 -6.26 6.79
CA LEU A 41 5.74 -7.01 8.03
C LEU A 41 5.30 -6.18 9.22
N GLN A 42 4.03 -5.77 9.21
CA GLN A 42 3.48 -4.96 10.29
C GLN A 42 3.14 -5.84 11.49
N LEU A 43 2.62 -7.03 11.23
CA LEU A 43 2.25 -7.95 12.30
C LEU A 43 3.44 -8.83 12.70
N GLY A 44 3.72 -8.86 14.00
CA GLY A 44 4.83 -9.66 14.50
C GLY A 44 4.48 -11.13 14.63
N TYR A 45 4.49 -11.84 13.51
CA TYR A 45 4.16 -13.26 13.50
C TYR A 45 5.40 -14.10 13.81
N ILE A 46 6.57 -13.58 13.45
CA ILE A 46 7.82 -14.29 13.68
C ILE A 46 8.46 -13.85 15.00
N ASP A 47 9.11 -14.78 15.67
CA ASP A 47 9.77 -14.50 16.94
C ASP A 47 11.27 -14.26 16.74
N LEU A 48 11.80 -13.23 17.38
CA LEU A 48 13.21 -12.89 17.27
C LEU A 48 13.66 -12.05 18.46
N PRO A 49 13.76 -12.68 19.63
CA PRO A 49 14.18 -12.01 20.86
C PRO A 49 15.66 -11.65 20.84
N PRO A 50 16.08 -10.80 21.80
CA PRO A 50 17.47 -10.36 21.92
C PRO A 50 18.41 -11.47 22.35
N PRO A 51 19.72 -11.23 22.23
CA PRO A 51 20.75 -12.20 22.61
C PRO A 51 20.83 -12.41 24.11
N ARG A 52 21.65 -13.37 24.53
CA ARG A 52 21.80 -13.67 25.95
C ARG A 52 22.22 -12.43 26.72
N LEU A 53 21.99 -12.45 28.03
CA LEU A 53 22.34 -11.32 28.89
C LEU A 53 23.80 -10.93 28.70
N GLY A 54 24.03 -9.74 28.16
CA GLY A 54 25.38 -9.27 27.94
C GLY A 54 25.43 -8.01 27.09
N GLU A 55 24.49 -7.10 27.34
CA GLU A 55 24.44 -5.84 26.58
C GLU A 55 23.94 -4.71 27.47
N ASN A 56 24.39 -3.49 27.16
CA ASN A 56 24.00 -2.31 27.92
C ASN A 56 23.00 -1.46 27.13
N GLY A 57 22.24 -0.65 27.85
CA GLY A 57 21.25 0.21 27.22
C GLY A 57 20.11 0.58 28.14
N LEU A 58 18.94 0.02 27.89
CA LEU A 58 17.76 0.30 28.70
C LEU A 58 17.01 -0.99 29.04
N PRO A 59 16.19 -0.94 30.09
CA PRO A 59 15.40 -2.09 30.54
C PRO A 59 14.28 -2.43 29.56
N ILE A 60 13.56 -3.51 29.86
CA ILE A 60 12.46 -3.95 29.00
C ILE A 60 11.18 -4.13 29.81
N SER A 61 10.05 -4.17 29.11
CA SER A 61 8.76 -4.33 29.76
C SER A 61 8.05 -5.58 29.25
N GLY A 62 6.92 -5.92 29.88
CA GLY A 62 6.16 -7.08 29.48
C GLY A 62 5.73 -7.92 30.66
N PRO A 63 4.76 -7.41 31.43
CA PRO A 63 4.23 -8.10 32.60
C PRO A 63 3.41 -9.34 32.24
N SER A 64 3.03 -10.12 33.24
CA SER A 64 2.26 -11.33 33.02
C SER A 64 0.90 -11.23 33.72
N SER A 65 0.11 -12.30 33.60
CA SER A 65 -1.22 -12.33 34.21
C SER A 65 -1.26 -13.33 35.37
N GLY A 66 -0.77 -12.89 36.53
CA GLY A 66 -0.76 -13.74 37.70
C GLY A 66 -2.02 -13.61 38.53
N GLY A 1 6.43 39.88 -2.70
CA GLY A 1 7.83 39.63 -2.40
C GLY A 1 8.42 38.53 -3.24
N SER A 2 9.22 37.67 -2.61
CA SER A 2 9.86 36.56 -3.31
C SER A 2 9.89 35.32 -2.43
N SER A 3 9.24 34.25 -2.89
CA SER A 3 9.19 33.00 -2.15
C SER A 3 9.16 31.81 -3.09
N GLY A 4 9.76 30.70 -2.67
CA GLY A 4 9.78 29.50 -3.49
C GLY A 4 11.16 28.89 -3.58
N SER A 5 11.21 27.60 -3.92
CA SER A 5 12.48 26.89 -4.03
C SER A 5 12.38 25.78 -5.07
N SER A 6 13.09 25.94 -6.18
CA SER A 6 13.10 24.95 -7.24
C SER A 6 13.80 23.67 -6.80
N GLY A 7 13.03 22.77 -6.18
CA GLY A 7 13.61 21.52 -5.72
C GLY A 7 12.65 20.74 -4.83
N LEU A 8 11.39 20.64 -5.26
CA LEU A 8 10.39 19.92 -4.49
C LEU A 8 10.13 18.53 -5.08
N ARG A 9 11.17 17.94 -5.66
CA ARG A 9 11.06 16.62 -6.27
C ARG A 9 12.33 15.82 -6.05
N GLU A 10 12.19 14.59 -5.56
CA GLU A 10 13.33 13.73 -5.29
C GLU A 10 12.88 12.30 -5.03
N ALA A 11 13.67 11.34 -5.47
CA ALA A 11 13.36 9.92 -5.27
C ALA A 11 13.39 9.55 -3.80
N GLY A 12 12.24 9.64 -3.13
CA GLY A 12 12.16 9.32 -1.72
C GLY A 12 10.74 9.35 -1.20
N ILE A 13 10.45 10.30 -0.33
CA ILE A 13 9.12 10.44 0.25
C ILE A 13 8.09 10.83 -0.81
N LEU A 14 6.93 10.20 -0.76
CA LEU A 14 5.87 10.48 -1.71
C LEU A 14 4.49 10.27 -1.09
N PRO A 15 3.46 10.90 -1.67
CA PRO A 15 2.08 10.79 -1.18
C PRO A 15 1.49 9.40 -1.42
N CYS A 16 0.52 9.03 -0.60
CA CYS A 16 -0.13 7.73 -0.72
C CYS A 16 -0.87 7.61 -2.05
N GLY A 17 -0.43 6.67 -2.88
CA GLY A 17 -1.06 6.47 -4.17
C GLY A 17 -2.12 5.39 -4.14
N LEU A 18 -2.83 5.30 -3.02
CA LEU A 18 -3.89 4.30 -2.87
C LEU A 18 -5.22 4.97 -2.55
N CYS A 19 -5.18 6.00 -1.72
CA CYS A 19 -6.38 6.73 -1.34
C CYS A 19 -6.31 8.19 -1.80
N GLY A 20 -5.09 8.72 -1.86
CA GLY A 20 -4.91 10.09 -2.28
C GLY A 20 -4.44 10.99 -1.15
N LYS A 21 -3.86 10.38 -0.12
CA LYS A 21 -3.37 11.14 1.02
C LYS A 21 -1.93 11.58 0.81
N VAL A 22 -1.38 12.29 1.79
CA VAL A 22 -0.01 12.77 1.70
C VAL A 22 0.74 12.55 3.02
N PHE A 23 1.96 12.05 2.92
CA PHE A 23 2.78 11.79 4.10
C PHE A 23 4.18 12.36 3.94
N THR A 24 4.86 12.56 5.05
CA THR A 24 6.22 13.11 5.03
C THR A 24 7.23 12.11 5.60
N ASP A 25 6.78 11.32 6.56
CA ASP A 25 7.64 10.32 7.19
C ASP A 25 7.39 8.94 6.60
N ALA A 26 8.47 8.25 6.23
CA ALA A 26 8.36 6.92 5.65
C ALA A 26 7.74 5.94 6.64
N ASN A 27 8.20 5.98 7.89
CA ASN A 27 7.67 5.10 8.93
C ASN A 27 6.17 5.31 9.12
N ARG A 28 5.75 6.56 9.06
CA ARG A 28 4.33 6.90 9.22
C ARG A 28 3.50 6.35 8.07
N LEU A 29 4.00 6.56 6.84
CA LEU A 29 3.30 6.09 5.66
C LEU A 29 3.27 4.57 5.60
N ARG A 30 4.27 3.94 6.23
CA ARG A 30 4.35 2.49 6.25
C ARG A 30 3.14 1.88 6.95
N GLN A 31 2.87 2.33 8.16
CA GLN A 31 1.75 1.83 8.93
C GLN A 31 0.43 2.12 8.22
N HIS A 32 0.39 3.21 7.48
CA HIS A 32 -0.81 3.60 6.74
C HIS A 32 -1.10 2.61 5.61
N GLU A 33 -0.04 2.21 4.91
CA GLU A 33 -0.18 1.27 3.80
C GLU A 33 -0.69 -0.08 4.30
N ALA A 34 -0.34 -0.42 5.53
CA ALA A 34 -0.76 -1.68 6.13
C ALA A 34 -2.28 -1.79 6.17
N GLN A 35 -2.94 -0.65 6.41
CA GLN A 35 -4.40 -0.62 6.48
C GLN A 35 -5.02 -0.90 5.11
N HIS A 36 -4.33 -0.47 4.06
CA HIS A 36 -4.82 -0.68 2.70
C HIS A 36 -4.72 -2.15 2.31
N GLY A 37 -3.70 -2.83 2.83
CA GLY A 37 -3.51 -4.23 2.52
C GLY A 37 -2.28 -4.48 1.69
N VAL A 38 -1.29 -3.60 1.81
CA VAL A 38 -0.05 -3.73 1.05
C VAL A 38 0.82 -4.86 1.61
N THR A 39 0.90 -4.93 2.93
CA THR A 39 1.71 -5.96 3.59
C THR A 39 0.87 -6.75 4.59
N SER A 40 1.06 -8.07 4.60
CA SER A 40 0.32 -8.93 5.52
C SER A 40 1.20 -9.36 6.68
N LEU A 41 2.49 -9.57 6.40
CA LEU A 41 3.43 -9.99 7.43
C LEU A 41 3.44 -9.03 8.60
N GLN A 42 3.14 -7.77 8.32
CA GLN A 42 3.11 -6.74 9.36
C GLN A 42 2.13 -7.12 10.46
N LEU A 43 2.61 -7.13 11.70
CA LEU A 43 1.77 -7.48 12.84
C LEU A 43 0.55 -6.58 12.93
N GLY A 44 -0.55 -7.11 13.45
CA GLY A 44 -1.76 -6.34 13.58
C GLY A 44 -1.85 -5.61 14.90
N TYR A 45 -3.05 -5.15 15.24
CA TYR A 45 -3.28 -4.43 16.49
C TYR A 45 -4.68 -4.67 17.02
N ILE A 46 -4.77 -5.02 18.30
CA ILE A 46 -6.06 -5.28 18.93
C ILE A 46 -6.89 -6.28 18.12
N ASP A 47 -6.24 -7.36 17.68
CA ASP A 47 -6.91 -8.38 16.90
C ASP A 47 -8.08 -8.99 17.67
N LEU A 48 -9.15 -9.30 16.96
CA LEU A 48 -10.34 -9.88 17.58
C LEU A 48 -10.65 -11.25 16.99
N PRO A 49 -9.80 -12.24 17.30
CA PRO A 49 -9.96 -13.60 16.80
C PRO A 49 -11.16 -14.31 17.44
N PRO A 50 -11.53 -15.47 16.86
CA PRO A 50 -12.66 -16.25 17.36
C PRO A 50 -12.37 -16.91 18.71
N PRO A 51 -13.41 -17.44 19.35
CA PRO A 51 -13.29 -18.10 20.66
C PRO A 51 -12.55 -19.43 20.56
N ARG A 52 -11.27 -19.41 20.91
CA ARG A 52 -10.44 -20.61 20.87
C ARG A 52 -10.44 -21.32 22.23
N LEU A 53 -10.82 -20.59 23.27
CA LEU A 53 -10.86 -21.13 24.62
C LEU A 53 -12.26 -21.63 24.96
N GLY A 54 -12.66 -22.73 24.33
CA GLY A 54 -13.96 -23.30 24.59
C GLY A 54 -13.89 -24.62 25.32
N GLU A 55 -13.42 -24.59 26.55
CA GLU A 55 -13.30 -25.81 27.36
C GLU A 55 -13.86 -25.60 28.75
N ASN A 56 -15.00 -26.22 29.02
CA ASN A 56 -15.66 -26.10 30.32
C ASN A 56 -15.95 -24.64 30.65
N GLY A 57 -16.13 -23.83 29.61
CA GLY A 57 -16.42 -22.42 29.81
C GLY A 57 -17.34 -21.86 28.75
N LEU A 58 -18.35 -21.12 29.18
CA LEU A 58 -19.31 -20.53 28.25
C LEU A 58 -18.82 -19.17 27.75
N PRO A 59 -19.36 -18.73 26.61
CA PRO A 59 -18.99 -17.45 26.00
C PRO A 59 -19.49 -16.26 26.81
N ILE A 60 -18.74 -15.16 26.78
CA ILE A 60 -19.11 -13.95 27.50
C ILE A 60 -19.47 -12.82 26.55
N SER A 61 -20.77 -12.60 26.36
CA SER A 61 -21.24 -11.55 25.47
C SER A 61 -20.91 -10.17 26.03
N GLY A 62 -20.87 -9.18 25.15
CA GLY A 62 -20.55 -7.83 25.58
C GLY A 62 -21.07 -6.78 24.60
N PRO A 63 -22.40 -6.59 24.57
CA PRO A 63 -23.04 -5.63 23.67
C PRO A 63 -22.75 -4.19 24.09
N SER A 64 -23.22 -3.24 23.28
CA SER A 64 -23.02 -1.82 23.56
C SER A 64 -24.32 -1.16 24.00
N SER A 65 -24.34 -0.65 25.23
CA SER A 65 -25.52 0.01 25.77
C SER A 65 -25.30 1.51 25.89
N GLY A 66 -26.34 2.23 26.31
CA GLY A 66 -26.24 3.66 26.47
C GLY A 66 -27.40 4.24 27.25
N GLY A 1 6.83 17.69 -27.31
CA GLY A 1 6.84 19.03 -26.78
C GLY A 1 8.24 19.50 -26.40
N SER A 2 8.41 19.91 -25.15
CA SER A 2 9.71 20.38 -24.67
C SER A 2 9.88 20.10 -23.19
N SER A 3 11.10 19.76 -22.79
CA SER A 3 11.40 19.46 -21.40
C SER A 3 12.89 19.60 -21.12
N GLY A 4 13.26 19.49 -19.84
CA GLY A 4 14.65 19.62 -19.46
C GLY A 4 14.82 20.24 -18.09
N SER A 5 14.21 19.63 -17.08
CA SER A 5 14.29 20.14 -15.71
C SER A 5 15.01 19.15 -14.81
N SER A 6 15.77 19.67 -13.84
CA SER A 6 16.51 18.82 -12.92
C SER A 6 15.85 18.81 -11.55
N GLY A 7 15.08 17.77 -11.27
CA GLY A 7 14.41 17.66 -9.99
C GLY A 7 15.11 16.72 -9.04
N LEU A 8 14.45 15.62 -8.68
CA LEU A 8 15.02 14.65 -7.77
C LEU A 8 15.29 13.32 -8.48
N ARG A 9 16.53 12.86 -8.41
CA ARG A 9 16.91 11.59 -9.05
C ARG A 9 16.17 10.42 -8.42
N GLU A 10 16.48 10.14 -7.15
CA GLU A 10 15.84 9.04 -6.44
C GLU A 10 14.60 9.53 -5.70
N ALA A 11 13.44 9.04 -6.13
CA ALA A 11 12.17 9.41 -5.51
C ALA A 11 11.86 8.52 -4.32
N GLY A 12 12.03 9.07 -3.11
CA GLY A 12 11.76 8.31 -1.90
C GLY A 12 10.35 8.51 -1.39
N ILE A 13 10.21 9.35 -0.37
CA ILE A 13 8.90 9.63 0.21
C ILE A 13 7.93 10.16 -0.84
N LEU A 14 6.70 9.63 -0.83
CA LEU A 14 5.69 10.05 -1.77
C LEU A 14 4.29 9.93 -1.16
N PRO A 15 3.33 10.68 -1.73
CA PRO A 15 1.94 10.67 -1.26
C PRO A 15 1.24 9.36 -1.57
N CYS A 16 0.34 8.94 -0.67
CA CYS A 16 -0.40 7.70 -0.86
C CYS A 16 -1.16 7.70 -2.18
N GLY A 17 -0.77 6.81 -3.09
CA GLY A 17 -1.43 6.73 -4.38
C GLY A 17 -2.54 5.70 -4.40
N LEU A 18 -3.18 5.49 -3.26
CA LEU A 18 -4.26 4.53 -3.15
C LEU A 18 -5.57 5.21 -2.77
N CYS A 19 -5.49 6.17 -1.85
CA CYS A 19 -6.66 6.90 -1.40
C CYS A 19 -6.56 8.38 -1.78
N GLY A 20 -5.34 8.91 -1.73
CA GLY A 20 -5.13 10.31 -2.07
C GLY A 20 -4.58 11.10 -0.91
N LYS A 21 -4.01 10.40 0.07
CA LYS A 21 -3.44 11.06 1.25
C LYS A 21 -1.98 11.44 1.01
N VAL A 22 -1.44 12.28 1.88
CA VAL A 22 -0.05 12.71 1.77
C VAL A 22 0.72 12.43 3.06
N PHE A 23 1.92 11.89 2.91
CA PHE A 23 2.76 11.57 4.06
C PHE A 23 4.20 12.04 3.83
N THR A 24 4.89 12.37 4.92
CA THR A 24 6.26 12.83 4.84
C THR A 24 7.21 11.86 5.55
N ASP A 25 6.84 11.45 6.76
CA ASP A 25 7.65 10.53 7.53
C ASP A 25 7.47 9.09 7.03
N ALA A 26 8.58 8.43 6.76
CA ALA A 26 8.56 7.05 6.27
C ALA A 26 7.83 6.14 7.26
N ASN A 27 8.20 6.24 8.53
CA ASN A 27 7.58 5.43 9.58
C ASN A 27 6.08 5.67 9.63
N ARG A 28 5.67 6.90 9.37
CA ARG A 28 4.26 7.26 9.39
C ARG A 28 3.49 6.54 8.28
N LEU A 29 4.01 6.64 7.06
CA LEU A 29 3.37 5.99 5.91
C LEU A 29 3.51 4.47 5.99
N ARG A 30 4.55 4.02 6.68
CA ARG A 30 4.80 2.59 6.84
C ARG A 30 3.59 1.90 7.46
N GLN A 31 2.80 2.65 8.21
CA GLN A 31 1.61 2.11 8.86
C GLN A 31 0.37 2.32 7.99
N HIS A 32 0.35 3.44 7.29
CA HIS A 32 -0.78 3.76 6.41
C HIS A 32 -0.81 2.85 5.20
N GLU A 33 0.37 2.45 4.72
CA GLU A 33 0.47 1.57 3.57
C GLU A 33 0.02 0.16 3.91
N ALA A 34 0.21 -0.23 5.17
CA ALA A 34 -0.17 -1.55 5.63
C ALA A 34 -1.70 -1.69 5.70
N GLN A 35 -2.37 -0.57 5.96
CA GLN A 35 -3.82 -0.58 6.04
C GLN A 35 -4.45 -1.02 4.73
N HIS A 36 -4.17 -0.28 3.66
CA HIS A 36 -4.70 -0.60 2.34
C HIS A 36 -4.39 -2.04 1.96
N GLY A 37 -3.12 -2.42 2.14
CA GLY A 37 -2.71 -3.78 1.81
C GLY A 37 -1.47 -3.81 0.94
N VAL A 38 -0.56 -2.87 1.18
CA VAL A 38 0.67 -2.79 0.41
C VAL A 38 1.65 -3.88 0.83
N THR A 39 2.39 -4.40 -0.14
CA THR A 39 3.37 -5.46 0.12
C THR A 39 4.32 -5.07 1.26
N SER A 40 4.38 -5.90 2.29
CA SER A 40 5.25 -5.63 3.43
C SER A 40 5.25 -6.82 4.39
N LEU A 41 6.20 -6.81 5.33
CA LEU A 41 6.31 -7.88 6.31
C LEU A 41 5.24 -7.75 7.38
N GLN A 42 4.78 -6.52 7.62
CA GLN A 42 3.75 -6.27 8.62
C GLN A 42 2.51 -7.12 8.35
N LEU A 43 2.37 -8.20 9.11
CA LEU A 43 1.22 -9.09 8.95
C LEU A 43 -0.09 -8.31 9.04
N GLY A 44 -1.14 -8.86 8.43
CA GLY A 44 -2.43 -8.21 8.45
C GLY A 44 -3.57 -9.19 8.65
N TYR A 45 -4.51 -8.84 9.51
CA TYR A 45 -5.65 -9.70 9.79
C TYR A 45 -6.88 -9.24 9.00
N ILE A 46 -6.94 -7.96 8.70
CA ILE A 46 -8.05 -7.39 7.95
C ILE A 46 -8.18 -8.05 6.58
N ASP A 47 -9.41 -8.33 6.17
CA ASP A 47 -9.67 -8.95 4.87
C ASP A 47 -9.06 -8.13 3.75
N LEU A 48 -8.86 -8.76 2.60
CA LEU A 48 -8.30 -8.10 1.43
C LEU A 48 -9.06 -8.44 0.17
N PRO A 49 -9.00 -7.54 -0.83
CA PRO A 49 -9.69 -7.73 -2.11
C PRO A 49 -9.06 -8.85 -2.94
N PRO A 50 -9.77 -9.26 -4.01
CA PRO A 50 -9.30 -10.32 -4.90
C PRO A 50 -8.11 -9.88 -5.75
N PRO A 51 -7.46 -10.85 -6.40
CA PRO A 51 -6.28 -10.59 -7.25
C PRO A 51 -6.65 -9.84 -8.52
N ARG A 52 -5.64 -9.48 -9.30
CA ARG A 52 -5.87 -8.75 -10.56
C ARG A 52 -5.52 -9.63 -11.75
N LEU A 53 -6.53 -10.29 -12.31
CA LEU A 53 -6.34 -11.16 -13.47
C LEU A 53 -6.60 -10.41 -14.77
N GLY A 54 -5.87 -9.32 -14.96
CA GLY A 54 -6.03 -8.52 -16.17
C GLY A 54 -5.58 -9.26 -17.41
N GLU A 55 -5.94 -8.72 -18.58
CA GLU A 55 -5.58 -9.34 -19.85
C GLU A 55 -4.31 -8.70 -20.42
N ASN A 56 -3.17 -9.33 -20.17
CA ASN A 56 -1.89 -8.82 -20.65
C ASN A 56 -1.82 -8.90 -22.18
N GLY A 57 -1.81 -7.73 -22.81
CA GLY A 57 -1.74 -7.69 -24.27
C GLY A 57 -0.54 -8.43 -24.82
N LEU A 58 -0.79 -9.40 -25.69
CA LEU A 58 0.29 -10.19 -26.29
C LEU A 58 0.63 -9.66 -27.67
N PRO A 59 1.85 -9.99 -28.15
CA PRO A 59 2.32 -9.57 -29.46
C PRO A 59 1.59 -10.26 -30.61
N ILE A 60 1.94 -9.91 -31.84
CA ILE A 60 1.30 -10.51 -33.01
C ILE A 60 1.79 -11.93 -33.23
N SER A 61 1.00 -12.90 -32.76
CA SER A 61 1.34 -14.31 -32.91
C SER A 61 1.26 -14.74 -34.37
N GLY A 62 1.58 -16.00 -34.62
CA GLY A 62 1.54 -16.53 -35.97
C GLY A 62 2.92 -16.75 -36.55
N PRO A 63 2.98 -17.34 -37.75
CA PRO A 63 4.24 -17.63 -38.44
C PRO A 63 4.95 -16.36 -38.92
N SER A 64 6.04 -16.54 -39.64
CA SER A 64 6.81 -15.41 -40.16
C SER A 64 7.64 -15.81 -41.36
N SER A 65 7.89 -14.86 -42.26
CA SER A 65 8.67 -15.13 -43.47
C SER A 65 10.10 -14.65 -43.30
N GLY A 66 11.00 -15.58 -43.00
CA GLY A 66 12.40 -15.24 -42.82
C GLY A 66 13.32 -16.42 -43.00
N GLY A 1 2.35 26.16 -23.91
CA GLY A 1 1.33 25.97 -22.90
C GLY A 1 1.91 25.63 -21.55
N SER A 2 1.38 24.57 -20.94
CA SER A 2 1.85 24.13 -19.62
C SER A 2 3.36 23.92 -19.63
N SER A 3 4.01 24.35 -18.56
CA SER A 3 5.46 24.21 -18.43
C SER A 3 5.86 22.74 -18.37
N GLY A 4 5.32 22.02 -17.39
CA GLY A 4 5.64 20.62 -17.23
C GLY A 4 6.92 20.40 -16.47
N SER A 5 7.01 20.98 -15.28
CA SER A 5 8.20 20.84 -14.44
C SER A 5 8.36 19.41 -13.94
N SER A 6 9.41 19.17 -13.19
CA SER A 6 9.68 17.84 -12.65
C SER A 6 9.41 17.79 -11.15
N GLY A 7 9.63 18.92 -10.48
CA GLY A 7 9.40 18.99 -9.04
C GLY A 7 10.51 18.33 -8.25
N LEU A 8 10.60 17.01 -8.35
CA LEU A 8 11.63 16.26 -7.63
C LEU A 8 12.01 15.00 -8.39
N ARG A 9 13.26 14.58 -8.23
CA ARG A 9 13.75 13.38 -8.91
C ARG A 9 14.26 12.35 -7.89
N GLU A 10 15.20 12.77 -7.05
CA GLU A 10 15.77 11.89 -6.04
C GLU A 10 14.98 12.00 -4.74
N ALA A 11 13.82 11.35 -4.69
CA ALA A 11 12.97 11.37 -3.51
C ALA A 11 12.31 10.02 -3.29
N GLY A 12 12.50 9.46 -2.10
CA GLY A 12 11.91 8.17 -1.78
C GLY A 12 10.50 8.29 -1.21
N ILE A 13 10.21 9.43 -0.60
CA ILE A 13 8.91 9.68 -0.01
C ILE A 13 7.92 10.19 -1.07
N LEU A 14 6.70 9.67 -1.02
CA LEU A 14 5.66 10.08 -1.96
C LEU A 14 4.28 9.98 -1.33
N PRO A 15 3.31 10.72 -1.89
CA PRO A 15 1.93 10.73 -1.41
C PRO A 15 1.21 9.42 -1.68
N CYS A 16 0.36 9.01 -0.75
CA CYS A 16 -0.39 7.77 -0.89
C CYS A 16 -1.19 7.76 -2.19
N GLY A 17 -0.80 6.88 -3.11
CA GLY A 17 -1.50 6.79 -4.38
C GLY A 17 -2.59 5.74 -4.37
N LEU A 18 -3.24 5.58 -3.23
CA LEU A 18 -4.31 4.59 -3.10
C LEU A 18 -5.62 5.26 -2.74
N CYS A 19 -5.58 6.18 -1.78
CA CYS A 19 -6.77 6.90 -1.35
C CYS A 19 -6.68 8.37 -1.72
N GLY A 20 -5.45 8.89 -1.79
CA GLY A 20 -5.24 10.28 -2.12
C GLY A 20 -4.70 11.09 -0.96
N LYS A 21 -4.08 10.40 -0.01
CA LYS A 21 -3.51 11.05 1.16
C LYS A 21 -2.05 11.44 0.91
N VAL A 22 -1.44 12.09 1.90
CA VAL A 22 -0.05 12.53 1.77
C VAL A 22 0.71 12.25 3.06
N PHE A 23 1.93 11.72 2.92
CA PHE A 23 2.77 11.41 4.07
C PHE A 23 4.20 11.87 3.85
N THR A 24 4.88 12.21 4.93
CA THR A 24 6.27 12.68 4.85
C THR A 24 7.21 11.72 5.58
N ASP A 25 6.82 11.30 6.77
CA ASP A 25 7.62 10.39 7.57
C ASP A 25 7.48 8.95 7.06
N ALA A 26 8.58 8.37 6.62
CA ALA A 26 8.57 7.00 6.11
C ALA A 26 7.92 6.06 7.11
N ASN A 27 8.17 6.29 8.39
CA ASN A 27 7.62 5.46 9.45
C ASN A 27 6.11 5.62 9.53
N ARG A 28 5.64 6.85 9.34
CA ARG A 28 4.21 7.15 9.40
C ARG A 28 3.46 6.40 8.30
N LEU A 29 3.95 6.52 7.07
CA LEU A 29 3.32 5.86 5.93
C LEU A 29 3.43 4.35 6.05
N ARG A 30 4.46 3.88 6.74
CA ARG A 30 4.68 2.46 6.95
C ARG A 30 3.47 1.81 7.61
N GLN A 31 2.72 2.61 8.36
CA GLN A 31 1.54 2.11 9.06
C GLN A 31 0.28 2.32 8.21
N HIS A 32 0.23 3.44 7.49
CA HIS A 32 -0.90 3.76 6.65
C HIS A 32 -0.95 2.83 5.44
N GLU A 33 0.10 2.86 4.63
CA GLU A 33 0.18 2.02 3.44
C GLU A 33 -0.05 0.56 3.79
N ALA A 34 0.33 0.18 5.00
CA ALA A 34 0.16 -1.20 5.46
C ALA A 34 -1.31 -1.56 5.59
N GLN A 35 -2.12 -0.59 5.98
CA GLN A 35 -3.56 -0.80 6.14
C GLN A 35 -4.23 -1.09 4.79
N HIS A 36 -3.90 -0.26 3.80
CA HIS A 36 -4.47 -0.43 2.46
C HIS A 36 -4.21 -1.83 1.93
N GLY A 37 -3.12 -2.44 2.40
CA GLY A 37 -2.78 -3.78 1.96
C GLY A 37 -1.51 -3.80 1.13
N VAL A 38 -0.65 -2.81 1.33
CA VAL A 38 0.60 -2.72 0.60
C VAL A 38 1.64 -3.68 1.17
N THR A 39 2.46 -4.25 0.28
CA THR A 39 3.49 -5.19 0.69
C THR A 39 4.37 -4.60 1.80
N SER A 40 4.33 -5.22 2.97
CA SER A 40 5.11 -4.75 4.11
C SER A 40 5.27 -5.86 5.15
N LEU A 41 6.10 -5.61 6.16
CA LEU A 41 6.33 -6.58 7.22
C LEU A 41 5.05 -6.84 8.00
N GLN A 42 4.25 -5.81 8.19
CA GLN A 42 2.99 -5.93 8.92
C GLN A 42 2.03 -6.85 8.18
N LEU A 43 1.41 -7.77 8.91
CA LEU A 43 0.45 -8.71 8.32
C LEU A 43 -0.93 -8.08 8.20
N GLY A 44 -1.80 -8.72 7.43
CA GLY A 44 -3.15 -8.20 7.25
C GLY A 44 -4.00 -9.11 6.38
N TYR A 45 -4.17 -10.36 6.82
CA TYR A 45 -4.96 -11.33 6.08
C TYR A 45 -6.33 -10.74 5.71
N ILE A 46 -6.89 -9.95 6.61
CA ILE A 46 -8.19 -9.33 6.38
C ILE A 46 -8.30 -8.00 7.12
N ASP A 47 -8.79 -6.98 6.43
CA ASP A 47 -8.95 -5.67 7.02
C ASP A 47 -10.34 -5.10 6.71
N LEU A 48 -10.86 -4.31 7.63
CA LEU A 48 -12.18 -3.70 7.46
C LEU A 48 -12.40 -2.58 8.48
N PRO A 49 -11.71 -1.44 8.27
CA PRO A 49 -11.81 -0.28 9.15
C PRO A 49 -13.18 0.41 9.04
N PRO A 50 -13.45 1.32 9.98
CA PRO A 50 -14.71 2.07 10.01
C PRO A 50 -14.81 3.07 8.86
N PRO A 51 -16.02 3.62 8.66
CA PRO A 51 -16.27 4.60 7.60
C PRO A 51 -15.61 5.95 7.88
N ARG A 52 -15.00 6.53 6.87
CA ARG A 52 -14.33 7.81 7.00
C ARG A 52 -15.12 8.92 6.31
N LEU A 53 -15.03 10.13 6.86
CA LEU A 53 -15.74 11.27 6.30
C LEU A 53 -14.82 12.48 6.20
N GLY A 54 -14.60 12.95 4.97
CA GLY A 54 -13.75 14.10 4.75
C GLY A 54 -13.44 14.34 3.30
N GLU A 55 -14.41 14.88 2.57
CA GLU A 55 -14.24 15.15 1.15
C GLU A 55 -14.09 16.65 0.89
N ASN A 56 -12.86 17.14 0.94
CA ASN A 56 -12.59 18.55 0.72
C ASN A 56 -11.13 18.77 0.32
N GLY A 57 -10.76 20.02 0.10
CA GLY A 57 -9.40 20.35 -0.28
C GLY A 57 -8.45 20.35 0.90
N LEU A 58 -7.42 21.18 0.83
CA LEU A 58 -6.43 21.27 1.91
C LEU A 58 -5.72 22.62 1.87
N PRO A 59 -5.12 23.00 3.01
CA PRO A 59 -4.39 24.25 3.14
C PRO A 59 -3.09 24.26 2.34
N ILE A 60 -2.51 25.44 2.15
CA ILE A 60 -1.27 25.57 1.40
C ILE A 60 -0.07 25.60 2.35
N SER A 61 0.59 24.45 2.47
CA SER A 61 1.76 24.34 3.34
C SER A 61 3.05 24.51 2.56
N GLY A 62 3.98 25.30 3.09
CA GLY A 62 5.24 25.53 2.41
C GLY A 62 6.22 26.31 3.27
N PRO A 63 6.78 25.62 4.28
CA PRO A 63 7.75 26.23 5.19
C PRO A 63 9.09 26.52 4.52
N SER A 64 9.57 25.57 3.72
CA SER A 64 10.84 25.72 3.03
C SER A 64 11.96 26.04 4.00
N SER A 65 11.90 25.44 5.19
CA SER A 65 12.90 25.67 6.22
C SER A 65 13.10 24.41 7.06
N GLY A 66 14.33 23.89 7.06
CA GLY A 66 14.62 22.69 7.83
C GLY A 66 15.98 22.76 8.50
N GLY A 1 -5.75 30.78 -3.46
CA GLY A 1 -5.41 32.13 -3.06
C GLY A 1 -3.91 32.38 -3.00
N SER A 2 -3.49 33.28 -2.13
CA SER A 2 -2.08 33.61 -1.99
C SER A 2 -1.26 32.37 -1.63
N SER A 3 -0.41 31.94 -2.56
CA SER A 3 0.42 30.76 -2.35
C SER A 3 1.60 30.75 -3.31
N GLY A 4 2.79 30.47 -2.78
CA GLY A 4 3.98 30.43 -3.61
C GLY A 4 4.01 29.23 -4.53
N SER A 5 5.02 28.38 -4.36
CA SER A 5 5.16 27.18 -5.18
C SER A 5 5.94 26.09 -4.43
N SER A 6 5.67 24.85 -4.79
CA SER A 6 6.34 23.72 -4.15
C SER A 6 7.27 23.02 -5.13
N GLY A 7 8.58 23.24 -4.96
CA GLY A 7 9.56 22.63 -5.84
C GLY A 7 10.31 21.50 -5.16
N LEU A 8 9.95 20.26 -5.49
CA LEU A 8 10.59 19.09 -4.90
C LEU A 8 11.49 18.40 -5.92
N ARG A 9 12.72 18.10 -5.51
CA ARG A 9 13.68 17.45 -6.40
C ARG A 9 14.07 16.07 -5.84
N GLU A 10 14.27 16.01 -4.52
CA GLU A 10 14.66 14.76 -3.87
C GLU A 10 13.53 13.73 -3.96
N ALA A 11 13.91 12.49 -4.21
CA ALA A 11 12.92 11.41 -4.32
C ALA A 11 12.80 10.65 -3.00
N GLY A 12 11.97 9.60 -3.00
CA GLY A 12 11.77 8.81 -1.80
C GLY A 12 10.39 9.00 -1.20
N ILE A 13 10.25 10.01 -0.35
CA ILE A 13 8.97 10.29 0.29
C ILE A 13 7.94 10.77 -0.72
N LEU A 14 6.77 10.15 -0.70
CA LEU A 14 5.69 10.52 -1.62
C LEU A 14 4.33 10.27 -0.98
N PRO A 15 3.30 10.95 -1.51
CA PRO A 15 1.92 10.82 -1.01
C PRO A 15 1.31 9.47 -1.35
N CYS A 16 0.48 8.96 -0.45
CA CYS A 16 -0.16 7.67 -0.65
C CYS A 16 -0.86 7.62 -2.01
N GLY A 17 -0.39 6.74 -2.89
CA GLY A 17 -0.98 6.61 -4.21
C GLY A 17 -2.05 5.54 -4.25
N LEU A 18 -2.61 5.21 -3.10
CA LEU A 18 -3.66 4.20 -3.02
C LEU A 18 -5.02 4.84 -2.81
N CYS A 19 -5.07 5.85 -1.96
CA CYS A 19 -6.33 6.55 -1.67
C CYS A 19 -6.23 8.02 -2.06
N GLY A 20 -5.02 8.57 -1.94
CA GLY A 20 -4.81 9.97 -2.29
C GLY A 20 -4.41 10.81 -1.08
N LYS A 21 -3.79 10.17 -0.10
CA LYS A 21 -3.36 10.86 1.11
C LYS A 21 -1.94 11.41 0.95
N VAL A 22 -1.44 12.06 1.99
CA VAL A 22 -0.11 12.63 1.97
C VAL A 22 0.63 12.36 3.28
N PHE A 23 1.91 12.04 3.17
CA PHE A 23 2.73 11.76 4.35
C PHE A 23 4.11 12.39 4.21
N THR A 24 4.85 12.42 5.32
CA THR A 24 6.19 13.01 5.32
C THR A 24 7.24 11.96 5.71
N ASP A 25 7.04 11.34 6.87
CA ASP A 25 7.97 10.32 7.35
C ASP A 25 7.75 9.01 6.62
N ALA A 26 8.85 8.31 6.33
CA ALA A 26 8.77 7.02 5.63
C ALA A 26 7.98 6.01 6.45
N ASN A 27 8.47 5.71 7.65
CA ASN A 27 7.81 4.75 8.52
C ASN A 27 6.34 5.11 8.73
N ARG A 28 6.07 6.40 8.93
CA ARG A 28 4.72 6.88 9.13
C ARG A 28 3.81 6.47 7.97
N LEU A 29 4.28 6.71 6.75
CA LEU A 29 3.51 6.37 5.57
C LEU A 29 3.20 4.87 5.53
N ARG A 30 4.17 4.07 5.96
CA ARG A 30 4.01 2.61 5.98
C ARG A 30 2.83 2.22 6.86
N GLN A 31 2.67 2.92 7.98
CA GLN A 31 1.59 2.64 8.91
C GLN A 31 0.24 2.61 8.19
N HIS A 32 -0.08 3.70 7.49
CA HIS A 32 -1.33 3.79 6.75
C HIS A 32 -1.46 2.66 5.73
N GLU A 33 -0.42 2.49 4.92
CA GLU A 33 -0.40 1.46 3.90
C GLU A 33 -0.74 0.10 4.50
N ALA A 34 -0.36 -0.08 5.77
CA ALA A 34 -0.62 -1.35 6.46
C ALA A 34 -2.10 -1.71 6.42
N GLN A 35 -2.95 -0.69 6.31
CA GLN A 35 -4.39 -0.90 6.26
C GLN A 35 -4.84 -1.25 4.84
N HIS A 36 -4.31 -0.53 3.86
CA HIS A 36 -4.66 -0.76 2.46
C HIS A 36 -4.45 -2.23 2.09
N GLY A 37 -3.50 -2.88 2.76
CA GLY A 37 -3.22 -4.27 2.49
C GLY A 37 -1.79 -4.48 2.02
N VAL A 38 -0.92 -3.52 2.31
CA VAL A 38 0.48 -3.62 1.90
C VAL A 38 1.29 -4.41 2.93
N THR A 39 2.13 -5.32 2.43
CA THR A 39 2.96 -6.14 3.29
C THR A 39 3.89 -5.28 4.14
N SER A 40 3.86 -5.50 5.45
CA SER A 40 4.70 -4.74 6.37
C SER A 40 4.81 -5.45 7.72
N LEU A 41 5.81 -5.05 8.51
CA LEU A 41 6.02 -5.65 9.82
C LEU A 41 5.08 -5.03 10.86
N GLN A 42 3.78 -5.12 10.60
CA GLN A 42 2.79 -4.57 11.52
C GLN A 42 2.46 -5.56 12.63
N LEU A 43 2.64 -5.12 13.87
CA LEU A 43 2.36 -5.98 15.02
C LEU A 43 1.73 -5.16 16.16
N GLY A 44 0.48 -5.47 16.47
CA GLY A 44 -0.22 -4.77 17.53
C GLY A 44 -1.00 -3.57 17.02
N TYR A 45 -2.30 -3.75 16.82
CA TYR A 45 -3.16 -2.69 16.33
C TYR A 45 -3.11 -1.47 17.26
N ILE A 46 -3.53 -0.33 16.75
CA ILE A 46 -3.55 0.90 17.54
C ILE A 46 -4.85 1.05 18.30
N ASP A 47 -4.75 1.29 19.60
CA ASP A 47 -5.93 1.46 20.44
C ASP A 47 -5.98 2.86 21.02
N LEU A 48 -7.19 3.41 21.14
CA LEU A 48 -7.37 4.75 21.68
C LEU A 48 -6.60 5.78 20.86
N PRO A 49 -7.08 6.05 19.64
CA PRO A 49 -6.45 7.01 18.74
C PRO A 49 -6.61 8.46 19.22
N PRO A 50 -5.85 9.37 18.61
CA PRO A 50 -5.89 10.80 18.96
C PRO A 50 -7.20 11.46 18.55
N PRO A 51 -7.44 12.68 19.06
CA PRO A 51 -8.64 13.45 18.76
C PRO A 51 -8.69 13.93 17.31
N ARG A 52 -9.77 14.60 16.95
CA ARG A 52 -9.93 15.12 15.59
C ARG A 52 -8.75 16.00 15.21
N LEU A 53 -8.46 16.06 13.91
CA LEU A 53 -7.36 16.87 13.41
C LEU A 53 -7.87 17.99 12.51
N GLY A 54 -8.94 17.71 11.78
CA GLY A 54 -9.51 18.71 10.89
C GLY A 54 -8.98 18.61 9.48
N GLU A 55 -7.79 19.16 9.26
CA GLU A 55 -7.17 19.13 7.94
C GLU A 55 -5.67 18.85 8.05
N ASN A 56 -5.27 17.64 7.71
CA ASN A 56 -3.86 17.25 7.78
C ASN A 56 -3.38 16.74 6.42
N GLY A 57 -2.67 17.58 5.69
CA GLY A 57 -2.15 17.19 4.39
C GLY A 57 -2.24 18.31 3.38
N LEU A 58 -1.45 18.21 2.31
CA LEU A 58 -1.44 19.22 1.27
C LEU A 58 -1.46 18.58 -0.12
N PRO A 59 -2.67 18.20 -0.58
CA PRO A 59 -2.85 17.58 -1.89
C PRO A 59 -2.60 18.54 -3.04
N ILE A 60 -1.36 18.58 -3.52
CA ILE A 60 -0.99 19.46 -4.62
C ILE A 60 -0.42 18.66 -5.79
N SER A 61 -1.28 18.38 -6.78
CA SER A 61 -0.87 17.62 -7.95
C SER A 61 0.12 18.44 -8.80
N GLY A 62 0.90 17.73 -9.61
CA GLY A 62 1.87 18.40 -10.46
C GLY A 62 2.76 17.42 -11.21
N PRO A 63 3.66 16.77 -10.48
CA PRO A 63 4.60 15.79 -11.07
C PRO A 63 3.89 14.51 -11.51
N SER A 64 3.63 14.40 -12.81
CA SER A 64 2.96 13.24 -13.36
C SER A 64 3.81 12.60 -14.46
N SER A 65 3.61 11.29 -14.66
CA SER A 65 4.36 10.55 -15.66
C SER A 65 5.86 10.76 -15.50
N GLY A 66 6.35 10.46 -14.30
CA GLY A 66 7.77 10.62 -14.02
C GLY A 66 8.54 9.32 -14.15
N GLY A 1 21.78 8.66 -23.37
CA GLY A 1 21.25 8.34 -22.06
C GLY A 1 20.23 7.22 -22.10
N SER A 2 20.35 6.36 -23.10
CA SER A 2 19.43 5.23 -23.25
C SER A 2 19.56 4.26 -22.08
N SER A 3 18.43 3.68 -21.68
CA SER A 3 18.41 2.73 -20.58
C SER A 3 18.88 3.40 -19.28
N GLY A 4 18.24 4.51 -18.93
CA GLY A 4 18.60 5.22 -17.72
C GLY A 4 17.40 5.68 -16.94
N SER A 5 16.43 4.79 -16.76
CA SER A 5 15.21 5.12 -16.03
C SER A 5 14.89 4.03 -15.00
N SER A 6 14.89 2.78 -15.45
CA SER A 6 14.60 1.65 -14.57
C SER A 6 15.55 1.63 -13.38
N GLY A 7 15.01 1.91 -12.20
CA GLY A 7 15.83 1.92 -10.99
C GLY A 7 15.03 2.25 -9.75
N LEU A 8 15.71 2.39 -8.63
CA LEU A 8 15.05 2.72 -7.36
C LEU A 8 14.99 4.23 -7.15
N ARG A 9 14.34 4.92 -8.08
CA ARG A 9 14.20 6.37 -7.98
C ARG A 9 12.74 6.77 -7.82
N GLU A 10 12.27 6.77 -6.59
CA GLU A 10 10.89 7.13 -6.29
C GLU A 10 10.82 8.47 -5.54
N ALA A 11 11.81 9.32 -5.78
CA ALA A 11 11.85 10.62 -5.13
C ALA A 11 11.83 10.48 -3.61
N GLY A 12 12.28 9.32 -3.12
CA GLY A 12 12.30 9.08 -1.69
C GLY A 12 10.90 9.03 -1.09
N ILE A 13 10.42 10.17 -0.62
CA ILE A 13 9.09 10.24 -0.01
C ILE A 13 8.05 10.66 -1.04
N LEU A 14 6.87 10.05 -0.96
CA LEU A 14 5.79 10.35 -1.89
C LEU A 14 4.43 10.15 -1.22
N PRO A 15 3.40 10.80 -1.77
CA PRO A 15 2.02 10.70 -1.24
C PRO A 15 1.42 9.33 -1.48
N CYS A 16 0.36 9.01 -0.73
CA CYS A 16 -0.31 7.73 -0.85
C CYS A 16 -1.08 7.65 -2.17
N GLY A 17 -0.66 6.74 -3.04
CA GLY A 17 -1.32 6.58 -4.32
C GLY A 17 -2.40 5.52 -4.29
N LEU A 18 -3.17 5.50 -3.21
CA LEU A 18 -4.25 4.52 -3.06
C LEU A 18 -5.57 5.21 -2.73
N CYS A 19 -5.51 6.18 -1.83
CA CYS A 19 -6.70 6.91 -1.42
C CYS A 19 -6.58 8.39 -1.80
N GLY A 20 -5.35 8.87 -1.88
CA GLY A 20 -5.12 10.27 -2.25
C GLY A 20 -4.57 11.08 -1.10
N LYS A 21 -4.01 10.40 -0.10
CA LYS A 21 -3.44 11.08 1.06
C LYS A 21 -1.97 11.42 0.82
N VAL A 22 -1.36 12.07 1.80
CA VAL A 22 0.04 12.46 1.70
C VAL A 22 0.78 12.19 3.02
N PHE A 23 2.00 11.68 2.91
CA PHE A 23 2.80 11.37 4.09
C PHE A 23 4.24 11.86 3.90
N THR A 24 4.85 12.31 5.00
CA THR A 24 6.22 12.80 4.96
C THR A 24 7.18 11.81 5.60
N ASP A 25 6.83 11.35 6.80
CA ASP A 25 7.67 10.40 7.52
C ASP A 25 7.49 8.98 6.95
N ALA A 26 8.56 8.43 6.40
CA ALA A 26 8.52 7.09 5.83
C ALA A 26 7.96 6.08 6.83
N ASN A 27 8.17 6.36 8.11
CA ASN A 27 7.69 5.47 9.17
C ASN A 27 6.19 5.62 9.36
N ARG A 28 5.70 6.85 9.26
CA ARG A 28 4.28 7.13 9.43
C ARG A 28 3.46 6.43 8.34
N LEU A 29 3.99 6.43 7.12
CA LEU A 29 3.32 5.79 6.00
C LEU A 29 3.41 4.27 6.09
N ARG A 30 4.46 3.79 6.75
CA ARG A 30 4.67 2.36 6.91
C ARG A 30 3.45 1.70 7.56
N GLN A 31 2.70 2.48 8.32
CA GLN A 31 1.51 1.97 8.99
C GLN A 31 0.27 2.18 8.13
N HIS A 32 0.25 3.29 7.40
CA HIS A 32 -0.89 3.61 6.54
C HIS A 32 -0.97 2.65 5.36
N GLU A 33 0.18 2.44 4.70
CA GLU A 33 0.23 1.54 3.55
C GLU A 33 -0.22 0.14 3.93
N ALA A 34 -0.08 -0.20 5.20
CA ALA A 34 -0.48 -1.51 5.70
C ALA A 34 -2.00 -1.65 5.74
N GLN A 35 -2.65 -0.65 6.33
CA GLN A 35 -4.11 -0.66 6.43
C GLN A 35 -4.74 -0.90 5.06
N HIS A 36 -4.13 -0.34 4.03
CA HIS A 36 -4.65 -0.48 2.67
C HIS A 36 -4.53 -1.92 2.19
N GLY A 37 -3.40 -2.56 2.52
CA GLY A 37 -3.18 -3.94 2.12
C GLY A 37 -2.07 -4.06 1.10
N VAL A 38 -0.98 -3.34 1.30
CA VAL A 38 0.15 -3.38 0.39
C VAL A 38 1.01 -4.62 0.61
N THR A 39 1.72 -4.65 1.73
CA THR A 39 2.57 -5.79 2.06
C THR A 39 2.05 -6.53 3.29
N SER A 40 0.73 -6.57 3.43
CA SER A 40 0.11 -7.24 4.56
C SER A 40 -1.38 -7.48 4.31
N LEU A 41 -2.04 -8.15 5.25
CA LEU A 41 -3.46 -8.43 5.12
C LEU A 41 -4.24 -7.85 6.29
N GLN A 42 -3.77 -6.72 6.80
CA GLN A 42 -4.42 -6.06 7.93
C GLN A 42 -5.90 -5.83 7.64
N LEU A 43 -6.71 -5.79 8.70
CA LEU A 43 -8.14 -5.57 8.56
C LEU A 43 -8.52 -4.15 8.98
N GLY A 44 -9.77 -3.78 8.72
CA GLY A 44 -10.24 -2.46 9.08
C GLY A 44 -11.53 -2.08 8.38
N TYR A 45 -11.42 -1.64 7.13
CA TYR A 45 -12.59 -1.25 6.35
C TYR A 45 -12.56 -1.90 4.98
N ILE A 46 -11.99 -3.10 4.90
CA ILE A 46 -11.91 -3.84 3.64
C ILE A 46 -13.08 -4.80 3.48
N ASP A 47 -13.60 -4.90 2.27
CA ASP A 47 -14.72 -5.78 1.98
C ASP A 47 -14.31 -7.24 2.10
N LEU A 48 -15.28 -8.10 2.35
CA LEU A 48 -15.02 -9.53 2.51
C LEU A 48 -14.72 -10.17 1.16
N PRO A 49 -14.06 -11.34 1.19
CA PRO A 49 -13.71 -12.08 -0.04
C PRO A 49 -14.93 -12.68 -0.72
N PRO A 50 -14.74 -13.15 -1.96
CA PRO A 50 -15.80 -13.76 -2.76
C PRO A 50 -16.24 -15.11 -2.21
N PRO A 51 -17.38 -15.62 -2.70
CA PRO A 51 -17.92 -16.91 -2.28
C PRO A 51 -17.08 -18.09 -2.75
N ARG A 52 -16.19 -18.55 -1.88
CA ARG A 52 -15.31 -19.67 -2.22
C ARG A 52 -15.22 -20.65 -1.05
N LEU A 53 -15.26 -21.94 -1.36
CA LEU A 53 -15.18 -22.98 -0.34
C LEU A 53 -13.85 -22.92 0.39
N GLY A 54 -13.90 -22.83 1.71
CA GLY A 54 -12.69 -22.78 2.50
C GLY A 54 -12.97 -22.51 3.97
N GLU A 55 -12.40 -23.33 4.84
CA GLU A 55 -12.59 -23.18 6.28
C GLU A 55 -11.74 -22.04 6.83
N ASN A 56 -12.33 -20.87 6.97
CA ASN A 56 -11.63 -19.70 7.49
C ASN A 56 -11.55 -19.73 9.00
N GLY A 57 -12.63 -20.19 9.64
CA GLY A 57 -12.66 -20.26 11.09
C GLY A 57 -14.05 -20.03 11.65
N LEU A 58 -14.95 -20.98 11.44
CA LEU A 58 -16.32 -20.86 11.93
C LEU A 58 -17.03 -19.69 11.27
N PRO A 59 -18.37 -19.77 11.20
CA PRO A 59 -19.21 -18.74 10.59
C PRO A 59 -19.22 -17.46 11.41
N ILE A 60 -18.50 -16.44 10.95
CA ILE A 60 -18.43 -15.16 11.64
C ILE A 60 -19.67 -14.33 11.37
N SER A 61 -20.03 -13.47 12.31
CA SER A 61 -21.20 -12.60 12.17
C SER A 61 -21.11 -11.40 13.10
N GLY A 62 -21.63 -10.27 12.64
CA GLY A 62 -21.59 -9.06 13.44
C GLY A 62 -22.92 -8.32 13.45
N PRO A 63 -22.98 -7.20 14.18
CA PRO A 63 -24.20 -6.39 14.29
C PRO A 63 -24.53 -5.67 12.98
N SER A 64 -25.65 -4.96 12.97
CA SER A 64 -26.08 -4.24 11.79
C SER A 64 -25.81 -2.74 11.94
N SER A 65 -25.07 -2.18 10.98
CA SER A 65 -24.74 -0.77 11.01
C SER A 65 -24.61 -0.21 9.59
N GLY A 66 -24.75 1.11 9.46
CA GLY A 66 -24.64 1.73 8.16
C GLY A 66 -25.74 1.30 7.21
N GLY A 1 11.50 22.30 -28.85
CA GLY A 1 12.56 22.26 -27.86
C GLY A 1 12.12 21.60 -26.56
N SER A 2 12.87 20.58 -26.14
CA SER A 2 12.55 19.87 -24.91
C SER A 2 13.82 19.30 -24.28
N SER A 3 13.76 19.06 -22.97
CA SER A 3 14.90 18.52 -22.24
C SER A 3 14.68 17.06 -21.89
N GLY A 4 15.60 16.20 -22.32
CA GLY A 4 15.48 14.78 -22.05
C GLY A 4 16.31 14.35 -20.86
N SER A 5 16.19 15.10 -19.76
CA SER A 5 16.94 14.79 -18.55
C SER A 5 16.08 13.98 -17.58
N SER A 6 16.73 13.06 -16.87
CA SER A 6 16.03 12.21 -15.90
C SER A 6 16.88 11.98 -14.66
N GLY A 7 16.23 11.89 -13.51
CA GLY A 7 16.94 11.66 -12.27
C GLY A 7 16.11 10.93 -11.24
N LEU A 8 16.54 10.97 -9.98
CA LEU A 8 15.83 10.29 -8.90
C LEU A 8 16.07 11.00 -7.58
N ARG A 9 15.29 10.61 -6.57
CA ARG A 9 15.41 11.21 -5.25
C ARG A 9 16.21 10.31 -4.31
N GLU A 10 16.63 10.86 -3.18
CA GLU A 10 17.41 10.11 -2.20
C GLU A 10 16.56 9.77 -0.97
N ALA A 11 15.45 10.49 -0.81
CA ALA A 11 14.55 10.26 0.32
C ALA A 11 13.67 9.04 0.09
N GLY A 12 12.79 9.13 -0.90
CA GLY A 12 11.90 8.02 -1.19
C GLY A 12 10.51 8.22 -0.63
N ILE A 13 10.18 9.48 -0.34
CA ILE A 13 8.86 9.79 0.22
C ILE A 13 7.91 10.28 -0.87
N LEU A 14 6.69 9.77 -0.85
CA LEU A 14 5.68 10.14 -1.84
C LEU A 14 4.28 10.05 -1.24
N PRO A 15 3.33 10.78 -1.85
CA PRO A 15 1.93 10.79 -1.41
C PRO A 15 1.23 9.47 -1.67
N CYS A 16 0.43 9.03 -0.70
CA CYS A 16 -0.31 7.77 -0.82
C CYS A 16 -1.12 7.74 -2.12
N GLY A 17 -0.74 6.86 -3.03
CA GLY A 17 -1.44 6.75 -4.30
C GLY A 17 -2.51 5.67 -4.27
N LEU A 18 -3.08 5.43 -3.10
CA LEU A 18 -4.12 4.43 -2.94
C LEU A 18 -5.45 5.07 -2.53
N CYS A 19 -5.36 6.08 -1.67
CA CYS A 19 -6.55 6.78 -1.19
C CYS A 19 -6.51 8.25 -1.60
N GLY A 20 -5.31 8.82 -1.66
CA GLY A 20 -5.16 10.21 -2.04
C GLY A 20 -4.63 11.07 -0.91
N LYS A 21 -4.03 10.43 0.08
CA LYS A 21 -3.48 11.15 1.23
C LYS A 21 -2.03 11.53 0.97
N VAL A 22 -1.48 12.36 1.87
CA VAL A 22 -0.09 12.80 1.74
C VAL A 22 0.67 12.59 3.05
N PHE A 23 1.91 12.13 2.93
CA PHE A 23 2.75 11.88 4.10
C PHE A 23 4.19 12.32 3.83
N THR A 24 4.91 12.60 4.91
CA THR A 24 6.30 13.04 4.79
C THR A 24 7.25 12.00 5.39
N ASP A 25 6.90 11.47 6.56
CA ASP A 25 7.71 10.47 7.23
C ASP A 25 7.48 9.09 6.62
N ALA A 26 8.57 8.40 6.30
CA ALA A 26 8.49 7.06 5.72
C ALA A 26 7.86 6.08 6.69
N ASN A 27 8.19 6.21 7.97
CA ASN A 27 7.66 5.33 9.00
C ASN A 27 6.15 5.52 9.16
N ARG A 28 5.72 6.78 9.13
CA ARG A 28 4.30 7.09 9.28
C ARG A 28 3.49 6.46 8.16
N LEU A 29 3.93 6.67 6.92
CA LEU A 29 3.24 6.12 5.76
C LEU A 29 3.34 4.60 5.74
N ARG A 30 4.40 4.07 6.35
CA ARG A 30 4.61 2.63 6.41
C ARG A 30 3.42 1.93 7.03
N GLN A 31 2.90 2.50 8.12
CA GLN A 31 1.75 1.92 8.81
C GLN A 31 0.46 2.23 8.07
N HIS A 32 0.42 3.39 7.42
CA HIS A 32 -0.77 3.80 6.67
C HIS A 32 -0.97 2.91 5.45
N GLU A 33 0.12 2.43 4.87
CA GLU A 33 0.05 1.57 3.71
C GLU A 33 -0.35 0.16 4.09
N ALA A 34 0.11 -0.30 5.24
CA ALA A 34 -0.21 -1.63 5.72
C ALA A 34 -1.71 -1.84 5.80
N GLN A 35 -2.44 -0.76 6.05
CA GLN A 35 -3.90 -0.83 6.15
C GLN A 35 -4.52 -1.16 4.80
N HIS A 36 -4.14 -0.42 3.78
CA HIS A 36 -4.68 -0.63 2.43
C HIS A 36 -4.41 -2.07 1.98
N GLY A 37 -3.36 -2.67 2.52
CA GLY A 37 -3.01 -4.03 2.17
C GLY A 37 -1.73 -4.12 1.37
N VAL A 38 -0.83 -3.18 1.59
CA VAL A 38 0.45 -3.15 0.90
C VAL A 38 1.44 -4.14 1.51
N THR A 39 2.15 -4.85 0.64
CA THR A 39 3.14 -5.83 1.10
C THR A 39 4.38 -5.16 1.66
N SER A 40 4.27 -4.65 2.88
CA SER A 40 5.39 -3.97 3.53
C SER A 40 5.89 -4.77 4.72
N LEU A 41 5.85 -6.10 4.60
CA LEU A 41 6.30 -6.97 5.67
C LEU A 41 5.44 -6.79 6.93
N GLN A 42 4.13 -6.77 6.74
CA GLN A 42 3.21 -6.59 7.85
C GLN A 42 2.02 -7.54 7.73
N LEU A 43 1.65 -8.17 8.84
CA LEU A 43 0.52 -9.10 8.85
C LEU A 43 -0.71 -8.48 9.51
N GLY A 44 -1.83 -9.18 9.44
CA GLY A 44 -3.06 -8.68 10.03
C GLY A 44 -4.15 -9.73 10.07
N TYR A 45 -4.65 -10.10 8.90
CA TYR A 45 -5.72 -11.09 8.80
C TYR A 45 -5.19 -12.40 8.21
N ILE A 46 -6.01 -13.44 8.27
CA ILE A 46 -5.62 -14.75 7.74
C ILE A 46 -5.97 -14.86 6.26
N ASP A 47 -5.03 -15.36 5.47
CA ASP A 47 -5.24 -15.52 4.03
C ASP A 47 -6.15 -16.70 3.75
N LEU A 48 -6.90 -16.62 2.65
CA LEU A 48 -7.82 -17.68 2.27
C LEU A 48 -8.08 -17.66 0.76
N PRO A 49 -8.45 -18.82 0.20
CA PRO A 49 -8.74 -18.95 -1.23
C PRO A 49 -10.03 -18.24 -1.63
N PRO A 50 -10.23 -18.09 -2.95
CA PRO A 50 -11.43 -17.42 -3.49
C PRO A 50 -12.69 -18.25 -3.28
N PRO A 51 -13.86 -17.62 -3.51
CA PRO A 51 -15.16 -18.27 -3.35
C PRO A 51 -15.41 -19.32 -4.42
N ARG A 52 -16.53 -20.04 -4.29
CA ARG A 52 -16.88 -21.08 -5.24
C ARG A 52 -17.44 -20.47 -6.53
N LEU A 53 -16.95 -20.95 -7.66
CA LEU A 53 -17.40 -20.45 -8.96
C LEU A 53 -18.67 -21.16 -9.41
N GLY A 54 -18.84 -22.40 -8.94
CA GLY A 54 -20.02 -23.17 -9.30
C GLY A 54 -19.85 -24.65 -9.02
N GLU A 55 -20.50 -25.48 -9.83
CA GLU A 55 -20.43 -26.92 -9.67
C GLU A 55 -19.53 -27.55 -10.74
N ASN A 56 -18.56 -28.34 -10.29
CA ASN A 56 -17.63 -28.99 -11.20
C ASN A 56 -17.95 -30.48 -11.34
N GLY A 57 -17.86 -30.99 -12.56
CA GLY A 57 -18.15 -32.39 -12.80
C GLY A 57 -17.75 -32.84 -14.19
N LEU A 58 -17.99 -34.11 -14.50
CA LEU A 58 -17.65 -34.67 -15.80
C LEU A 58 -18.85 -35.33 -16.45
N PRO A 59 -19.72 -34.50 -17.07
CA PRO A 59 -20.93 -34.99 -17.73
C PRO A 59 -20.61 -35.78 -19.00
N ILE A 60 -21.57 -36.58 -19.45
CA ILE A 60 -21.39 -37.38 -20.65
C ILE A 60 -22.37 -36.96 -21.75
N SER A 61 -21.91 -36.11 -22.64
CA SER A 61 -22.75 -35.63 -23.74
C SER A 61 -22.47 -36.41 -25.03
N GLY A 62 -21.22 -36.36 -25.48
CA GLY A 62 -20.85 -37.07 -26.69
C GLY A 62 -19.89 -36.27 -27.55
N PRO A 63 -18.63 -36.16 -27.11
CA PRO A 63 -17.59 -35.43 -27.83
C PRO A 63 -17.18 -36.13 -29.11
N SER A 64 -16.82 -35.34 -30.13
CA SER A 64 -16.40 -35.88 -31.41
C SER A 64 -15.19 -36.80 -31.25
N SER A 65 -14.99 -37.66 -32.23
CA SER A 65 -13.87 -38.61 -32.20
C SER A 65 -13.24 -38.76 -33.58
N GLY A 66 -12.04 -39.32 -33.62
CA GLY A 66 -11.34 -39.51 -34.88
C GLY A 66 -11.88 -40.70 -35.66
N GLY A 1 19.97 0.36 -31.34
CA GLY A 1 18.85 1.19 -31.75
C GLY A 1 17.83 1.40 -30.64
N SER A 2 17.52 0.34 -29.92
CA SER A 2 16.56 0.42 -28.82
C SER A 2 17.13 -0.19 -27.55
N SER A 3 18.06 0.53 -26.93
CA SER A 3 18.71 0.08 -25.71
C SER A 3 18.08 0.74 -24.49
N GLY A 4 18.03 0.02 -23.37
CA GLY A 4 17.47 0.57 -22.16
C GLY A 4 18.13 0.01 -20.91
N SER A 5 17.53 0.28 -19.76
CA SER A 5 18.07 -0.20 -18.49
C SER A 5 17.16 -1.25 -17.86
N SER A 6 17.69 -2.02 -16.92
CA SER A 6 16.93 -3.06 -16.25
C SER A 6 17.19 -3.04 -14.75
N GLY A 7 16.23 -2.55 -13.99
CA GLY A 7 16.37 -2.49 -12.54
C GLY A 7 15.85 -1.19 -11.96
N LEU A 8 14.74 -1.27 -11.24
CA LEU A 8 14.14 -0.09 -10.63
C LEU A 8 14.21 -0.17 -9.11
N ARG A 9 14.69 0.91 -8.48
CA ARG A 9 14.80 0.95 -7.03
C ARG A 9 15.24 2.34 -6.57
N GLU A 10 14.32 3.05 -5.92
CA GLU A 10 14.61 4.39 -5.43
C GLU A 10 13.87 4.66 -4.12
N ALA A 11 14.46 5.51 -3.28
CA ALA A 11 13.85 5.86 -2.00
C ALA A 11 13.50 7.34 -1.93
N GLY A 12 12.21 7.64 -2.02
CA GLY A 12 11.77 9.02 -1.98
C GLY A 12 10.39 9.17 -1.37
N ILE A 13 10.27 10.06 -0.40
CA ILE A 13 8.98 10.29 0.26
C ILE A 13 7.93 10.78 -0.73
N LEU A 14 6.76 10.17 -0.68
CA LEU A 14 5.66 10.53 -1.58
C LEU A 14 4.31 10.28 -0.92
N PRO A 15 3.27 10.97 -1.42
CA PRO A 15 1.91 10.84 -0.89
C PRO A 15 1.29 9.49 -1.23
N CYS A 16 0.46 8.98 -0.32
CA CYS A 16 -0.20 7.70 -0.53
C CYS A 16 -0.90 7.65 -1.89
N GLY A 17 -0.33 6.88 -2.81
CA GLY A 17 -0.91 6.76 -4.14
C GLY A 17 -1.89 5.61 -4.23
N LEU A 18 -2.78 5.50 -3.25
CA LEU A 18 -3.78 4.44 -3.23
C LEU A 18 -5.17 5.01 -2.97
N CYS A 19 -5.25 5.95 -2.02
CA CYS A 19 -6.52 6.57 -1.67
C CYS A 19 -6.50 8.07 -1.97
N GLY A 20 -5.30 8.66 -1.90
CA GLY A 20 -5.17 10.07 -2.17
C GLY A 20 -4.68 10.84 -0.96
N LYS A 21 -4.01 10.15 -0.05
CA LYS A 21 -3.49 10.78 1.16
C LYS A 21 -2.07 11.30 0.93
N VAL A 22 -1.51 11.92 1.96
CA VAL A 22 -0.16 12.47 1.88
C VAL A 22 0.60 12.27 3.18
N PHE A 23 1.89 11.98 3.08
CA PHE A 23 2.73 11.76 4.25
C PHE A 23 4.11 12.38 4.05
N THR A 24 4.93 12.35 5.11
CA THR A 24 6.27 12.92 5.06
C THR A 24 7.30 11.92 5.57
N ASP A 25 6.95 11.19 6.63
CA ASP A 25 7.84 10.20 7.21
C ASP A 25 7.68 8.85 6.53
N ALA A 26 8.80 8.28 6.07
CA ALA A 26 8.77 6.98 5.41
C ALA A 26 8.21 5.90 6.33
N ASN A 27 8.58 5.98 7.61
CA ASN A 27 8.11 5.00 8.59
C ASN A 27 6.64 5.22 8.92
N ARG A 28 6.23 6.48 8.97
CA ARG A 28 4.84 6.83 9.28
C ARG A 28 3.92 6.42 8.14
N LEU A 29 4.31 6.74 6.91
CA LEU A 29 3.52 6.40 5.75
C LEU A 29 3.16 4.91 5.74
N ARG A 30 4.09 4.08 6.16
CA ARG A 30 3.88 2.64 6.21
C ARG A 30 2.68 2.30 7.09
N GLN A 31 2.48 3.09 8.14
CA GLN A 31 1.37 2.87 9.06
C GLN A 31 0.06 2.77 8.31
N HIS A 32 -0.27 3.80 7.55
CA HIS A 32 -1.51 3.82 6.78
C HIS A 32 -1.52 2.71 5.73
N GLU A 33 -0.44 2.60 4.98
CA GLU A 33 -0.32 1.59 3.95
C GLU A 33 -0.56 0.19 4.53
N ALA A 34 -0.27 0.04 5.82
CA ALA A 34 -0.45 -1.24 6.49
C ALA A 34 -1.89 -1.73 6.34
N GLN A 35 -2.82 -0.81 6.14
CA GLN A 35 -4.22 -1.15 5.98
C GLN A 35 -4.55 -1.46 4.53
N HIS A 36 -4.04 -0.63 3.62
CA HIS A 36 -4.28 -0.81 2.19
C HIS A 36 -3.93 -2.23 1.76
N GLY A 37 -2.95 -2.83 2.43
CA GLY A 37 -2.54 -4.18 2.10
C GLY A 37 -1.17 -4.23 1.47
N VAL A 38 -0.39 -3.17 1.66
CA VAL A 38 0.96 -3.09 1.09
C VAL A 38 1.92 -3.99 1.86
N THR A 39 1.96 -3.84 3.18
CA THR A 39 2.84 -4.63 4.02
C THR A 39 2.43 -6.10 3.99
N SER A 40 3.43 -6.99 3.94
CA SER A 40 3.18 -8.42 3.92
C SER A 40 3.67 -9.08 5.20
N LEU A 41 4.72 -8.52 5.78
CA LEU A 41 5.30 -9.06 7.01
C LEU A 41 4.78 -8.31 8.23
N GLN A 42 3.59 -7.74 8.10
CA GLN A 42 2.97 -6.98 9.19
C GLN A 42 1.72 -7.69 9.70
N LEU A 43 1.92 -8.78 10.43
CA LEU A 43 0.81 -9.55 10.98
C LEU A 43 0.83 -9.54 12.50
N GLY A 44 -0.08 -8.78 13.10
CA GLY A 44 -0.15 -8.69 14.55
C GLY A 44 -1.05 -7.56 15.02
N TYR A 45 -2.27 -7.54 14.50
CA TYR A 45 -3.23 -6.50 14.88
C TYR A 45 -4.00 -6.91 16.14
N ILE A 46 -4.41 -8.17 16.21
CA ILE A 46 -5.14 -8.67 17.36
C ILE A 46 -4.57 -10.01 17.84
N ASP A 47 -4.49 -10.18 19.14
CA ASP A 47 -3.96 -11.41 19.73
C ASP A 47 -5.09 -12.35 20.09
N LEU A 48 -5.08 -13.55 19.51
CA LEU A 48 -6.11 -14.55 19.78
C LEU A 48 -7.48 -14.04 19.37
N PRO A 49 -7.72 -13.98 18.06
CA PRO A 49 -9.00 -13.51 17.51
C PRO A 49 -10.14 -14.49 17.76
N PRO A 50 -11.38 -14.03 17.53
CA PRO A 50 -12.58 -14.86 17.74
C PRO A 50 -12.69 -15.99 16.71
N PRO A 51 -13.60 -16.93 16.96
CA PRO A 51 -13.83 -18.08 16.08
C PRO A 51 -14.48 -17.67 14.76
N ARG A 52 -14.26 -18.47 13.72
CA ARG A 52 -14.83 -18.19 12.41
C ARG A 52 -15.26 -19.48 11.72
N LEU A 53 -16.56 -19.59 11.43
CA LEU A 53 -17.10 -20.77 10.78
C LEU A 53 -16.33 -21.08 9.50
N GLY A 54 -16.15 -22.37 9.22
CA GLY A 54 -15.42 -22.77 8.02
C GLY A 54 -13.96 -23.09 8.30
N GLU A 55 -13.43 -22.52 9.37
CA GLU A 55 -12.04 -22.74 9.75
C GLU A 55 -11.82 -24.17 10.22
N ASN A 56 -11.27 -25.00 9.34
CA ASN A 56 -11.01 -26.40 9.66
C ASN A 56 -9.51 -26.66 9.78
N GLY A 57 -9.16 -27.88 10.18
CA GLY A 57 -7.76 -28.23 10.31
C GLY A 57 -7.58 -29.68 10.73
N LEU A 58 -6.57 -29.93 11.57
CA LEU A 58 -6.28 -31.28 12.03
C LEU A 58 -6.25 -31.33 13.55
N PRO A 59 -7.44 -31.45 14.17
CA PRO A 59 -7.58 -31.52 15.63
C PRO A 59 -7.04 -32.83 16.20
N ILE A 60 -6.40 -32.74 17.35
CA ILE A 60 -5.84 -33.91 18.01
C ILE A 60 -6.33 -34.03 19.45
N SER A 61 -6.06 -35.17 20.07
CA SER A 61 -6.46 -35.40 21.46
C SER A 61 -5.55 -34.65 22.43
N GLY A 62 -6.07 -34.39 23.62
CA GLY A 62 -5.29 -33.68 24.62
C GLY A 62 -5.87 -33.82 26.02
N PRO A 63 -5.19 -33.23 27.01
CA PRO A 63 -5.63 -33.28 28.40
C PRO A 63 -6.88 -32.45 28.65
N SER A 64 -8.00 -33.13 28.88
CA SER A 64 -9.27 -32.45 29.12
C SER A 64 -9.21 -31.64 30.40
N SER A 65 -9.62 -30.37 30.32
CA SER A 65 -9.61 -29.48 31.47
C SER A 65 -11.03 -29.16 31.92
N GLY A 66 -11.88 -28.83 30.95
CA GLY A 66 -13.27 -28.51 31.28
C GLY A 66 -13.47 -27.03 31.54
N GLY A 1 0.56 26.25 -24.69
CA GLY A 1 1.27 26.60 -23.47
C GLY A 1 1.82 25.38 -22.75
N SER A 2 1.59 25.31 -21.45
CA SER A 2 2.07 24.19 -20.65
C SER A 2 3.59 24.03 -20.79
N SER A 3 4.30 25.16 -20.78
CA SER A 3 5.75 25.15 -20.90
C SER A 3 6.41 25.34 -19.55
N GLY A 4 7.43 24.53 -19.28
CA GLY A 4 8.14 24.63 -18.01
C GLY A 4 7.46 23.86 -16.90
N SER A 5 6.62 22.90 -17.29
CA SER A 5 5.90 22.08 -16.32
C SER A 5 6.53 20.70 -16.19
N SER A 6 7.23 20.48 -15.09
CA SER A 6 7.89 19.19 -14.85
C SER A 6 8.46 19.13 -13.43
N GLY A 7 7.84 18.29 -12.60
CA GLY A 7 8.29 18.15 -11.23
C GLY A 7 9.22 16.97 -11.04
N LEU A 8 10.28 17.16 -10.27
CA LEU A 8 11.25 16.10 -10.01
C LEU A 8 10.65 15.02 -9.11
N ARG A 9 10.42 13.84 -9.68
CA ARG A 9 9.85 12.72 -8.93
C ARG A 9 10.91 11.68 -8.62
N GLU A 10 12.09 12.14 -8.21
CA GLU A 10 13.20 11.24 -7.87
C GLU A 10 13.48 11.25 -6.37
N ALA A 11 12.43 11.47 -5.58
CA ALA A 11 12.57 11.51 -4.13
C ALA A 11 12.16 10.19 -3.50
N GLY A 12 12.55 9.97 -2.25
CA GLY A 12 12.21 8.74 -1.56
C GLY A 12 10.81 8.77 -0.97
N ILE A 13 10.35 9.96 -0.59
CA ILE A 13 9.02 10.11 -0.02
C ILE A 13 8.02 10.57 -1.08
N LEU A 14 6.81 10.02 -1.02
CA LEU A 14 5.77 10.37 -1.97
C LEU A 14 4.39 10.23 -1.33
N PRO A 15 3.40 10.92 -1.90
CA PRO A 15 2.02 10.90 -1.41
C PRO A 15 1.35 9.55 -1.67
N CYS A 16 0.44 9.17 -0.77
CA CYS A 16 -0.27 7.90 -0.90
C CYS A 16 -1.05 7.84 -2.21
N GLY A 17 -0.63 6.94 -3.09
CA GLY A 17 -1.30 6.79 -4.37
C GLY A 17 -2.38 5.73 -4.36
N LEU A 18 -2.98 5.53 -3.19
CA LEU A 18 -4.04 4.54 -3.04
C LEU A 18 -5.37 5.20 -2.70
N CYS A 19 -5.32 6.18 -1.80
CA CYS A 19 -6.53 6.90 -1.38
C CYS A 19 -6.45 8.36 -1.81
N GLY A 20 -5.24 8.90 -1.88
CA GLY A 20 -5.05 10.28 -2.27
C GLY A 20 -4.55 11.14 -1.13
N LYS A 21 -3.97 10.51 -0.11
CA LYS A 21 -3.44 11.22 1.04
C LYS A 21 -1.98 11.60 0.82
N VAL A 22 -1.40 12.28 1.80
CA VAL A 22 -0.01 12.71 1.73
C VAL A 22 0.73 12.42 3.03
N PHE A 23 1.94 11.89 2.91
CA PHE A 23 2.76 11.56 4.07
C PHE A 23 4.20 12.00 3.86
N THR A 24 4.84 12.46 4.94
CA THR A 24 6.23 12.91 4.87
C THR A 24 7.16 11.92 5.56
N ASP A 25 6.74 11.42 6.72
CA ASP A 25 7.53 10.46 7.47
C ASP A 25 7.38 9.06 6.90
N ALA A 26 8.48 8.51 6.38
CA ALA A 26 8.47 7.17 5.80
C ALA A 26 7.91 6.15 6.78
N ASN A 27 8.30 6.28 8.05
CA ASN A 27 7.84 5.37 9.09
C ASN A 27 6.34 5.50 9.30
N ARG A 28 5.82 6.71 9.10
CA ARG A 28 4.40 6.97 9.28
C ARG A 28 3.58 6.30 8.17
N LEU A 29 3.99 6.50 6.93
CA LEU A 29 3.30 5.91 5.79
C LEU A 29 3.41 4.39 5.81
N ARG A 30 4.47 3.89 6.44
CA ARG A 30 4.70 2.45 6.53
C ARG A 30 3.50 1.75 7.17
N GLN A 31 2.93 2.39 8.19
CA GLN A 31 1.78 1.83 8.89
C GLN A 31 0.49 2.06 8.10
N HIS A 32 0.40 3.24 7.48
CA HIS A 32 -0.77 3.59 6.70
C HIS A 32 -1.04 2.54 5.62
N GLU A 33 0.02 2.05 5.00
CA GLU A 33 -0.10 1.05 3.96
C GLU A 33 -0.60 -0.28 4.53
N ALA A 34 -0.25 -0.55 5.78
CA ALA A 34 -0.66 -1.78 6.44
C ALA A 34 -2.18 -1.95 6.40
N GLN A 35 -2.89 -0.82 6.33
CA GLN A 35 -4.35 -0.85 6.29
C GLN A 35 -4.84 -1.18 4.89
N HIS A 36 -4.36 -0.44 3.90
CA HIS A 36 -4.76 -0.66 2.51
C HIS A 36 -4.53 -2.12 2.11
N GLY A 37 -3.50 -2.73 2.68
CA GLY A 37 -3.19 -4.12 2.37
C GLY A 37 -2.00 -4.26 1.45
N VAL A 38 -0.94 -3.51 1.74
CA VAL A 38 0.28 -3.55 0.93
C VAL A 38 1.28 -4.55 1.50
N THR A 39 1.31 -4.66 2.83
CA THR A 39 2.23 -5.56 3.50
C THR A 39 1.72 -7.00 3.44
N SER A 40 2.60 -7.95 3.76
CA SER A 40 2.23 -9.36 3.75
C SER A 40 1.84 -9.84 5.14
N LEU A 41 1.38 -8.91 5.97
CA LEU A 41 0.97 -9.23 7.33
C LEU A 41 -0.19 -8.36 7.77
N GLN A 42 -0.49 -8.37 9.07
CA GLN A 42 -1.57 -7.58 9.62
C GLN A 42 -2.91 -7.99 9.00
N LEU A 43 -3.10 -9.29 8.83
CA LEU A 43 -4.34 -9.81 8.26
C LEU A 43 -4.64 -9.13 6.93
N GLY A 44 -3.65 -9.07 6.06
CA GLY A 44 -3.84 -8.45 4.76
C GLY A 44 -4.64 -9.31 3.81
N TYR A 45 -3.94 -10.20 3.10
CA TYR A 45 -4.60 -11.09 2.15
C TYR A 45 -3.99 -12.50 2.22
N ILE A 46 -4.72 -13.47 1.69
CA ILE A 46 -4.26 -14.85 1.69
C ILE A 46 -3.83 -15.30 3.08
N ASP A 47 -4.66 -14.97 4.08
CA ASP A 47 -4.37 -15.34 5.46
C ASP A 47 -4.86 -16.76 5.76
N LEU A 48 -4.27 -17.37 6.77
CA LEU A 48 -4.64 -18.73 7.17
C LEU A 48 -5.16 -18.76 8.60
N PRO A 49 -6.34 -18.17 8.81
CA PRO A 49 -6.98 -18.12 10.13
C PRO A 49 -7.47 -19.49 10.59
N PRO A 50 -7.83 -19.59 11.88
CA PRO A 50 -8.32 -20.85 12.47
C PRO A 50 -9.70 -21.22 11.95
N PRO A 51 -10.11 -22.47 12.24
CA PRO A 51 -11.41 -22.99 11.82
C PRO A 51 -12.57 -22.33 12.56
N ARG A 52 -13.40 -21.59 11.82
CA ARG A 52 -14.54 -20.90 12.41
C ARG A 52 -15.82 -21.70 12.20
N LEU A 53 -16.17 -22.51 13.18
CA LEU A 53 -17.37 -23.33 13.09
C LEU A 53 -17.35 -24.23 11.86
N GLY A 54 -16.14 -24.57 11.41
CA GLY A 54 -15.99 -25.42 10.25
C GLY A 54 -15.81 -24.63 8.97
N GLU A 55 -15.34 -25.29 7.93
CA GLU A 55 -15.12 -24.64 6.64
C GLU A 55 -16.44 -24.45 5.89
N ASN A 56 -17.37 -25.38 6.09
CA ASN A 56 -18.67 -25.32 5.43
C ASN A 56 -19.60 -24.37 6.17
N GLY A 57 -20.55 -23.81 5.43
CA GLY A 57 -21.50 -22.88 6.03
C GLY A 57 -22.57 -23.59 6.85
N LEU A 58 -23.78 -23.65 6.31
CA LEU A 58 -24.89 -24.29 7.00
C LEU A 58 -25.40 -25.49 6.20
N PRO A 59 -26.10 -26.41 6.87
CA PRO A 59 -26.66 -27.61 6.25
C PRO A 59 -27.81 -27.29 5.30
N ILE A 60 -28.28 -28.30 4.58
CA ILE A 60 -29.38 -28.12 3.64
C ILE A 60 -30.66 -27.71 4.36
N SER A 61 -31.02 -26.44 4.22
CA SER A 61 -32.23 -25.91 4.86
C SER A 61 -32.78 -24.72 4.08
N GLY A 62 -33.95 -24.90 3.49
CA GLY A 62 -34.57 -23.83 2.72
C GLY A 62 -36.08 -23.91 2.73
N PRO A 63 -36.74 -22.87 2.20
CA PRO A 63 -38.19 -22.80 2.14
C PRO A 63 -38.78 -23.79 1.14
N SER A 64 -39.42 -24.84 1.66
CA SER A 64 -40.02 -25.86 0.81
C SER A 64 -41.53 -25.65 0.69
N SER A 65 -41.94 -24.79 -0.23
CA SER A 65 -43.35 -24.50 -0.44
C SER A 65 -43.58 -23.85 -1.79
N GLY A 66 -44.79 -23.99 -2.31
CA GLY A 66 -45.13 -23.40 -3.60
C GLY A 66 -46.46 -22.71 -3.60
N GLY A 1 3.99 9.60 -19.15
CA GLY A 1 4.12 8.62 -20.21
C GLY A 1 3.79 9.19 -21.58
N SER A 2 4.52 8.74 -22.60
CA SER A 2 4.32 9.20 -23.95
C SER A 2 4.26 8.04 -24.93
N SER A 3 3.52 8.21 -26.02
CA SER A 3 3.38 7.18 -27.03
C SER A 3 4.65 7.06 -27.87
N GLY A 4 5.60 6.25 -27.37
CA GLY A 4 6.84 6.06 -28.08
C GLY A 4 7.97 5.65 -27.16
N SER A 5 8.20 6.42 -26.11
CA SER A 5 9.26 6.12 -25.15
C SER A 5 8.68 5.79 -23.79
N SER A 6 9.31 4.85 -23.09
CA SER A 6 8.86 4.44 -21.76
C SER A 6 9.04 5.57 -20.76
N GLY A 7 8.23 5.55 -19.70
CA GLY A 7 8.31 6.57 -18.69
C GLY A 7 8.24 6.00 -17.28
N LEU A 8 9.32 6.15 -16.53
CA LEU A 8 9.38 5.63 -15.16
C LEU A 8 9.75 6.74 -14.19
N ARG A 9 9.57 6.48 -12.90
CA ARG A 9 9.89 7.45 -11.86
C ARG A 9 10.45 6.76 -10.62
N GLU A 10 11.26 7.48 -9.85
CA GLU A 10 11.85 6.94 -8.64
C GLU A 10 12.24 8.06 -7.67
N ALA A 11 11.68 8.01 -6.47
CA ALA A 11 11.97 9.02 -5.45
C ALA A 11 11.75 8.46 -4.05
N GLY A 12 12.14 9.23 -3.04
CA GLY A 12 11.98 8.80 -1.67
C GLY A 12 10.55 8.93 -1.18
N ILE A 13 10.34 9.82 -0.21
CA ILE A 13 9.01 10.05 0.35
C ILE A 13 8.03 10.50 -0.73
N LEU A 14 6.83 9.93 -0.70
CA LEU A 14 5.81 10.28 -1.68
C LEU A 14 4.41 10.14 -1.08
N PRO A 15 3.43 10.83 -1.68
CA PRO A 15 2.03 10.79 -1.22
C PRO A 15 1.37 9.44 -1.49
N CYS A 16 0.45 9.05 -0.61
CA CYS A 16 -0.26 7.79 -0.77
C CYS A 16 -0.99 7.72 -2.09
N GLY A 17 -0.57 6.82 -2.97
CA GLY A 17 -1.21 6.68 -4.26
C GLY A 17 -2.28 5.60 -4.26
N LEU A 18 -3.02 5.50 -3.17
CA LEU A 18 -4.08 4.51 -3.04
C LEU A 18 -5.41 5.18 -2.72
N CYS A 19 -5.38 6.15 -1.81
CA CYS A 19 -6.58 6.87 -1.40
C CYS A 19 -6.49 8.34 -1.80
N GLY A 20 -5.26 8.85 -1.89
CA GLY A 20 -5.05 10.24 -2.25
C GLY A 20 -4.54 11.06 -1.09
N LYS A 21 -3.97 10.40 -0.10
CA LYS A 21 -3.42 11.08 1.08
C LYS A 21 -1.97 11.47 0.86
N VAL A 22 -1.37 12.11 1.85
CA VAL A 22 0.02 12.54 1.78
C VAL A 22 0.77 12.22 3.07
N PHE A 23 1.97 11.68 2.93
CA PHE A 23 2.79 11.33 4.09
C PHE A 23 4.22 11.80 3.91
N THR A 24 4.71 12.59 4.87
CA THR A 24 6.07 13.12 4.80
C THR A 24 7.05 12.17 5.50
N ASP A 25 6.60 11.53 6.57
CA ASP A 25 7.44 10.60 7.30
C ASP A 25 7.31 9.19 6.75
N ALA A 26 8.46 8.57 6.45
CA ALA A 26 8.48 7.22 5.90
C ALA A 26 7.81 6.24 6.85
N ASN A 27 8.32 6.14 8.08
CA ASN A 27 7.76 5.24 9.07
C ASN A 27 6.27 5.46 9.24
N ARG A 28 5.83 6.72 9.09
CA ARG A 28 4.42 7.05 9.21
C ARG A 28 3.60 6.37 8.13
N LEU A 29 4.10 6.40 6.90
CA LEU A 29 3.41 5.78 5.78
C LEU A 29 3.47 4.26 5.86
N ARG A 30 4.52 3.75 6.52
CA ARG A 30 4.69 2.31 6.68
C ARG A 30 3.49 1.70 7.41
N GLN A 31 2.82 2.51 8.22
CA GLN A 31 1.66 2.05 8.96
C GLN A 31 0.37 2.25 8.17
N HIS A 32 0.32 3.33 7.41
CA HIS A 32 -0.85 3.64 6.59
C HIS A 32 -0.97 2.67 5.43
N GLU A 33 0.16 2.37 4.79
CA GLU A 33 0.17 1.46 3.65
C GLU A 33 -0.28 0.06 4.07
N ALA A 34 -0.09 -0.27 5.34
CA ALA A 34 -0.47 -1.56 5.87
C ALA A 34 -2.00 -1.70 5.94
N GLN A 35 -2.67 -0.59 6.22
CA GLN A 35 -4.13 -0.58 6.31
C GLN A 35 -4.76 -0.96 4.98
N HIS A 36 -4.36 -0.28 3.92
CA HIS A 36 -4.88 -0.55 2.59
C HIS A 36 -4.70 -2.02 2.22
N GLY A 37 -3.63 -2.63 2.73
CA GLY A 37 -3.37 -4.03 2.45
C GLY A 37 -2.19 -4.21 1.51
N VAL A 38 -1.14 -3.42 1.71
CA VAL A 38 0.05 -3.49 0.87
C VAL A 38 0.96 -4.64 1.30
N THR A 39 1.39 -4.61 2.55
CA THR A 39 2.26 -5.65 3.08
C THR A 39 1.65 -6.30 4.31
N SER A 40 1.97 -7.57 4.53
CA SER A 40 1.45 -8.31 5.67
C SER A 40 2.51 -8.51 6.73
N LEU A 41 3.42 -7.55 6.84
CA LEU A 41 4.50 -7.62 7.81
C LEU A 41 4.07 -7.04 9.15
N GLN A 42 3.15 -6.09 9.11
CA GLN A 42 2.64 -5.45 10.31
C GLN A 42 1.99 -6.47 11.24
N LEU A 43 2.52 -6.58 12.46
CA LEU A 43 2.00 -7.52 13.44
C LEU A 43 0.52 -7.26 13.72
N GLY A 44 -0.18 -8.30 14.18
CA GLY A 44 -1.59 -8.16 14.47
C GLY A 44 -2.47 -8.72 13.37
N TYR A 45 -3.74 -8.96 13.69
CA TYR A 45 -4.68 -9.50 12.73
C TYR A 45 -5.15 -8.41 11.75
N ILE A 46 -5.53 -8.84 10.55
CA ILE A 46 -6.00 -7.90 9.53
C ILE A 46 -7.41 -8.24 9.08
N ASP A 47 -8.02 -7.35 8.30
CA ASP A 47 -9.36 -7.56 7.80
C ASP A 47 -9.52 -6.99 6.39
N LEU A 48 -10.40 -7.58 5.60
CA LEU A 48 -10.64 -7.13 4.23
C LEU A 48 -9.34 -7.09 3.44
N PRO A 49 -8.80 -8.28 3.13
CA PRO A 49 -7.55 -8.41 2.36
C PRO A 49 -7.71 -7.98 0.91
N PRO A 50 -6.58 -7.83 0.20
CA PRO A 50 -6.58 -7.42 -1.21
C PRO A 50 -7.12 -8.51 -2.12
N PRO A 51 -7.38 -8.14 -3.38
CA PRO A 51 -7.90 -9.08 -4.39
C PRO A 51 -6.86 -10.12 -4.81
N ARG A 52 -7.28 -11.38 -4.86
CA ARG A 52 -6.38 -12.46 -5.24
C ARG A 52 -6.79 -13.06 -6.58
N LEU A 53 -6.72 -12.25 -7.64
CA LEU A 53 -7.09 -12.71 -8.97
C LEU A 53 -5.85 -12.93 -9.84
N GLY A 54 -4.98 -13.84 -9.39
CA GLY A 54 -3.77 -14.13 -10.13
C GLY A 54 -4.04 -14.92 -11.38
N GLU A 55 -3.14 -14.81 -12.36
CA GLU A 55 -3.29 -15.53 -13.62
C GLU A 55 -2.30 -16.70 -13.71
N ASN A 56 -2.51 -17.56 -14.70
CA ASN A 56 -1.64 -18.72 -14.89
C ASN A 56 -0.31 -18.31 -15.51
N GLY A 57 -0.35 -17.28 -16.37
CA GLY A 57 0.86 -16.81 -17.01
C GLY A 57 1.96 -16.48 -16.01
N LEU A 58 3.20 -16.58 -16.46
CA LEU A 58 4.34 -16.29 -15.60
C LEU A 58 4.42 -17.28 -14.44
N PRO A 59 5.63 -17.49 -13.91
CA PRO A 59 5.87 -18.41 -12.80
C PRO A 59 5.28 -17.89 -11.49
N ILE A 60 5.34 -18.72 -10.45
CA ILE A 60 4.82 -18.34 -9.15
C ILE A 60 5.94 -18.02 -8.17
N SER A 61 6.17 -16.73 -7.94
CA SER A 61 7.22 -16.29 -7.02
C SER A 61 6.75 -16.37 -5.57
N GLY A 62 7.09 -17.46 -4.91
CA GLY A 62 6.70 -17.64 -3.51
C GLY A 62 7.77 -17.18 -2.54
N PRO A 63 8.84 -17.98 -2.41
CA PRO A 63 9.96 -17.67 -1.51
C PRO A 63 10.79 -16.48 -2.00
N SER A 64 10.72 -16.22 -3.30
CA SER A 64 11.46 -15.12 -3.89
C SER A 64 10.57 -13.89 -4.07
N SER A 65 10.30 -13.20 -2.97
CA SER A 65 9.46 -12.01 -3.00
C SER A 65 9.97 -11.01 -4.04
N GLY A 66 9.05 -10.45 -4.82
CA GLY A 66 9.42 -9.49 -5.84
C GLY A 66 8.55 -8.24 -5.80
#